data_8F14
# 
_entry.id   8F14 
# 
_audit_conform.dict_name       mmcif_pdbx.dic 
_audit_conform.dict_version    5.398 
_audit_conform.dict_location   http://mmcif.pdb.org/dictionaries/ascii/mmcif_pdbx.dic 
# 
loop_
_database_2.database_id 
_database_2.database_code 
_database_2.pdbx_database_accession 
_database_2.pdbx_DOI 
PDB   8F14         pdb_00008f14 10.2210/pdb8f14/pdb 
WWPDB D_1000269795 ?            ?                   
# 
loop_
_pdbx_audit_revision_history.ordinal 
_pdbx_audit_revision_history.data_content_type 
_pdbx_audit_revision_history.major_revision 
_pdbx_audit_revision_history.minor_revision 
_pdbx_audit_revision_history.revision_date 
1 'Structure model' 1 0 2023-02-15 
2 'Structure model' 1 1 2023-10-25 
3 'Structure model' 1 2 2023-11-15 
4 'Structure model' 1 3 2024-11-13 
# 
_pdbx_audit_revision_details.ordinal             1 
_pdbx_audit_revision_details.revision_ordinal    1 
_pdbx_audit_revision_details.data_content_type   'Structure model' 
_pdbx_audit_revision_details.provider            repository 
_pdbx_audit_revision_details.type                'Initial release' 
_pdbx_audit_revision_details.description         ? 
_pdbx_audit_revision_details.details             ? 
# 
loop_
_pdbx_audit_revision_group.ordinal 
_pdbx_audit_revision_group.revision_ordinal 
_pdbx_audit_revision_group.data_content_type 
_pdbx_audit_revision_group.group 
1 2 'Structure model' 'Data collection'        
2 2 'Structure model' 'Refinement description' 
3 3 'Structure model' 'Data collection'        
4 4 'Structure model' 'Structure summary'      
# 
loop_
_pdbx_audit_revision_category.ordinal 
_pdbx_audit_revision_category.revision_ordinal 
_pdbx_audit_revision_category.data_content_type 
_pdbx_audit_revision_category.category 
1 2 'Structure model' chem_comp_atom                
2 2 'Structure model' chem_comp_bond                
3 2 'Structure model' pdbx_initial_refinement_model 
4 3 'Structure model' chem_comp_atom                
5 3 'Structure model' chem_comp_bond                
6 4 'Structure model' pdbx_entry_details            
7 4 'Structure model' pdbx_modification_feature     
# 
loop_
_pdbx_audit_revision_item.ordinal 
_pdbx_audit_revision_item.revision_ordinal 
_pdbx_audit_revision_item.data_content_type 
_pdbx_audit_revision_item.item 
1 3 'Structure model' '_chem_comp_atom.atom_id'                      
2 3 'Structure model' '_chem_comp_bond.atom_id_2'                    
3 4 'Structure model' '_pdbx_entry_details.has_protein_modification' 
# 
_pdbx_database_status.status_code                     REL 
_pdbx_database_status.status_code_sf                  REL 
_pdbx_database_status.status_code_mr                  ? 
_pdbx_database_status.entry_id                        8F14 
_pdbx_database_status.recvd_initial_deposition_date   2022-11-04 
_pdbx_database_status.SG_entry                        N 
_pdbx_database_status.deposit_site                    RCSB 
_pdbx_database_status.process_site                    RCSB 
_pdbx_database_status.status_code_cs                  ? 
_pdbx_database_status.status_code_nmr_data            ? 
_pdbx_database_status.methods_development_category    ? 
_pdbx_database_status.pdb_format_compatible           Y 
# 
_pdbx_contact_author.id                 2 
_pdbx_contact_author.email              jmcgee@fogpharma.com 
_pdbx_contact_author.name_first         John 
_pdbx_contact_author.name_last          McGee 
_pdbx_contact_author.name_mi            H 
_pdbx_contact_author.role               'principal investigator/group leader' 
_pdbx_contact_author.identifier_ORCID   0000-0002-3440-5247 
# 
loop_
_audit_author.name 
_audit_author.pdbx_ordinal 
_audit_author.identifier_ORCID 
'Li, K.'           1 0000-0002-9139-4257 
'Callahan, A.J.'   2 0000-0002-8414-1382 
'Travaline, T.L.'  3 0000-0002-7218-8650 
'Tokareva, O.S.'   4 0000-0002-5413-1650 
'Swiecicki, J.-M.' 5 0000-0002-7139-8621 
'Verdine, G.L.'    6 0000-0002-2195-364X 
'Pentelute, B.L.'  7 0000-0002-7242-801X 
'McGee, J.H.'      8 0000-0002-3440-5247 
# 
_citation.abstract                  ? 
_citation.abstract_id_CAS           ? 
_citation.book_id_ISBN              ? 
_citation.book_publisher            ? 
_citation.book_publisher_city       ? 
_citation.book_title                ? 
_citation.coordinate_linkage        ? 
_citation.country                   US 
_citation.database_id_Medline       ? 
_citation.details                   ? 
_citation.id                        primary 
_citation.journal_abbrev            Chemrxiv 
_citation.journal_id_ASTM           ? 
_citation.journal_id_CSD            ? 
_citation.journal_id_ISSN           2573-2293 
_citation.journal_full              ? 
_citation.journal_issue             ? 
_citation.journal_volume            ? 
_citation.language                  ? 
_citation.page_first                ? 
_citation.page_last                 ? 
_citation.title                     'Single-Shot Flow Synthesis of D-Proteins for Mirror-Image Phage Display' 
_citation.year                      2023 
_citation.database_id_CSD           ? 
_citation.pdbx_database_id_DOI      10.26434/chemrxiv-2023-x86xp 
_citation.pdbx_database_id_PubMed   ? 
_citation.pdbx_database_id_patent   ? 
_citation.unpublished_flag          ? 
# 
loop_
_citation_author.citation_id 
_citation_author.name 
_citation_author.ordinal 
_citation_author.identifier_ORCID 
primary 'Callahan, A.J.'    1  0000-0002-8414-1382 
primary 'Gandhesiri, S.'    2  ?                   
primary 'Travaline, T.L.'   3  0000-0002-7218-8650 
primary 'Lozano Salazar, L' 4  ?                   
primary 'Hanna, S.'         5  ?                   
primary 'Lee, Y.-C.'        6  ?                   
primary 'Li, K.'            7  0000-0002-9139-4257 
primary 'Tokareva, O.S.'    8  0000-0002-5413-1650 
primary 'Swiecicki, J.-M.'  9  0000-0002-7139-8621 
primary 'Loas, A.'          10 ?                   
primary 'Verdine, G.L.'     11 0000-0002-2195-364X 
primary 'McGee, J.H.'       12 0000-0002-3440-5247 
primary 'Pentelute, B.L.'   13 0000-0002-7242-801X 
# 
loop_
_entity.id 
_entity.type 
_entity.src_method 
_entity.pdbx_description 
_entity.formula_weight 
_entity.pdbx_number_of_molecules 
_entity.pdbx_ec 
_entity.pdbx_mutation 
_entity.pdbx_fragment 
_entity.details 
1 polymer     man 'E3 ubiquitin-protein ligase CHIP' 15350.439 1   2.3.2.27 ? ? ? 
2 polymer     syn 'all-D Helicon Polypeptide H201'   1899.134  1   ?        ? ? ? 
3 non-polymer syn 'SULFATE ION'                      96.063    1   ?        ? ? ? 
4 non-polymer syn 1,2-ETHANEDIOL                     62.068    3   ?        ? ? ? 
5 non-polymer syn "N,N'-(1,4-phenylene)diacetamide"  192.214   1   ?        ? ? ? 
6 water       nat water                              18.015    134 ?        ? ? ? 
# 
_entity_name_com.entity_id   1 
_entity_name_com.name        
;Antigen NY-CO-7,CLL-associated antigen KW-8,Carboxy terminus of Hsp70-interacting protein,RING-type E3 ubiquitin transferase CHIP,STIP1 homology and U box-containing protein 1
;
# 
loop_
_entity_poly.entity_id 
_entity_poly.type 
_entity_poly.nstd_linkage 
_entity_poly.nstd_monomer 
_entity_poly.pdbx_seq_one_letter_code 
_entity_poly.pdbx_seq_one_letter_code_can 
_entity_poly.pdbx_strand_id 
_entity_poly.pdbx_target_identifier 
1 'polypeptide(L)' no no  
;GASPSAQELKEQGNRLFVGRKYPEAAACYGRAITRNPLVAVYYTNRALCYLKMQQHEQALADCRRALELDGQSVKAHFFL
GQCQLEMESYDEAIANLQRAYSLAKEQRLNFGDDIPSALRIAKKKRWNSIEERR
;
;GASPSAQELKEQGNRLFVGRKYPEAAACYGRAITRNPLVAVYYTNRALCYLKMQQHEQALADCRRALELDGQSVKAHFFL
GQCQLEMESYDEAIANLQRAYSLAKEQRLNFGDDIPSALRIAKKKRWNSIEERR
;
A ? 
2 'polypeptide(D)' no yes 
;(ACE)(DPR)(DTR)(DGL)(DAS)(DCY)(DAL)(DTR)(DPN)(DAL)(DTR)(DAL)(DCY)(DTY)(DSG)(DIL)
(NH2)
;
XPWEDCAWFAWACYNIX B ? 
# 
loop_
_pdbx_entity_nonpoly.entity_id 
_pdbx_entity_nonpoly.name 
_pdbx_entity_nonpoly.comp_id 
3 'SULFATE ION'                     SO4 
4 1,2-ETHANEDIOL                    EDO 
5 "N,N'-(1,4-phenylene)diacetamide" WHL 
6 water                             HOH 
# 
loop_
_entity_poly_seq.entity_id 
_entity_poly_seq.num 
_entity_poly_seq.mon_id 
_entity_poly_seq.hetero 
1 1   GLY n 
1 2   ALA n 
1 3   SER n 
1 4   PRO n 
1 5   SER n 
1 6   ALA n 
1 7   GLN n 
1 8   GLU n 
1 9   LEU n 
1 10  LYS n 
1 11  GLU n 
1 12  GLN n 
1 13  GLY n 
1 14  ASN n 
1 15  ARG n 
1 16  LEU n 
1 17  PHE n 
1 18  VAL n 
1 19  GLY n 
1 20  ARG n 
1 21  LYS n 
1 22  TYR n 
1 23  PRO n 
1 24  GLU n 
1 25  ALA n 
1 26  ALA n 
1 27  ALA n 
1 28  CYS n 
1 29  TYR n 
1 30  GLY n 
1 31  ARG n 
1 32  ALA n 
1 33  ILE n 
1 34  THR n 
1 35  ARG n 
1 36  ASN n 
1 37  PRO n 
1 38  LEU n 
1 39  VAL n 
1 40  ALA n 
1 41  VAL n 
1 42  TYR n 
1 43  TYR n 
1 44  THR n 
1 45  ASN n 
1 46  ARG n 
1 47  ALA n 
1 48  LEU n 
1 49  CYS n 
1 50  TYR n 
1 51  LEU n 
1 52  LYS n 
1 53  MET n 
1 54  GLN n 
1 55  GLN n 
1 56  HIS n 
1 57  GLU n 
1 58  GLN n 
1 59  ALA n 
1 60  LEU n 
1 61  ALA n 
1 62  ASP n 
1 63  CYS n 
1 64  ARG n 
1 65  ARG n 
1 66  ALA n 
1 67  LEU n 
1 68  GLU n 
1 69  LEU n 
1 70  ASP n 
1 71  GLY n 
1 72  GLN n 
1 73  SER n 
1 74  VAL n 
1 75  LYS n 
1 76  ALA n 
1 77  HIS n 
1 78  PHE n 
1 79  PHE n 
1 80  LEU n 
1 81  GLY n 
1 82  GLN n 
1 83  CYS n 
1 84  GLN n 
1 85  LEU n 
1 86  GLU n 
1 87  MET n 
1 88  GLU n 
1 89  SER n 
1 90  TYR n 
1 91  ASP n 
1 92  GLU n 
1 93  ALA n 
1 94  ILE n 
1 95  ALA n 
1 96  ASN n 
1 97  LEU n 
1 98  GLN n 
1 99  ARG n 
1 100 ALA n 
1 101 TYR n 
1 102 SER n 
1 103 LEU n 
1 104 ALA n 
1 105 LYS n 
1 106 GLU n 
1 107 GLN n 
1 108 ARG n 
1 109 LEU n 
1 110 ASN n 
1 111 PHE n 
1 112 GLY n 
1 113 ASP n 
1 114 ASP n 
1 115 ILE n 
1 116 PRO n 
1 117 SER n 
1 118 ALA n 
1 119 LEU n 
1 120 ARG n 
1 121 ILE n 
1 122 ALA n 
1 123 LYS n 
1 124 LYS n 
1 125 LYS n 
1 126 ARG n 
1 127 TRP n 
1 128 ASN n 
1 129 SER n 
1 130 ILE n 
1 131 GLU n 
1 132 GLU n 
1 133 ARG n 
1 134 ARG n 
2 1   ACE n 
2 2   DPR n 
2 3   DTR n 
2 4   DGL n 
2 5   DAS n 
2 6   DCY n 
2 7   DAL n 
2 8   DTR n 
2 9   DPN n 
2 10  DAL n 
2 11  DTR n 
2 12  DAL n 
2 13  DCY n 
2 14  DTY n 
2 15  DSG n 
2 16  DIL n 
2 17  NH2 n 
# 
_entity_src_gen.entity_id                          1 
_entity_src_gen.pdbx_src_id                        1 
_entity_src_gen.pdbx_alt_source_flag               sample 
_entity_src_gen.pdbx_seq_type                      'Biological sequence' 
_entity_src_gen.pdbx_beg_seq_num                   1 
_entity_src_gen.pdbx_end_seq_num                   134 
_entity_src_gen.gene_src_common_name               human 
_entity_src_gen.gene_src_genus                     ? 
_entity_src_gen.pdbx_gene_src_gene                 'STUB1, CHIP, PP1131' 
_entity_src_gen.gene_src_species                   ? 
_entity_src_gen.gene_src_strain                    ? 
_entity_src_gen.gene_src_tissue                    ? 
_entity_src_gen.gene_src_tissue_fraction           ? 
_entity_src_gen.gene_src_details                   ? 
_entity_src_gen.pdbx_gene_src_fragment             ? 
_entity_src_gen.pdbx_gene_src_scientific_name      'Homo sapiens' 
_entity_src_gen.pdbx_gene_src_ncbi_taxonomy_id     9606 
_entity_src_gen.pdbx_gene_src_variant              ? 
_entity_src_gen.pdbx_gene_src_cell_line            ? 
_entity_src_gen.pdbx_gene_src_atcc                 ? 
_entity_src_gen.pdbx_gene_src_organ                ? 
_entity_src_gen.pdbx_gene_src_organelle            ? 
_entity_src_gen.pdbx_gene_src_cell                 ? 
_entity_src_gen.pdbx_gene_src_cellular_location    ? 
_entity_src_gen.host_org_common_name               ? 
_entity_src_gen.pdbx_host_org_scientific_name      'Escherichia coli' 
_entity_src_gen.pdbx_host_org_ncbi_taxonomy_id     562 
_entity_src_gen.host_org_genus                     ? 
_entity_src_gen.pdbx_host_org_gene                 ? 
_entity_src_gen.pdbx_host_org_organ                ? 
_entity_src_gen.host_org_species                   ? 
_entity_src_gen.pdbx_host_org_tissue               ? 
_entity_src_gen.pdbx_host_org_tissue_fraction      ? 
_entity_src_gen.pdbx_host_org_strain               ? 
_entity_src_gen.pdbx_host_org_variant              ? 
_entity_src_gen.pdbx_host_org_cell_line            ? 
_entity_src_gen.pdbx_host_org_atcc                 ? 
_entity_src_gen.pdbx_host_org_culture_collection   ? 
_entity_src_gen.pdbx_host_org_cell                 ? 
_entity_src_gen.pdbx_host_org_organelle            ? 
_entity_src_gen.pdbx_host_org_cellular_location    ? 
_entity_src_gen.pdbx_host_org_vector_type          ? 
_entity_src_gen.pdbx_host_org_vector               ? 
_entity_src_gen.host_org_details                   ? 
_entity_src_gen.expression_system_id               ? 
_entity_src_gen.plasmid_name                       ? 
_entity_src_gen.plasmid_details                    ? 
_entity_src_gen.pdbx_description                   ? 
# 
_pdbx_entity_src_syn.entity_id              2 
_pdbx_entity_src_syn.pdbx_src_id            1 
_pdbx_entity_src_syn.pdbx_alt_source_flag   sample 
_pdbx_entity_src_syn.pdbx_beg_seq_num       1 
_pdbx_entity_src_syn.pdbx_end_seq_num       17 
_pdbx_entity_src_syn.organism_scientific    'synthetic construct' 
_pdbx_entity_src_syn.organism_common_name   ? 
_pdbx_entity_src_syn.ncbi_taxonomy_id       32630 
_pdbx_entity_src_syn.details                ? 
# 
loop_
_chem_comp.id 
_chem_comp.type 
_chem_comp.mon_nstd_flag 
_chem_comp.name 
_chem_comp.pdbx_synonyms 
_chem_comp.formula 
_chem_comp.formula_weight 
ACE non-polymer         . 'ACETYL GROUP'                    ?                 'C2 H4 O'        44.053  
ALA 'L-peptide linking' y ALANINE                           ?                 'C3 H7 N O2'     89.093  
ARG 'L-peptide linking' y ARGININE                          ?                 'C6 H15 N4 O2 1' 175.209 
ASN 'L-peptide linking' y ASPARAGINE                        ?                 'C4 H8 N2 O3'    132.118 
ASP 'L-peptide linking' y 'ASPARTIC ACID'                   ?                 'C4 H7 N O4'     133.103 
CYS 'L-peptide linking' y CYSTEINE                          ?                 'C3 H7 N O2 S'   121.158 
DAL 'D-peptide linking' . D-ALANINE                         ?                 'C3 H7 N O2'     89.093  
DAS 'D-peptide linking' . 'D-ASPARTIC ACID'                 ?                 'C4 H7 N O4'     133.103 
DCY 'D-peptide linking' . D-CYSTEINE                        ?                 'C3 H7 N O2 S'   121.158 
DGL 'D-peptide linking' . 'D-GLUTAMIC ACID'                 ?                 'C5 H9 N O4'     147.129 
DIL 'D-peptide linking' . D-ISOLEUCINE                      ?                 'C6 H13 N O2'    131.173 
DPN 'D-peptide linking' . D-PHENYLALANINE                   ?                 'C9 H11 N O2'    165.189 
DPR 'D-peptide linking' . D-PROLINE                         ?                 'C5 H9 N O2'     115.130 
DSG 'D-peptide linking' . D-ASPARAGINE                      ?                 'C4 H8 N2 O3'    132.118 
DTR 'D-peptide linking' . D-TRYPTOPHAN                      ?                 'C11 H12 N2 O2'  204.225 
DTY 'D-peptide linking' . D-TYROSINE                        ?                 'C9 H11 N O3'    181.189 
EDO non-polymer         . 1,2-ETHANEDIOL                    'ETHYLENE GLYCOL' 'C2 H6 O2'       62.068  
GLN 'L-peptide linking' y GLUTAMINE                         ?                 'C5 H10 N2 O3'   146.144 
GLU 'L-peptide linking' y 'GLUTAMIC ACID'                   ?                 'C5 H9 N O4'     147.129 
GLY 'peptide linking'   y GLYCINE                           ?                 'C2 H5 N O2'     75.067  
HIS 'L-peptide linking' y HISTIDINE                         ?                 'C6 H10 N3 O2 1' 156.162 
HOH non-polymer         . WATER                             ?                 'H2 O'           18.015  
ILE 'L-peptide linking' y ISOLEUCINE                        ?                 'C6 H13 N O2'    131.173 
LEU 'L-peptide linking' y LEUCINE                           ?                 'C6 H13 N O2'    131.173 
LYS 'L-peptide linking' y LYSINE                            ?                 'C6 H15 N2 O2 1' 147.195 
MET 'L-peptide linking' y METHIONINE                        ?                 'C5 H11 N O2 S'  149.211 
NH2 non-polymer         . 'AMINO GROUP'                     ?                 'H2 N'           16.023  
PHE 'L-peptide linking' y PHENYLALANINE                     ?                 'C9 H11 N O2'    165.189 
PRO 'L-peptide linking' y PROLINE                           ?                 'C5 H9 N O2'     115.130 
SER 'L-peptide linking' y SERINE                            ?                 'C3 H7 N O3'     105.093 
SO4 non-polymer         . 'SULFATE ION'                     ?                 'O4 S -2'        96.063  
THR 'L-peptide linking' y THREONINE                         ?                 'C4 H9 N O3'     119.119 
TRP 'L-peptide linking' y TRYPTOPHAN                        ?                 'C11 H12 N2 O2'  204.225 
TYR 'L-peptide linking' y TYROSINE                          ?                 'C9 H11 N O3'    181.189 
VAL 'L-peptide linking' y VALINE                            ?                 'C5 H11 N O2'    117.146 
WHL non-polymer         . "N,N'-(1,4-phenylene)diacetamide" ?                 'C10 H12 N2 O2'  192.214 
# 
loop_
_pdbx_poly_seq_scheme.asym_id 
_pdbx_poly_seq_scheme.entity_id 
_pdbx_poly_seq_scheme.seq_id 
_pdbx_poly_seq_scheme.mon_id 
_pdbx_poly_seq_scheme.ndb_seq_num 
_pdbx_poly_seq_scheme.pdb_seq_num 
_pdbx_poly_seq_scheme.auth_seq_num 
_pdbx_poly_seq_scheme.pdb_mon_id 
_pdbx_poly_seq_scheme.auth_mon_id 
_pdbx_poly_seq_scheme.pdb_strand_id 
_pdbx_poly_seq_scheme.pdb_ins_code 
_pdbx_poly_seq_scheme.hetero 
A 1 1   GLY 1   21  21  GLY GLY A . n 
A 1 2   ALA 2   22  22  ALA ALA A . n 
A 1 3   SER 3   23  23  SER SER A . n 
A 1 4   PRO 4   24  24  PRO PRO A . n 
A 1 5   SER 5   25  25  SER SER A . n 
A 1 6   ALA 6   26  26  ALA ALA A . n 
A 1 7   GLN 7   27  27  GLN GLN A . n 
A 1 8   GLU 8   28  28  GLU GLU A . n 
A 1 9   LEU 9   29  29  LEU LEU A . n 
A 1 10  LYS 10  30  30  LYS LYS A . n 
A 1 11  GLU 11  31  31  GLU GLU A . n 
A 1 12  GLN 12  32  32  GLN GLN A . n 
A 1 13  GLY 13  33  33  GLY GLY A . n 
A 1 14  ASN 14  34  34  ASN ASN A . n 
A 1 15  ARG 15  35  35  ARG ARG A . n 
A 1 16  LEU 16  36  36  LEU LEU A . n 
A 1 17  PHE 17  37  37  PHE PHE A . n 
A 1 18  VAL 18  38  38  VAL VAL A . n 
A 1 19  GLY 19  39  39  GLY GLY A . n 
A 1 20  ARG 20  40  40  ARG ARG A . n 
A 1 21  LYS 21  41  41  LYS LYS A . n 
A 1 22  TYR 22  42  42  TYR TYR A . n 
A 1 23  PRO 23  43  43  PRO PRO A . n 
A 1 24  GLU 24  44  44  GLU GLU A . n 
A 1 25  ALA 25  45  45  ALA ALA A . n 
A 1 26  ALA 26  46  46  ALA ALA A . n 
A 1 27  ALA 27  47  47  ALA ALA A . n 
A 1 28  CYS 28  48  48  CYS CYS A . n 
A 1 29  TYR 29  49  49  TYR TYR A . n 
A 1 30  GLY 30  50  50  GLY GLY A . n 
A 1 31  ARG 31  51  51  ARG ARG A . n 
A 1 32  ALA 32  52  52  ALA ALA A . n 
A 1 33  ILE 33  53  53  ILE ILE A . n 
A 1 34  THR 34  54  54  THR THR A . n 
A 1 35  ARG 35  55  55  ARG ARG A . n 
A 1 36  ASN 36  56  56  ASN ASN A . n 
A 1 37  PRO 37  57  57  PRO PRO A . n 
A 1 38  LEU 38  58  58  LEU LEU A . n 
A 1 39  VAL 39  59  59  VAL VAL A . n 
A 1 40  ALA 40  60  60  ALA ALA A . n 
A 1 41  VAL 41  61  61  VAL VAL A . n 
A 1 42  TYR 42  62  62  TYR TYR A . n 
A 1 43  TYR 43  63  63  TYR TYR A . n 
A 1 44  THR 44  64  64  THR THR A . n 
A 1 45  ASN 45  65  65  ASN ASN A . n 
A 1 46  ARG 46  66  66  ARG ARG A . n 
A 1 47  ALA 47  67  67  ALA ALA A . n 
A 1 48  LEU 48  68  68  LEU LEU A . n 
A 1 49  CYS 49  69  69  CYS CYS A . n 
A 1 50  TYR 50  70  70  TYR TYR A . n 
A 1 51  LEU 51  71  71  LEU LEU A . n 
A 1 52  LYS 52  72  72  LYS LYS A . n 
A 1 53  MET 53  73  73  MET MET A . n 
A 1 54  GLN 54  74  74  GLN GLN A . n 
A 1 55  GLN 55  75  75  GLN GLN A . n 
A 1 56  HIS 56  76  76  HIS HIS A . n 
A 1 57  GLU 57  77  77  GLU GLU A . n 
A 1 58  GLN 58  78  78  GLN GLN A . n 
A 1 59  ALA 59  79  79  ALA ALA A . n 
A 1 60  LEU 60  80  80  LEU LEU A . n 
A 1 61  ALA 61  81  81  ALA ALA A . n 
A 1 62  ASP 62  82  82  ASP ASP A . n 
A 1 63  CYS 63  83  83  CYS CYS A . n 
A 1 64  ARG 64  84  84  ARG ARG A . n 
A 1 65  ARG 65  85  85  ARG ARG A . n 
A 1 66  ALA 66  86  86  ALA ALA A . n 
A 1 67  LEU 67  87  87  LEU LEU A . n 
A 1 68  GLU 68  88  88  GLU GLU A . n 
A 1 69  LEU 69  89  89  LEU LEU A . n 
A 1 70  ASP 70  90  90  ASP ASP A . n 
A 1 71  GLY 71  91  91  GLY GLY A . n 
A 1 72  GLN 72  92  92  GLN GLN A . n 
A 1 73  SER 73  93  93  SER SER A . n 
A 1 74  VAL 74  94  94  VAL VAL A . n 
A 1 75  LYS 75  95  95  LYS LYS A . n 
A 1 76  ALA 76  96  96  ALA ALA A . n 
A 1 77  HIS 77  97  97  HIS HIS A . n 
A 1 78  PHE 78  98  98  PHE PHE A . n 
A 1 79  PHE 79  99  99  PHE PHE A . n 
A 1 80  LEU 80  100 100 LEU LEU A . n 
A 1 81  GLY 81  101 101 GLY GLY A . n 
A 1 82  GLN 82  102 102 GLN GLN A . n 
A 1 83  CYS 83  103 103 CYS CYS A . n 
A 1 84  GLN 84  104 104 GLN GLN A . n 
A 1 85  LEU 85  105 105 LEU LEU A . n 
A 1 86  GLU 86  106 106 GLU GLU A . n 
A 1 87  MET 87  107 107 MET MET A . n 
A 1 88  GLU 88  108 108 GLU GLU A . n 
A 1 89  SER 89  109 109 SER SER A . n 
A 1 90  TYR 90  110 110 TYR TYR A . n 
A 1 91  ASP 91  111 111 ASP ASP A . n 
A 1 92  GLU 92  112 112 GLU GLU A . n 
A 1 93  ALA 93  113 113 ALA ALA A . n 
A 1 94  ILE 94  114 114 ILE ILE A . n 
A 1 95  ALA 95  115 115 ALA ALA A . n 
A 1 96  ASN 96  116 116 ASN ASN A . n 
A 1 97  LEU 97  117 117 LEU LEU A . n 
A 1 98  GLN 98  118 118 GLN GLN A . n 
A 1 99  ARG 99  119 119 ARG ARG A . n 
A 1 100 ALA 100 120 120 ALA ALA A . n 
A 1 101 TYR 101 121 121 TYR TYR A . n 
A 1 102 SER 102 122 122 SER SER A . n 
A 1 103 LEU 103 123 123 LEU LEU A . n 
A 1 104 ALA 104 124 124 ALA ALA A . n 
A 1 105 LYS 105 125 125 LYS LYS A . n 
A 1 106 GLU 106 126 126 GLU GLU A . n 
A 1 107 GLN 107 127 127 GLN GLN A . n 
A 1 108 ARG 108 128 128 ARG ARG A . n 
A 1 109 LEU 109 129 129 LEU LEU A . n 
A 1 110 ASN 110 130 130 ASN ASN A . n 
A 1 111 PHE 111 131 131 PHE PHE A . n 
A 1 112 GLY 112 132 132 GLY GLY A . n 
A 1 113 ASP 113 133 133 ASP ASP A . n 
A 1 114 ASP 114 134 134 ASP ASP A . n 
A 1 115 ILE 115 135 135 ILE ILE A . n 
A 1 116 PRO 116 136 136 PRO PRO A . n 
A 1 117 SER 117 137 137 SER SER A . n 
A 1 118 ALA 118 138 138 ALA ALA A . n 
A 1 119 LEU 119 139 139 LEU LEU A . n 
A 1 120 ARG 120 140 140 ARG ARG A . n 
A 1 121 ILE 121 141 141 ILE ILE A . n 
A 1 122 ALA 122 142 142 ALA ALA A . n 
A 1 123 LYS 123 143 143 LYS LYS A . n 
A 1 124 LYS 124 144 144 LYS LYS A . n 
A 1 125 LYS 125 145 145 LYS LYS A . n 
A 1 126 ARG 126 146 146 ARG ARG A . n 
A 1 127 TRP 127 147 147 TRP TRP A . n 
A 1 128 ASN 128 148 148 ASN ASN A . n 
A 1 129 SER 129 149 149 SER SER A . n 
A 1 130 ILE 130 150 150 ILE ILE A . n 
A 1 131 GLU 131 151 151 GLU GLU A . n 
A 1 132 GLU 132 152 152 GLU GLU A . n 
A 1 133 ARG 133 153 ?   ?   ?   A . n 
A 1 134 ARG 134 154 ?   ?   ?   A . n 
B 2 1   ACE 1   1   ?   ?   ?   B . n 
B 2 2   DPR 2   2   2   DPR DPR B . n 
B 2 3   DTR 3   3   3   DTR DTR B . n 
B 2 4   DGL 4   4   4   DGL DGL B . n 
B 2 5   DAS 5   5   5   DAS DAS B . n 
B 2 6   DCY 6   6   6   DCY DCY B . n 
B 2 7   DAL 7   7   7   DAL DAL B . n 
B 2 8   DTR 8   8   8   DTR DTR B . n 
B 2 9   DPN 9   9   9   DPN DPN B . n 
B 2 10  DAL 10  10  10  DAL DAL B . n 
B 2 11  DTR 11  11  11  DTR DTR B . n 
B 2 12  DAL 12  12  12  DAL DAL B . n 
B 2 13  DCY 13  13  13  DCY DCY B . n 
B 2 14  DTY 14  14  14  DTY DTY B . n 
B 2 15  DSG 15  15  15  DSG DSG B . n 
B 2 16  DIL 16  16  16  DIL DIL B . n 
B 2 17  NH2 17  17  17  NH2 NH2 B . n 
# 
loop_
_pdbx_nonpoly_scheme.asym_id 
_pdbx_nonpoly_scheme.entity_id 
_pdbx_nonpoly_scheme.mon_id 
_pdbx_nonpoly_scheme.ndb_seq_num 
_pdbx_nonpoly_scheme.pdb_seq_num 
_pdbx_nonpoly_scheme.auth_seq_num 
_pdbx_nonpoly_scheme.pdb_mon_id 
_pdbx_nonpoly_scheme.auth_mon_id 
_pdbx_nonpoly_scheme.pdb_strand_id 
_pdbx_nonpoly_scheme.pdb_ins_code 
C 3 SO4 1   201 1   SO4 SO4 A . 
D 4 EDO 1   202 2   EDO EDO A . 
E 4 EDO 1   203 7   EDO EDO A . 
F 4 EDO 1   204 8   EDO EDO A . 
G 5 WHL 1   101 101 WHL WHL B . 
H 6 HOH 1   301 101 HOH HOH A . 
H 6 HOH 2   302 85  HOH HOH A . 
H 6 HOH 3   303 13  HOH HOH A . 
H 6 HOH 4   304 48  HOH HOH A . 
H 6 HOH 5   305 133 HOH HOH A . 
H 6 HOH 6   306 82  HOH HOH A . 
H 6 HOH 7   307 15  HOH HOH A . 
H 6 HOH 8   308 69  HOH HOH A . 
H 6 HOH 9   309 94  HOH HOH A . 
H 6 HOH 10  310 26  HOH HOH A . 
H 6 HOH 11  311 76  HOH HOH A . 
H 6 HOH 12  312 75  HOH HOH A . 
H 6 HOH 13  313 81  HOH HOH A . 
H 6 HOH 14  314 60  HOH HOH A . 
H 6 HOH 15  315 20  HOH HOH A . 
H 6 HOH 16  316 39  HOH HOH A . 
H 6 HOH 17  317 38  HOH HOH A . 
H 6 HOH 18  318 141 HOH HOH A . 
H 6 HOH 19  319 128 HOH HOH A . 
H 6 HOH 20  320 50  HOH HOH A . 
H 6 HOH 21  321 31  HOH HOH A . 
H 6 HOH 22  322 25  HOH HOH A . 
H 6 HOH 23  323 124 HOH HOH A . 
H 6 HOH 24  324 119 HOH HOH A . 
H 6 HOH 25  325 16  HOH HOH A . 
H 6 HOH 26  326 35  HOH HOH A . 
H 6 HOH 27  327 109 HOH HOH A . 
H 6 HOH 28  328 52  HOH HOH A . 
H 6 HOH 29  329 27  HOH HOH A . 
H 6 HOH 30  330 53  HOH HOH A . 
H 6 HOH 31  331 66  HOH HOH A . 
H 6 HOH 32  332 143 HOH HOH A . 
H 6 HOH 33  333 23  HOH HOH A . 
H 6 HOH 34  334 47  HOH HOH A . 
H 6 HOH 35  335 40  HOH HOH A . 
H 6 HOH 36  336 99  HOH HOH A . 
H 6 HOH 37  337 36  HOH HOH A . 
H 6 HOH 38  338 56  HOH HOH A . 
H 6 HOH 39  339 18  HOH HOH A . 
H 6 HOH 40  340 8   HOH HOH A . 
H 6 HOH 41  341 67  HOH HOH A . 
H 6 HOH 42  342 70  HOH HOH A . 
H 6 HOH 43  343 64  HOH HOH A . 
H 6 HOH 44  344 147 HOH HOH A . 
H 6 HOH 45  345 4   HOH HOH A . 
H 6 HOH 46  346 5   HOH HOH A . 
H 6 HOH 47  347 63  HOH HOH A . 
H 6 HOH 48  348 71  HOH HOH A . 
H 6 HOH 49  349 68  HOH HOH A . 
H 6 HOH 50  350 88  HOH HOH A . 
H 6 HOH 51  351 59  HOH HOH A . 
H 6 HOH 52  352 49  HOH HOH A . 
H 6 HOH 53  353 41  HOH HOH A . 
H 6 HOH 54  354 149 HOH HOH A . 
H 6 HOH 55  355 3   HOH HOH A . 
H 6 HOH 56  356 148 HOH HOH A . 
H 6 HOH 57  357 29  HOH HOH A . 
H 6 HOH 58  358 123 HOH HOH A . 
H 6 HOH 59  359 10  HOH HOH A . 
H 6 HOH 60  360 61  HOH HOH A . 
H 6 HOH 61  361 96  HOH HOH A . 
H 6 HOH 62  362 1   HOH HOH A . 
H 6 HOH 63  363 54  HOH HOH A . 
H 6 HOH 64  364 151 HOH HOH A . 
H 6 HOH 65  365 30  HOH HOH A . 
H 6 HOH 66  366 11  HOH HOH A . 
H 6 HOH 67  367 121 HOH HOH A . 
H 6 HOH 68  368 46  HOH HOH A . 
H 6 HOH 69  369 9   HOH HOH A . 
H 6 HOH 70  370 19  HOH HOH A . 
H 6 HOH 71  371 146 HOH HOH A . 
H 6 HOH 72  372 45  HOH HOH A . 
H 6 HOH 73  373 135 HOH HOH A . 
H 6 HOH 74  374 34  HOH HOH A . 
H 6 HOH 75  375 37  HOH HOH A . 
H 6 HOH 76  376 57  HOH HOH A . 
H 6 HOH 77  377 55  HOH HOH A . 
H 6 HOH 78  378 98  HOH HOH A . 
H 6 HOH 79  379 6   HOH HOH A . 
H 6 HOH 80  380 2   HOH HOH A . 
H 6 HOH 81  381 22  HOH HOH A . 
H 6 HOH 82  382 17  HOH HOH A . 
H 6 HOH 83  383 132 HOH HOH A . 
H 6 HOH 84  384 78  HOH HOH A . 
H 6 HOH 85  385 79  HOH HOH A . 
H 6 HOH 86  386 104 HOH HOH A . 
H 6 HOH 87  387 28  HOH HOH A . 
H 6 HOH 88  388 95  HOH HOH A . 
H 6 HOH 89  389 137 HOH HOH A . 
H 6 HOH 90  390 111 HOH HOH A . 
H 6 HOH 91  391 107 HOH HOH A . 
H 6 HOH 92  392 84  HOH HOH A . 
H 6 HOH 93  393 129 HOH HOH A . 
H 6 HOH 94  394 144 HOH HOH A . 
H 6 HOH 95  395 7   HOH HOH A . 
H 6 HOH 96  396 73  HOH HOH A . 
H 6 HOH 97  397 87  HOH HOH A . 
H 6 HOH 98  398 100 HOH HOH A . 
H 6 HOH 99  399 65  HOH HOH A . 
H 6 HOH 100 400 86  HOH HOH A . 
H 6 HOH 101 401 62  HOH HOH A . 
H 6 HOH 102 402 120 HOH HOH A . 
H 6 HOH 103 403 93  HOH HOH A . 
H 6 HOH 104 404 32  HOH HOH A . 
H 6 HOH 105 405 108 HOH HOH A . 
H 6 HOH 106 406 139 HOH HOH A . 
H 6 HOH 107 407 103 HOH HOH A . 
H 6 HOH 108 408 102 HOH HOH A . 
H 6 HOH 109 409 150 HOH HOH A . 
H 6 HOH 110 410 90  HOH HOH A . 
H 6 HOH 111 411 134 HOH HOH A . 
H 6 HOH 112 412 130 HOH HOH A . 
H 6 HOH 113 413 77  HOH HOH A . 
H 6 HOH 114 414 58  HOH HOH A . 
H 6 HOH 115 415 131 HOH HOH A . 
H 6 HOH 116 416 91  HOH HOH A . 
H 6 HOH 117 417 92  HOH HOH A . 
H 6 HOH 118 418 115 HOH HOH A . 
H 6 HOH 119 419 125 HOH HOH A . 
H 6 HOH 120 420 74  HOH HOH A . 
H 6 HOH 121 421 83  HOH HOH A . 
I 6 HOH 1   201 72  HOH HOH B . 
I 6 HOH 2   202 43  HOH HOH B . 
I 6 HOH 3   203 110 HOH HOH B . 
I 6 HOH 4   204 136 HOH HOH B . 
I 6 HOH 5   205 44  HOH HOH B . 
I 6 HOH 6   206 138 HOH HOH B . 
I 6 HOH 7   207 12  HOH HOH B . 
I 6 HOH 8   208 80  HOH HOH B . 
I 6 HOH 9   209 97  HOH HOH B . 
I 6 HOH 10  210 21  HOH HOH B . 
I 6 HOH 11  211 140 HOH HOH B . 
I 6 HOH 12  212 33  HOH HOH B . 
I 6 HOH 13  213 127 HOH HOH B . 
# 
loop_
_software.citation_id 
_software.classification 
_software.compiler_name 
_software.compiler_version 
_software.contact_author 
_software.contact_author_email 
_software.date 
_software.description 
_software.dependencies 
_software.hardware 
_software.language 
_software.location 
_software.mods 
_software.name 
_software.os 
_software.os_version 
_software.type 
_software.version 
_software.pdbx_ordinal 
? refinement        ? ? ? ? ? ? ? ? ? ? ? PHENIX      ? ? ? 1.18.2_3874 1 
? 'data extraction' ? ? ? ? ? ? ? ? ? ? ? PDB_EXTRACT ? ? ? 3.27        2 
? 'data reduction'  ? ? ? ? ? ? ? ? ? ? ? XDS         ? ? ? .           3 
? 'data scaling'    ? ? ? ? ? ? ? ? ? ? ? Aimless     ? ? ? .           4 
? phasing           ? ? ? ? ? ? ? ? ? ? ? PHASER      ? ? ? .           5 
# 
_cell.angle_alpha                  90.000 
_cell.angle_alpha_esd              ? 
_cell.angle_beta                   90.000 
_cell.angle_beta_esd               ? 
_cell.angle_gamma                  90.000 
_cell.angle_gamma_esd              ? 
_cell.entry_id                     8F14 
_cell.details                      ? 
_cell.formula_units_Z              ? 
_cell.length_a                     46.158 
_cell.length_a_esd                 ? 
_cell.length_b                     90.115 
_cell.length_b_esd                 ? 
_cell.length_c                     92.333 
_cell.length_c_esd                 ? 
_cell.volume                       ? 
_cell.volume_esd                   ? 
_cell.Z_PDB                        8 
_cell.reciprocal_angle_alpha       ? 
_cell.reciprocal_angle_beta        ? 
_cell.reciprocal_angle_gamma       ? 
_cell.reciprocal_angle_alpha_esd   ? 
_cell.reciprocal_angle_beta_esd    ? 
_cell.reciprocal_angle_gamma_esd   ? 
_cell.reciprocal_length_a          ? 
_cell.reciprocal_length_b          ? 
_cell.reciprocal_length_c          ? 
_cell.reciprocal_length_a_esd      ? 
_cell.reciprocal_length_b_esd      ? 
_cell.reciprocal_length_c_esd      ? 
_cell.pdbx_unique_axis             ? 
_cell.pdbx_esd_method              ? 
# 
_symmetry.entry_id                         8F14 
_symmetry.cell_setting                     ? 
_symmetry.Int_Tables_number                20 
_symmetry.space_group_name_Hall            ? 
_symmetry.space_group_name_H-M             'C 2 2 21' 
_symmetry.pdbx_full_space_group_name_H-M   ? 
# 
_exptl.absorpt_coefficient_mu     ? 
_exptl.absorpt_correction_T_max   ? 
_exptl.absorpt_correction_T_min   ? 
_exptl.absorpt_correction_type    ? 
_exptl.absorpt_process_details    ? 
_exptl.entry_id                   8F14 
_exptl.crystals_number            1 
_exptl.details                    ? 
_exptl.method                     'X-RAY DIFFRACTION' 
_exptl.method_details             ? 
# 
_exptl_crystal.colour                       ? 
_exptl_crystal.density_diffrn               ? 
_exptl_crystal.density_Matthews             2.78 
_exptl_crystal.density_method               ? 
_exptl_crystal.density_percent_sol          55.81 
_exptl_crystal.description                  ? 
_exptl_crystal.F_000                        ? 
_exptl_crystal.id                           1 
_exptl_crystal.preparation                  ? 
_exptl_crystal.size_max                     ? 
_exptl_crystal.size_mid                     ? 
_exptl_crystal.size_min                     ? 
_exptl_crystal.size_rad                     ? 
_exptl_crystal.colour_lustre                ? 
_exptl_crystal.colour_modifier              ? 
_exptl_crystal.colour_primary               ? 
_exptl_crystal.density_meas                 ? 
_exptl_crystal.density_meas_esd             ? 
_exptl_crystal.density_meas_gt              ? 
_exptl_crystal.density_meas_lt              ? 
_exptl_crystal.density_meas_temp            ? 
_exptl_crystal.density_meas_temp_esd        ? 
_exptl_crystal.density_meas_temp_gt         ? 
_exptl_crystal.density_meas_temp_lt         ? 
_exptl_crystal.pdbx_crystal_image_url       ? 
_exptl_crystal.pdbx_crystal_image_format    ? 
_exptl_crystal.pdbx_mosaicity               ? 
_exptl_crystal.pdbx_mosaicity_esd           ? 
_exptl_crystal.pdbx_mosaic_method           ? 
_exptl_crystal.pdbx_mosaic_block_size       ? 
_exptl_crystal.pdbx_mosaic_block_size_esd   ? 
# 
_exptl_crystal_grow.apparatus       ? 
_exptl_crystal_grow.atmosphere      ? 
_exptl_crystal_grow.crystal_id      1 
_exptl_crystal_grow.details         ? 
_exptl_crystal_grow.method          'VAPOR DIFFUSION, SITTING DROP' 
_exptl_crystal_grow.method_ref      ? 
_exptl_crystal_grow.pH              ? 
_exptl_crystal_grow.pressure        ? 
_exptl_crystal_grow.pressure_esd    ? 
_exptl_crystal_grow.seeding         ? 
_exptl_crystal_grow.seeding_ref     ? 
_exptl_crystal_grow.temp            291 
_exptl_crystal_grow.temp_details    ? 
_exptl_crystal_grow.temp_esd        ? 
_exptl_crystal_grow.time            ? 
_exptl_crystal_grow.pdbx_details    '0.2 M Lithium Sulfate, 0.1 M Bis-Tris pH 6.5, 25% w/v PEG 3350' 
_exptl_crystal_grow.pdbx_pH_range   ? 
# 
_diffrn.ambient_environment              ? 
_diffrn.ambient_temp                     100 
_diffrn.ambient_temp_details             ? 
_diffrn.ambient_temp_esd                 ? 
_diffrn.crystal_id                       1 
_diffrn.crystal_support                  ? 
_diffrn.crystal_treatment                ? 
_diffrn.details                          ? 
_diffrn.id                               1 
_diffrn.ambient_pressure                 ? 
_diffrn.ambient_pressure_esd             ? 
_diffrn.ambient_pressure_gt              ? 
_diffrn.ambient_pressure_lt              ? 
_diffrn.ambient_temp_gt                  ? 
_diffrn.ambient_temp_lt                  ? 
_diffrn.pdbx_serial_crystal_experiment   N 
# 
_diffrn_detector.details                      ? 
_diffrn_detector.detector                     PIXEL 
_diffrn_detector.diffrn_id                    1 
_diffrn_detector.type                         'DECTRIS EIGER2 X 16M' 
_diffrn_detector.area_resol_mean              ? 
_diffrn_detector.dtime                        ? 
_diffrn_detector.pdbx_frames_total            ? 
_diffrn_detector.pdbx_collection_time_total   ? 
_diffrn_detector.pdbx_collection_date         2021-12-11 
_diffrn_detector.pdbx_frequency               ? 
# 
_diffrn_radiation.collimation                      ? 
_diffrn_radiation.diffrn_id                        1 
_diffrn_radiation.filter_edge                      ? 
_diffrn_radiation.inhomogeneity                    ? 
_diffrn_radiation.monochromator                    ? 
_diffrn_radiation.polarisn_norm                    ? 
_diffrn_radiation.polarisn_ratio                   ? 
_diffrn_radiation.probe                            ? 
_diffrn_radiation.type                             ? 
_diffrn_radiation.xray_symbol                      ? 
_diffrn_radiation.wavelength_id                    1 
_diffrn_radiation.pdbx_monochromatic_or_laue_m_l   M 
_diffrn_radiation.pdbx_wavelength_list             ? 
_diffrn_radiation.pdbx_wavelength                  ? 
_diffrn_radiation.pdbx_diffrn_protocol             'SINGLE WAVELENGTH' 
_diffrn_radiation.pdbx_analyzer                    ? 
_diffrn_radiation.pdbx_scattering_type             x-ray 
# 
_diffrn_radiation_wavelength.id           1 
_diffrn_radiation_wavelength.wavelength   0.89685 
_diffrn_radiation_wavelength.wt           1.0 
# 
_diffrn_source.current                     ? 
_diffrn_source.details                     ? 
_diffrn_source.diffrn_id                   1 
_diffrn_source.power                       ? 
_diffrn_source.size                        ? 
_diffrn_source.source                      SYNCHROTRON 
_diffrn_source.target                      ? 
_diffrn_source.type                        'DIAMOND BEAMLINE I03' 
_diffrn_source.voltage                     ? 
_diffrn_source.take-off_angle              ? 
_diffrn_source.pdbx_wavelength_list        0.89685 
_diffrn_source.pdbx_wavelength             ? 
_diffrn_source.pdbx_synchrotron_beamline   I03 
_diffrn_source.pdbx_synchrotron_site       Diamond 
# 
_reflns.B_iso_Wilson_estimate                          ? 
_reflns.entry_id                                       8F14 
_reflns.data_reduction_details                         ? 
_reflns.data_reduction_method                          ? 
_reflns.d_resolution_high                              1.69 
_reflns.d_resolution_low                               92.33 
_reflns.details                                        ? 
_reflns.limit_h_max                                    ? 
_reflns.limit_h_min                                    ? 
_reflns.limit_k_max                                    ? 
_reflns.limit_k_min                                    ? 
_reflns.limit_l_max                                    ? 
_reflns.limit_l_min                                    ? 
_reflns.number_all                                     ? 
_reflns.number_obs                                     21997 
_reflns.observed_criterion                             ? 
_reflns.observed_criterion_F_max                       ? 
_reflns.observed_criterion_F_min                       ? 
_reflns.observed_criterion_I_max                       ? 
_reflns.observed_criterion_I_min                       ? 
_reflns.observed_criterion_sigma_F                     ? 
_reflns.observed_criterion_sigma_I                     ? 
_reflns.percent_possible_obs                           100 
_reflns.R_free_details                                 ? 
_reflns.Rmerge_F_all                                   ? 
_reflns.Rmerge_F_obs                                   ? 
_reflns.Friedel_coverage                               ? 
_reflns.number_gt                                      ? 
_reflns.threshold_expression                           ? 
_reflns.pdbx_redundancy                                13.5 
_reflns.pdbx_Rmerge_I_obs                              0.069 
_reflns.pdbx_Rmerge_I_all                              ? 
_reflns.pdbx_Rsym_value                                ? 
_reflns.pdbx_netI_over_av_sigmaI                       ? 
_reflns.pdbx_netI_over_sigmaI                          20.2 
_reflns.pdbx_res_netI_over_av_sigmaI_2                 ? 
_reflns.pdbx_res_netI_over_sigmaI_2                    ? 
_reflns.pdbx_chi_squared                               ? 
_reflns.pdbx_scaling_rejects                           ? 
_reflns.pdbx_d_res_high_opt                            ? 
_reflns.pdbx_d_res_low_opt                             ? 
_reflns.pdbx_d_res_opt_method                          ? 
_reflns.phase_calculation_details                      ? 
_reflns.pdbx_Rrim_I_all                                ? 
_reflns.pdbx_Rpim_I_all                                ? 
_reflns.pdbx_d_opt                                     ? 
_reflns.pdbx_number_measured_all                       ? 
_reflns.pdbx_diffrn_id                                 1 
_reflns.pdbx_ordinal                                   1 
_reflns.pdbx_CC_half                                   ? 
_reflns.pdbx_CC_star                                   ? 
_reflns.pdbx_R_split                                   ? 
_reflns.pdbx_aniso_diffraction_limit_axis_1_ortho[1]   ? 
_reflns.pdbx_aniso_diffraction_limit_axis_1_ortho[2]   ? 
_reflns.pdbx_aniso_diffraction_limit_axis_1_ortho[3]   ? 
_reflns.pdbx_aniso_diffraction_limit_axis_2_ortho[1]   ? 
_reflns.pdbx_aniso_diffraction_limit_axis_2_ortho[2]   ? 
_reflns.pdbx_aniso_diffraction_limit_axis_2_ortho[3]   ? 
_reflns.pdbx_aniso_diffraction_limit_axis_3_ortho[1]   ? 
_reflns.pdbx_aniso_diffraction_limit_axis_3_ortho[2]   ? 
_reflns.pdbx_aniso_diffraction_limit_axis_3_ortho[3]   ? 
_reflns.pdbx_aniso_diffraction_limit_1                 ? 
_reflns.pdbx_aniso_diffraction_limit_2                 ? 
_reflns.pdbx_aniso_diffraction_limit_3                 ? 
_reflns.pdbx_aniso_B_tensor_eigenvector_1_ortho[1]     ? 
_reflns.pdbx_aniso_B_tensor_eigenvector_1_ortho[2]     ? 
_reflns.pdbx_aniso_B_tensor_eigenvector_1_ortho[3]     ? 
_reflns.pdbx_aniso_B_tensor_eigenvector_2_ortho[1]     ? 
_reflns.pdbx_aniso_B_tensor_eigenvector_2_ortho[2]     ? 
_reflns.pdbx_aniso_B_tensor_eigenvector_2_ortho[3]     ? 
_reflns.pdbx_aniso_B_tensor_eigenvector_3_ortho[1]     ? 
_reflns.pdbx_aniso_B_tensor_eigenvector_3_ortho[2]     ? 
_reflns.pdbx_aniso_B_tensor_eigenvector_3_ortho[3]     ? 
_reflns.pdbx_aniso_B_tensor_eigenvalue_1               ? 
_reflns.pdbx_aniso_B_tensor_eigenvalue_2               ? 
_reflns.pdbx_aniso_B_tensor_eigenvalue_3               ? 
_reflns.pdbx_orthogonalization_convention              ? 
_reflns.pdbx_percent_possible_ellipsoidal              ? 
_reflns.pdbx_percent_possible_spherical                ? 
_reflns.pdbx_percent_possible_ellipsoidal_anomalous    ? 
_reflns.pdbx_percent_possible_spherical_anomalous      ? 
_reflns.pdbx_redundancy_anomalous                      ? 
_reflns.pdbx_CC_half_anomalous                         ? 
_reflns.pdbx_absDiff_over_sigma_anomalous              ? 
_reflns.pdbx_percent_possible_anomalous                ? 
_reflns.pdbx_observed_signal_threshold                 ? 
_reflns.pdbx_signal_type                               ? 
_reflns.pdbx_signal_details                            ? 
_reflns.pdbx_signal_software_id                        ? 
_reflns.pdbx_CC_split_method                           ? 
# 
_reflns_shell.d_res_high                                    1.69 
_reflns_shell.d_res_low                                     1.72 
_reflns_shell.meanI_over_sigI_all                           ? 
_reflns_shell.meanI_over_sigI_obs                           2.2 
_reflns_shell.number_measured_all                           ? 
_reflns_shell.number_measured_obs                           ? 
_reflns_shell.number_possible                               ? 
_reflns_shell.number_unique_all                             ? 
_reflns_shell.number_unique_obs                             1103 
_reflns_shell.percent_possible_all                          100 
_reflns_shell.percent_possible_obs                          ? 
_reflns_shell.Rmerge_F_all                                  ? 
_reflns_shell.Rmerge_F_obs                                  ? 
_reflns_shell.Rmerge_I_all                                  ? 
_reflns_shell.Rmerge_I_obs                                  1.22 
_reflns_shell.meanI_over_sigI_gt                            ? 
_reflns_shell.meanI_over_uI_all                             ? 
_reflns_shell.meanI_over_uI_gt                              ? 
_reflns_shell.number_measured_gt                            ? 
_reflns_shell.number_unique_gt                              ? 
_reflns_shell.percent_possible_gt                           ? 
_reflns_shell.Rmerge_F_gt                                   ? 
_reflns_shell.Rmerge_I_gt                                   ? 
_reflns_shell.pdbx_redundancy                               ? 
_reflns_shell.pdbx_Rsym_value                               ? 
_reflns_shell.pdbx_chi_squared                              ? 
_reflns_shell.pdbx_netI_over_sigmaI_all                     ? 
_reflns_shell.pdbx_netI_over_sigmaI_obs                     ? 
_reflns_shell.pdbx_Rrim_I_all                               ? 
_reflns_shell.pdbx_Rpim_I_all                               ? 
_reflns_shell.pdbx_rejects                                  ? 
_reflns_shell.pdbx_ordinal                                  1 
_reflns_shell.pdbx_diffrn_id                                1 
_reflns_shell.pdbx_CC_half                                  ? 
_reflns_shell.pdbx_CC_star                                  ? 
_reflns_shell.pdbx_R_split                                  ? 
_reflns_shell.pdbx_percent_possible_ellipsoidal             ? 
_reflns_shell.pdbx_percent_possible_spherical               ? 
_reflns_shell.pdbx_percent_possible_ellipsoidal_anomalous   ? 
_reflns_shell.pdbx_percent_possible_spherical_anomalous     ? 
_reflns_shell.pdbx_redundancy_anomalous                     ? 
_reflns_shell.pdbx_CC_half_anomalous                        ? 
_reflns_shell.pdbx_absDiff_over_sigma_anomalous             ? 
_reflns_shell.pdbx_percent_possible_anomalous               ? 
# 
_refine.aniso_B[1][1]                            ? 
_refine.aniso_B[1][2]                            ? 
_refine.aniso_B[1][3]                            ? 
_refine.aniso_B[2][2]                            ? 
_refine.aniso_B[2][3]                            ? 
_refine.aniso_B[3][3]                            ? 
_refine.B_iso_max                                95.120 
_refine.B_iso_mean                               34.7675 
_refine.B_iso_min                                18.470 
_refine.correlation_coeff_Fo_to_Fc               ? 
_refine.correlation_coeff_Fo_to_Fc_free          ? 
_refine.details                                  ? 
_refine.diff_density_max                         ? 
_refine.diff_density_max_esd                     ? 
_refine.diff_density_min                         ? 
_refine.diff_density_min_esd                     ? 
_refine.diff_density_rms                         ? 
_refine.diff_density_rms_esd                     ? 
_refine.entry_id                                 8F14 
_refine.pdbx_refine_id                           'X-RAY DIFFRACTION' 
_refine.ls_abs_structure_details                 ? 
_refine.ls_abs_structure_Flack                   ? 
_refine.ls_abs_structure_Flack_esd               ? 
_refine.ls_abs_structure_Rogers                  ? 
_refine.ls_abs_structure_Rogers_esd              ? 
_refine.ls_d_res_high                            1.6900 
_refine.ls_d_res_low                             45.0600 
_refine.ls_extinction_coef                       ? 
_refine.ls_extinction_coef_esd                   ? 
_refine.ls_extinction_expression                 ? 
_refine.ls_extinction_method                     ? 
_refine.ls_goodness_of_fit_all                   ? 
_refine.ls_goodness_of_fit_all_esd               ? 
_refine.ls_goodness_of_fit_obs                   ? 
_refine.ls_goodness_of_fit_obs_esd               ? 
_refine.ls_hydrogen_treatment                    ? 
_refine.ls_matrix_type                           ? 
_refine.ls_number_constraints                    ? 
_refine.ls_number_parameters                     ? 
_refine.ls_number_reflns_all                     ? 
_refine.ls_number_reflns_obs                     21945 
_refine.ls_number_reflns_R_free                  1106 
_refine.ls_number_reflns_R_work                  20839 
_refine.ls_number_restraints                     ? 
_refine.ls_percent_reflns_obs                    99.8900 
_refine.ls_percent_reflns_R_free                 5.0400 
_refine.ls_R_factor_all                          ? 
_refine.ls_R_factor_obs                          0.1984 
_refine.ls_R_factor_R_free                       0.2357 
_refine.ls_R_factor_R_free_error                 ? 
_refine.ls_R_factor_R_free_error_details         ? 
_refine.ls_R_factor_R_work                       0.1965 
_refine.ls_R_Fsqd_factor_obs                     ? 
_refine.ls_R_I_factor_obs                        ? 
_refine.ls_redundancy_reflns_all                 ? 
_refine.ls_redundancy_reflns_obs                 ? 
_refine.ls_restrained_S_all                      ? 
_refine.ls_restrained_S_obs                      ? 
_refine.ls_shift_over_esd_max                    ? 
_refine.ls_shift_over_esd_mean                   ? 
_refine.ls_structure_factor_coef                 ? 
_refine.ls_weighting_details                     ? 
_refine.ls_weighting_scheme                      ? 
_refine.ls_wR_factor_all                         ? 
_refine.ls_wR_factor_obs                         ? 
_refine.ls_wR_factor_R_free                      ? 
_refine.ls_wR_factor_R_work                      ? 
_refine.occupancy_max                            ? 
_refine.occupancy_min                            ? 
_refine.solvent_model_details                    'FLAT BULK SOLVENT MODEL' 
_refine.solvent_model_param_bsol                 ? 
_refine.solvent_model_param_ksol                 ? 
_refine.pdbx_R_complete                          ? 
_refine.ls_R_factor_gt                           ? 
_refine.ls_goodness_of_fit_gt                    ? 
_refine.ls_goodness_of_fit_ref                   ? 
_refine.ls_shift_over_su_max                     ? 
_refine.ls_shift_over_su_max_lt                  ? 
_refine.ls_shift_over_su_mean                    ? 
_refine.ls_shift_over_su_mean_lt                 ? 
_refine.pdbx_ls_sigma_I                          ? 
_refine.pdbx_ls_sigma_F                          1.340 
_refine.pdbx_ls_sigma_Fsqd                       ? 
_refine.pdbx_data_cutoff_high_absF               ? 
_refine.pdbx_data_cutoff_high_rms_absF           ? 
_refine.pdbx_data_cutoff_low_absF                ? 
_refine.pdbx_isotropic_thermal_model             ? 
_refine.pdbx_ls_cross_valid_method               THROUGHOUT 
_refine.pdbx_method_to_determine_struct          'MOLECULAR REPLACEMENT' 
_refine.pdbx_starting_model                      3Q49 
_refine.pdbx_stereochemistry_target_values       ML 
_refine.pdbx_R_Free_selection_details            ? 
_refine.pdbx_stereochem_target_val_spec_case     ? 
_refine.pdbx_overall_ESU_R                       ? 
_refine.pdbx_overall_ESU_R_Free                  ? 
_refine.pdbx_solvent_vdw_probe_radii             1.1100 
_refine.pdbx_solvent_ion_probe_radii             ? 
_refine.pdbx_solvent_shrinkage_radii             0.9000 
_refine.pdbx_real_space_R                        ? 
_refine.pdbx_density_correlation                 ? 
_refine.pdbx_pd_number_of_powder_patterns        ? 
_refine.pdbx_pd_number_of_points                 ? 
_refine.pdbx_pd_meas_number_of_points            ? 
_refine.pdbx_pd_proc_ls_prof_R_factor            ? 
_refine.pdbx_pd_proc_ls_prof_wR_factor           ? 
_refine.pdbx_pd_Marquardt_correlation_coeff      ? 
_refine.pdbx_pd_Fsqrd_R_factor                   ? 
_refine.pdbx_pd_ls_matrix_band_width             ? 
_refine.pdbx_overall_phase_error                 26.5900 
_refine.pdbx_overall_SU_R_free_Cruickshank_DPI   ? 
_refine.pdbx_overall_SU_R_free_Blow_DPI          ? 
_refine.pdbx_overall_SU_R_Blow_DPI               ? 
_refine.pdbx_TLS_residual_ADP_flag               ? 
_refine.pdbx_diffrn_id                           1 
_refine.overall_SU_B                             ? 
_refine.overall_SU_ML                            0.1600 
_refine.overall_SU_R_Cruickshank_DPI             ? 
_refine.overall_SU_R_free                        ? 
_refine.overall_FOM_free_R_set                   ? 
_refine.overall_FOM_work_R_set                   ? 
_refine.pdbx_average_fsc_overall                 ? 
_refine.pdbx_average_fsc_work                    ? 
_refine.pdbx_average_fsc_free                    ? 
# 
_refine_hist.pdbx_refine_id                   'X-RAY DIFFRACTION' 
_refine_hist.cycle_id                         final 
_refine_hist.details                          ? 
_refine_hist.d_res_high                       1.6900 
_refine_hist.d_res_low                        45.0600 
_refine_hist.number_atoms_solvent             134 
_refine_hist.number_atoms_total               1352 
_refine_hist.number_reflns_all                ? 
_refine_hist.number_reflns_obs                ? 
_refine_hist.number_reflns_R_free             ? 
_refine_hist.number_reflns_R_work             ? 
_refine_hist.R_factor_all                     ? 
_refine_hist.R_factor_obs                     ? 
_refine_hist.R_factor_R_free                  ? 
_refine_hist.R_factor_R_work                  ? 
_refine_hist.pdbx_number_residues_total       147 
_refine_hist.pdbx_B_iso_mean_ligand           39.38 
_refine_hist.pdbx_B_iso_mean_solvent          42.10 
_refine_hist.pdbx_number_atoms_protein        1186 
_refine_hist.pdbx_number_atoms_nucleic_acid   0 
_refine_hist.pdbx_number_atoms_ligand         32 
_refine_hist.pdbx_number_atoms_lipid          ? 
_refine_hist.pdbx_number_atoms_carb           ? 
_refine_hist.pdbx_pseudo_atom_details         ? 
# 
loop_
_refine_ls_shell.pdbx_refine_id 
_refine_ls_shell.d_res_high 
_refine_ls_shell.d_res_low 
_refine_ls_shell.number_reflns_all 
_refine_ls_shell.number_reflns_obs 
_refine_ls_shell.number_reflns_R_free 
_refine_ls_shell.number_reflns_R_work 
_refine_ls_shell.percent_reflns_obs 
_refine_ls_shell.percent_reflns_R_free 
_refine_ls_shell.R_factor_all 
_refine_ls_shell.R_factor_obs 
_refine_ls_shell.R_factor_R_free 
_refine_ls_shell.R_factor_R_free_error 
_refine_ls_shell.R_factor_R_work 
_refine_ls_shell.redundancy_reflns_all 
_refine_ls_shell.redundancy_reflns_obs 
_refine_ls_shell.wR_factor_all 
_refine_ls_shell.wR_factor_obs 
_refine_ls_shell.wR_factor_R_free 
_refine_ls_shell.wR_factor_R_work 
_refine_ls_shell.pdbx_R_complete 
_refine_ls_shell.pdbx_total_number_of_bins_used 
_refine_ls_shell.pdbx_phase_error 
_refine_ls_shell.pdbx_fsc_work 
_refine_ls_shell.pdbx_fsc_free 
'X-RAY DIFFRACTION' 1.6900 1.7700  2682 . 146 2536 100.0000 . . . 0.3155 0.0000 0.2857 . . . . . . . 8 . . . 
'X-RAY DIFFRACTION' 1.7700 1.8600  2707 . 141 2566 100.0000 . . . 0.2888 0.0000 0.2431 . . . . . . . 8 . . . 
'X-RAY DIFFRACTION' 1.8600 1.9800  2703 . 133 2570 100.0000 . . . 0.2712 0.0000 0.2273 . . . . . . . 8 . . . 
'X-RAY DIFFRACTION' 1.9800 2.1300  2725 . 132 2593 100.0000 . . . 0.2751 0.0000 0.2090 . . . . . . . 8 . . . 
'X-RAY DIFFRACTION' 2.1300 2.3400  2740 . 129 2611 100.0000 . . . 0.2256 0.0000 0.2048 . . . . . . . 8 . . . 
'X-RAY DIFFRACTION' 2.3400 2.6800  2745 . 150 2595 100.0000 . . . 0.2588 0.0000 0.2058 . . . . . . . 8 . . . 
'X-RAY DIFFRACTION' 2.6800 3.3800  2767 . 134 2633 100.0000 . . . 0.2278 0.0000 0.1937 . . . . . . . 8 . . . 
'X-RAY DIFFRACTION' 3.3800 45.0600 2876 . 141 2735 99.0000  . . . 0.2099 0.0000 0.1767 . . . . . . . 8 . . . 
# 
_struct.entry_id                     8F14 
_struct.title                        'Structure of the STUB1 TPR domain in complex with H201, an all-D Helicon Polypeptide' 
_struct.pdbx_model_details           ? 
_struct.pdbx_formula_weight          ? 
_struct.pdbx_formula_weight_method   ? 
_struct.pdbx_model_type_details      ? 
_struct.pdbx_CASP_flag               N 
# 
_struct_keywords.entry_id        8F14 
_struct_keywords.text            'E3 ligase, D-peptide, stapled peptide, LIGASE' 
_struct_keywords.pdbx_keywords   LIGASE 
# 
loop_
_struct_asym.id 
_struct_asym.pdbx_blank_PDB_chainid_flag 
_struct_asym.pdbx_modified 
_struct_asym.entity_id 
_struct_asym.details 
A N N 1 ? 
B N N 2 ? 
C N N 3 ? 
D N N 4 ? 
E N N 4 ? 
F N N 4 ? 
G N N 5 ? 
H N N 6 ? 
I N N 6 ? 
# 
loop_
_struct_ref.id 
_struct_ref.db_name 
_struct_ref.db_code 
_struct_ref.pdbx_db_accession 
_struct_ref.pdbx_db_isoform 
_struct_ref.entity_id 
_struct_ref.pdbx_seq_one_letter_code 
_struct_ref.pdbx_align_begin 
1 UNP CHIP_HUMAN Q9UNE7 ? 1 
;SPSAQELKEQGNRLFVGRKYPEAAACYGRAITRNPLVAVYYTNRALCYLKMQQHEQALADCRRALELDGQSVKAHFFLGQ
CQLEMESYDEAIANLQRAYSLAKEQRLNFGDDIPSALRIAKKKRWNSIEERR
;
23 
2 PDB 8F14       8F14   ? 2 ? 1  
# 
loop_
_struct_ref_seq.align_id 
_struct_ref_seq.ref_id 
_struct_ref_seq.pdbx_PDB_id_code 
_struct_ref_seq.pdbx_strand_id 
_struct_ref_seq.seq_align_beg 
_struct_ref_seq.pdbx_seq_align_beg_ins_code 
_struct_ref_seq.seq_align_end 
_struct_ref_seq.pdbx_seq_align_end_ins_code 
_struct_ref_seq.pdbx_db_accession 
_struct_ref_seq.db_align_beg 
_struct_ref_seq.pdbx_db_align_beg_ins_code 
_struct_ref_seq.db_align_end 
_struct_ref_seq.pdbx_db_align_end_ins_code 
_struct_ref_seq.pdbx_auth_seq_align_beg 
_struct_ref_seq.pdbx_auth_seq_align_end 
1 1 8F14 A 3 ? 134 ? Q9UNE7 23 ? 154 ? 23 154 
2 2 8F14 B 1 ? 17  ? 8F14   1  ? 17  ? 1  17  
# 
loop_
_struct_ref_seq_dif.align_id 
_struct_ref_seq_dif.pdbx_pdb_id_code 
_struct_ref_seq_dif.mon_id 
_struct_ref_seq_dif.pdbx_pdb_strand_id 
_struct_ref_seq_dif.seq_num 
_struct_ref_seq_dif.pdbx_pdb_ins_code 
_struct_ref_seq_dif.pdbx_seq_db_name 
_struct_ref_seq_dif.pdbx_seq_db_accession_code 
_struct_ref_seq_dif.db_mon_id 
_struct_ref_seq_dif.pdbx_seq_db_seq_num 
_struct_ref_seq_dif.details 
_struct_ref_seq_dif.pdbx_auth_seq_num 
_struct_ref_seq_dif.pdbx_ordinal 
1 8F14 GLY A 1 ? UNP Q9UNE7 ? ? 'expression tag' 21 1 
1 8F14 ALA A 2 ? UNP Q9UNE7 ? ? 'expression tag' 22 2 
# 
_pdbx_struct_assembly.id                   1 
_pdbx_struct_assembly.details              author_and_software_defined_assembly 
_pdbx_struct_assembly.method_details       PISA 
_pdbx_struct_assembly.oligomeric_details   dimeric 
_pdbx_struct_assembly.oligomeric_count     2 
# 
loop_
_pdbx_struct_assembly_prop.biol_id 
_pdbx_struct_assembly_prop.type 
_pdbx_struct_assembly_prop.value 
_pdbx_struct_assembly_prop.details 
1 'ABSA (A^2)' 2380 ? 
1 MORE         -15  ? 
1 'SSA (A^2)'  8030 ? 
# 
_pdbx_struct_assembly_gen.assembly_id       1 
_pdbx_struct_assembly_gen.oper_expression   1 
_pdbx_struct_assembly_gen.asym_id_list      A,B,C,D,E,F,G,H,I 
# 
_pdbx_struct_assembly_auth_evidence.id                     1 
_pdbx_struct_assembly_auth_evidence.assembly_id            1 
_pdbx_struct_assembly_auth_evidence.experimental_support   'surface plasmon resonance' 
_pdbx_struct_assembly_auth_evidence.details                ? 
# 
_pdbx_struct_oper_list.id                   1 
_pdbx_struct_oper_list.type                 'identity operation' 
_pdbx_struct_oper_list.name                 1_555 
_pdbx_struct_oper_list.symmetry_operation   x,y,z 
_pdbx_struct_oper_list.matrix[1][1]         1.0000000000 
_pdbx_struct_oper_list.matrix[1][2]         0.0000000000 
_pdbx_struct_oper_list.matrix[1][3]         0.0000000000 
_pdbx_struct_oper_list.vector[1]            0.0000000000 
_pdbx_struct_oper_list.matrix[2][1]         0.0000000000 
_pdbx_struct_oper_list.matrix[2][2]         1.0000000000 
_pdbx_struct_oper_list.matrix[2][3]         0.0000000000 
_pdbx_struct_oper_list.vector[2]            0.0000000000 
_pdbx_struct_oper_list.matrix[3][1]         0.0000000000 
_pdbx_struct_oper_list.matrix[3][2]         0.0000000000 
_pdbx_struct_oper_list.matrix[3][3]         1.0000000000 
_pdbx_struct_oper_list.vector[3]            0.0000000000 
# 
loop_
_struct_conf.conf_type_id 
_struct_conf.id 
_struct_conf.pdbx_PDB_helix_id 
_struct_conf.beg_label_comp_id 
_struct_conf.beg_label_asym_id 
_struct_conf.beg_label_seq_id 
_struct_conf.pdbx_beg_PDB_ins_code 
_struct_conf.end_label_comp_id 
_struct_conf.end_label_asym_id 
_struct_conf.end_label_seq_id 
_struct_conf.pdbx_end_PDB_ins_code 
_struct_conf.beg_auth_comp_id 
_struct_conf.beg_auth_asym_id 
_struct_conf.beg_auth_seq_id 
_struct_conf.end_auth_comp_id 
_struct_conf.end_auth_asym_id 
_struct_conf.end_auth_seq_id 
_struct_conf.pdbx_PDB_helix_class 
_struct_conf.details 
_struct_conf.pdbx_PDB_helix_length 
HELX_P HELX_P1 AA1 SER A 5   ? GLY A 19  ? SER A 25  GLY A 39  1 ? 15 
HELX_P HELX_P2 AA2 LYS A 21  ? ASN A 36  ? LYS A 41  ASN A 56  1 ? 16 
HELX_P HELX_P3 AA3 VAL A 39  ? MET A 53  ? VAL A 59  MET A 73  1 ? 15 
HELX_P HELX_P4 AA4 GLN A 55  ? ASP A 70  ? GLN A 75  ASP A 90  1 ? 16 
HELX_P HELX_P5 AA5 SER A 73  ? MET A 87  ? SER A 93  MET A 107 1 ? 15 
HELX_P HELX_P6 AA6 SER A 89  ? ARG A 108 ? SER A 109 ARG A 128 1 ? 20 
HELX_P HELX_P7 AA7 ASP A 113 ? GLU A 131 ? ASP A 133 GLU A 151 1 ? 19 
HELX_P HELX_P8 AA8 DTR B 3   ? DIL B 16  ? DTR B 3   DIL B 16  1 ? 14 
# 
_struct_conf_type.id          HELX_P 
_struct_conf_type.criteria    ? 
_struct_conf_type.reference   ? 
# 
loop_
_struct_conn.id 
_struct_conn.conn_type_id 
_struct_conn.pdbx_leaving_atom_flag 
_struct_conn.pdbx_PDB_id 
_struct_conn.ptnr1_label_asym_id 
_struct_conn.ptnr1_label_comp_id 
_struct_conn.ptnr1_label_seq_id 
_struct_conn.ptnr1_label_atom_id 
_struct_conn.pdbx_ptnr1_label_alt_id 
_struct_conn.pdbx_ptnr1_PDB_ins_code 
_struct_conn.pdbx_ptnr1_standard_comp_id 
_struct_conn.ptnr1_symmetry 
_struct_conn.ptnr2_label_asym_id 
_struct_conn.ptnr2_label_comp_id 
_struct_conn.ptnr2_label_seq_id 
_struct_conn.ptnr2_label_atom_id 
_struct_conn.pdbx_ptnr2_label_alt_id 
_struct_conn.pdbx_ptnr2_PDB_ins_code 
_struct_conn.ptnr1_auth_asym_id 
_struct_conn.ptnr1_auth_comp_id 
_struct_conn.ptnr1_auth_seq_id 
_struct_conn.ptnr2_auth_asym_id 
_struct_conn.ptnr2_auth_comp_id 
_struct_conn.ptnr2_auth_seq_id 
_struct_conn.ptnr2_symmetry 
_struct_conn.pdbx_ptnr3_label_atom_id 
_struct_conn.pdbx_ptnr3_label_seq_id 
_struct_conn.pdbx_ptnr3_label_comp_id 
_struct_conn.pdbx_ptnr3_label_asym_id 
_struct_conn.pdbx_ptnr3_label_alt_id 
_struct_conn.pdbx_ptnr3_PDB_ins_code 
_struct_conn.details 
_struct_conn.pdbx_dist_value 
_struct_conn.pdbx_value_order 
_struct_conn.pdbx_role 
covale1  covale both ? B DPR 2  C  ? ? ? 1_555 B DTR 3  N  A ? B DPR 2  B DTR 3   1_555 ? ? ? ? ? ? ? 1.332 ? ? 
covale2  covale both ? B DPR 2  C  ? ? ? 1_555 B DTR 3  N  B ? B DPR 2  B DTR 3   1_555 ? ? ? ? ? ? ? 1.334 ? ? 
covale3  covale both ? B DTR 3  C  A ? ? 1_555 B DGL 4  N  ? ? B DTR 3  B DGL 4   1_555 ? ? ? ? ? ? ? 1.331 ? ? 
covale4  covale both ? B DTR 3  C  B ? ? 1_555 B DGL 4  N  ? ? B DTR 3  B DGL 4   1_555 ? ? ? ? ? ? ? 1.332 ? ? 
covale5  covale both ? B DGL 4  C  ? ? ? 1_555 B DAS 5  N  ? ? B DGL 4  B DAS 5   1_555 ? ? ? ? ? ? ? 1.342 ? ? 
covale6  covale both ? B DAS 5  C  ? ? ? 1_555 B DCY 6  N  ? ? B DAS 5  B DCY 6   1_555 ? ? ? ? ? ? ? 1.323 ? ? 
covale7  covale both ? B DCY 6  C  ? ? ? 1_555 B DAL 7  N  ? ? B DCY 6  B DAL 7   1_555 ? ? ? ? ? ? ? 1.331 ? ? 
covale8  covale none ? B DCY 6  SG ? ? ? 1_555 G WHL .  CK ? ? B DCY 6  B WHL 101 1_555 ? ? ? ? ? ? ? 1.735 ? ? 
covale9  covale both ? B DAL 7  C  ? ? ? 1_555 B DTR 8  N  ? ? B DAL 7  B DTR 8   1_555 ? ? ? ? ? ? ? 1.331 ? ? 
covale10 covale both ? B DTR 8  C  ? ? ? 1_555 B DPN 9  N  ? ? B DTR 8  B DPN 9   1_555 ? ? ? ? ? ? ? 1.328 ? ? 
covale11 covale both ? B DPN 9  C  ? ? ? 1_555 B DAL 10 N  ? ? B DPN 9  B DAL 10  1_555 ? ? ? ? ? ? ? 1.321 ? ? 
covale12 covale both ? B DAL 10 C  ? ? ? 1_555 B DTR 11 N  ? ? B DAL 10 B DTR 11  1_555 ? ? ? ? ? ? ? 1.343 ? ? 
covale13 covale both ? B DTR 11 C  ? ? ? 1_555 B DAL 12 N  ? ? B DTR 11 B DAL 12  1_555 ? ? ? ? ? ? ? 1.334 ? ? 
covale14 covale both ? B DAL 12 C  ? ? ? 1_555 B DCY 13 N  ? ? B DAL 12 B DCY 13  1_555 ? ? ? ? ? ? ? 1.328 ? ? 
covale15 covale both ? B DCY 13 C  ? ? ? 1_555 B DTY 14 N  ? ? B DCY 13 B DTY 14  1_555 ? ? ? ? ? ? ? 1.343 ? ? 
covale16 covale none ? B DCY 13 SG ? ? ? 1_555 G WHL .  CH ? ? B DCY 13 B WHL 101 1_555 ? ? ? ? ? ? ? 1.761 ? ? 
covale17 covale both ? B DTY 14 C  ? ? ? 1_555 B DSG 15 N  ? ? B DTY 14 B DSG 15  1_555 ? ? ? ? ? ? ? 1.332 ? ? 
covale18 covale both ? B DSG 15 C  ? ? ? 1_555 B DIL 16 N  ? ? B DSG 15 B DIL 16  1_555 ? ? ? ? ? ? ? 1.326 ? ? 
covale19 covale both ? B DIL 16 C  ? ? ? 1_555 B NH2 17 N  ? ? B DIL 16 B NH2 17  1_555 ? ? ? ? ? ? ? 1.333 ? ? 
# 
_struct_conn_type.id          covale 
_struct_conn_type.criteria    ? 
_struct_conn_type.reference   ? 
# 
loop_
_pdbx_modification_feature.ordinal 
_pdbx_modification_feature.label_comp_id 
_pdbx_modification_feature.label_asym_id 
_pdbx_modification_feature.label_seq_id 
_pdbx_modification_feature.label_alt_id 
_pdbx_modification_feature.modified_residue_label_comp_id 
_pdbx_modification_feature.modified_residue_label_asym_id 
_pdbx_modification_feature.modified_residue_label_seq_id 
_pdbx_modification_feature.modified_residue_label_alt_id 
_pdbx_modification_feature.auth_comp_id 
_pdbx_modification_feature.auth_asym_id 
_pdbx_modification_feature.auth_seq_id 
_pdbx_modification_feature.PDB_ins_code 
_pdbx_modification_feature.symmetry 
_pdbx_modification_feature.modified_residue_auth_comp_id 
_pdbx_modification_feature.modified_residue_auth_asym_id 
_pdbx_modification_feature.modified_residue_auth_seq_id 
_pdbx_modification_feature.modified_residue_PDB_ins_code 
_pdbx_modification_feature.modified_residue_symmetry 
_pdbx_modification_feature.comp_id_linking_atom 
_pdbx_modification_feature.modified_residue_id_linking_atom 
_pdbx_modification_feature.modified_residue_id 
_pdbx_modification_feature.ref_pcm_id 
_pdbx_modification_feature.ref_comp_id 
_pdbx_modification_feature.type 
_pdbx_modification_feature.category 
1 NH2 B 17 ? DIL B 16 ? NH2 B 17  ? 1_555 DIL B 16 ? 1_555 .  .  DIL 38 NH2 None 'Terminal amidation' 
2 WHL G .  ? DCY B 13 ? WHL B 101 ? 1_555 DCY B 13 ? 1_555 CH SG DCY 3  WHL None Crosslinker          
3 WHL G .  ? DCY B 6  ? WHL B 101 ? 1_555 DCY B 6  ? 1_555 CK SG DCY 4  WHL None Crosslinker          
# 
_pdbx_entry_details.entry_id                   8F14 
_pdbx_entry_details.has_ligand_of_interest     N 
_pdbx_entry_details.compound_details           ? 
_pdbx_entry_details.source_details             ? 
_pdbx_entry_details.nonpolymer_details         ? 
_pdbx_entry_details.sequence_details           ? 
_pdbx_entry_details.has_protein_modification   Y 
# 
_pdbx_validate_torsion.id              1 
_pdbx_validate_torsion.PDB_model_num   1 
_pdbx_validate_torsion.auth_comp_id    GLU 
_pdbx_validate_torsion.auth_asym_id    A 
_pdbx_validate_torsion.auth_seq_id     151 
_pdbx_validate_torsion.PDB_ins_code    ? 
_pdbx_validate_torsion.label_alt_id    ? 
_pdbx_validate_torsion.phi             -68.81 
_pdbx_validate_torsion.psi             8.04 
# 
_pdbx_molecule_features.prd_id    PRD_002512 
_pdbx_molecule_features.name      'all-D Helicon Polypeptide FP40914' 
_pdbx_molecule_features.type      Peptide-like 
_pdbx_molecule_features.class     'Substrate analog' 
_pdbx_molecule_features.details   ? 
# 
_pdbx_molecule.instance_id   1 
_pdbx_molecule.prd_id        PRD_002512 
_pdbx_molecule.asym_id       B 
# 
_pdbx_struct_special_symmetry.id              1 
_pdbx_struct_special_symmetry.PDB_model_num   1 
_pdbx_struct_special_symmetry.auth_asym_id    B 
_pdbx_struct_special_symmetry.auth_comp_id    HOH 
_pdbx_struct_special_symmetry.auth_seq_id     204 
_pdbx_struct_special_symmetry.PDB_ins_code    ? 
_pdbx_struct_special_symmetry.label_asym_id   I 
_pdbx_struct_special_symmetry.label_comp_id   HOH 
_pdbx_struct_special_symmetry.label_seq_id    . 
# 
loop_
_pdbx_unobs_or_zero_occ_residues.id 
_pdbx_unobs_or_zero_occ_residues.PDB_model_num 
_pdbx_unobs_or_zero_occ_residues.polymer_flag 
_pdbx_unobs_or_zero_occ_residues.occupancy_flag 
_pdbx_unobs_or_zero_occ_residues.auth_asym_id 
_pdbx_unobs_or_zero_occ_residues.auth_comp_id 
_pdbx_unobs_or_zero_occ_residues.auth_seq_id 
_pdbx_unobs_or_zero_occ_residues.PDB_ins_code 
_pdbx_unobs_or_zero_occ_residues.label_asym_id 
_pdbx_unobs_or_zero_occ_residues.label_comp_id 
_pdbx_unobs_or_zero_occ_residues.label_seq_id 
1 1 Y 1 A ARG 153 ? A ARG 133 
2 1 Y 1 A ARG 154 ? A ARG 134 
3 1 Y 1 B ACE 1   ? B ACE 1   
# 
loop_
_chem_comp_atom.comp_id 
_chem_comp_atom.atom_id 
_chem_comp_atom.type_symbol 
_chem_comp_atom.pdbx_aromatic_flag 
_chem_comp_atom.pdbx_stereo_config 
_chem_comp_atom.pdbx_ordinal 
ACE C    C N N 1   
ACE O    O N N 2   
ACE CH3  C N N 3   
ACE H    H N N 4   
ACE H1   H N N 5   
ACE H2   H N N 6   
ACE H3   H N N 7   
ALA N    N N N 8   
ALA CA   C N S 9   
ALA C    C N N 10  
ALA O    O N N 11  
ALA CB   C N N 12  
ALA OXT  O N N 13  
ALA H    H N N 14  
ALA H2   H N N 15  
ALA HA   H N N 16  
ALA HB1  H N N 17  
ALA HB2  H N N 18  
ALA HB3  H N N 19  
ALA HXT  H N N 20  
ARG N    N N N 21  
ARG CA   C N S 22  
ARG C    C N N 23  
ARG O    O N N 24  
ARG CB   C N N 25  
ARG CG   C N N 26  
ARG CD   C N N 27  
ARG NE   N N N 28  
ARG CZ   C N N 29  
ARG NH1  N N N 30  
ARG NH2  N N N 31  
ARG OXT  O N N 32  
ARG H    H N N 33  
ARG H2   H N N 34  
ARG HA   H N N 35  
ARG HB2  H N N 36  
ARG HB3  H N N 37  
ARG HG2  H N N 38  
ARG HG3  H N N 39  
ARG HD2  H N N 40  
ARG HD3  H N N 41  
ARG HE   H N N 42  
ARG HH11 H N N 43  
ARG HH12 H N N 44  
ARG HH21 H N N 45  
ARG HH22 H N N 46  
ARG HXT  H N N 47  
ASN N    N N N 48  
ASN CA   C N S 49  
ASN C    C N N 50  
ASN O    O N N 51  
ASN CB   C N N 52  
ASN CG   C N N 53  
ASN OD1  O N N 54  
ASN ND2  N N N 55  
ASN OXT  O N N 56  
ASN H    H N N 57  
ASN H2   H N N 58  
ASN HA   H N N 59  
ASN HB2  H N N 60  
ASN HB3  H N N 61  
ASN HD21 H N N 62  
ASN HD22 H N N 63  
ASN HXT  H N N 64  
ASP N    N N N 65  
ASP CA   C N S 66  
ASP C    C N N 67  
ASP O    O N N 68  
ASP CB   C N N 69  
ASP CG   C N N 70  
ASP OD1  O N N 71  
ASP OD2  O N N 72  
ASP OXT  O N N 73  
ASP H    H N N 74  
ASP H2   H N N 75  
ASP HA   H N N 76  
ASP HB2  H N N 77  
ASP HB3  H N N 78  
ASP HD2  H N N 79  
ASP HXT  H N N 80  
CYS N    N N N 81  
CYS CA   C N R 82  
CYS C    C N N 83  
CYS O    O N N 84  
CYS CB   C N N 85  
CYS SG   S N N 86  
CYS OXT  O N N 87  
CYS H    H N N 88  
CYS H2   H N N 89  
CYS HA   H N N 90  
CYS HB2  H N N 91  
CYS HB3  H N N 92  
CYS HG   H N N 93  
CYS HXT  H N N 94  
DAL N    N N N 95  
DAL CA   C N R 96  
DAL CB   C N N 97  
DAL C    C N N 98  
DAL O    O N N 99  
DAL OXT  O N N 100 
DAL H    H N N 101 
DAL H2   H N N 102 
DAL HA   H N N 103 
DAL HB1  H N N 104 
DAL HB2  H N N 105 
DAL HB3  H N N 106 
DAL HXT  H N N 107 
DAS N    N N N 108 
DAS CA   C N R 109 
DAS C    C N N 110 
DAS O    O N N 111 
DAS CB   C N N 112 
DAS CG   C N N 113 
DAS OD1  O N N 114 
DAS OD2  O N N 115 
DAS OXT  O N N 116 
DAS H    H N N 117 
DAS H2   H N N 118 
DAS HA   H N N 119 
DAS HB2  H N N 120 
DAS HB3  H N N 121 
DAS HD2  H N N 122 
DAS HXT  H N N 123 
DCY N    N N N 124 
DCY CA   C N S 125 
DCY C    C N N 126 
DCY O    O N N 127 
DCY CB   C N N 128 
DCY SG   S N N 129 
DCY OXT  O N N 130 
DCY H    H N N 131 
DCY H2   H N N 132 
DCY HA   H N N 133 
DCY HB2  H N N 134 
DCY HB3  H N N 135 
DCY HG   H N N 136 
DCY HXT  H N N 137 
DGL N    N N N 138 
DGL CA   C N R 139 
DGL C    C N N 140 
DGL O    O N N 141 
DGL CB   C N N 142 
DGL CG   C N N 143 
DGL CD   C N N 144 
DGL OE1  O N N 145 
DGL OE2  O N N 146 
DGL OXT  O N N 147 
DGL H    H N N 148 
DGL H2   H N N 149 
DGL HA   H N N 150 
DGL HB2  H N N 151 
DGL HB3  H N N 152 
DGL HG2  H N N 153 
DGL HG3  H N N 154 
DGL HE2  H N N 155 
DGL HXT  H N N 156 
DIL N    N N N 157 
DIL CA   C N R 158 
DIL C    C N N 159 
DIL O    O N N 160 
DIL CB   C N R 161 
DIL CG1  C N N 162 
DIL CG2  C N N 163 
DIL CD1  C N N 164 
DIL OXT  O N N 165 
DIL H    H N N 166 
DIL H2   H N N 167 
DIL HA   H N N 168 
DIL HB   H N N 169 
DIL HG12 H N N 170 
DIL HG13 H N N 171 
DIL HG21 H N N 172 
DIL HG22 H N N 173 
DIL HG23 H N N 174 
DIL HD11 H N N 175 
DIL HD12 H N N 176 
DIL HD13 H N N 177 
DIL HXT  H N N 178 
DPN N    N N N 179 
DPN CA   C N R 180 
DPN C    C N N 181 
DPN O    O N N 182 
DPN OXT  O N N 183 
DPN CB   C N N 184 
DPN CG   C Y N 185 
DPN CD1  C Y N 186 
DPN CD2  C Y N 187 
DPN CE1  C Y N 188 
DPN CE2  C Y N 189 
DPN CZ   C Y N 190 
DPN H    H N N 191 
DPN H2   H N N 192 
DPN HA   H N N 193 
DPN HXT  H N N 194 
DPN HB2  H N N 195 
DPN HB3  H N N 196 
DPN HD1  H N N 197 
DPN HD2  H N N 198 
DPN HE1  H N N 199 
DPN HE2  H N N 200 
DPN HZ   H N N 201 
DPR N    N N N 202 
DPR CA   C N R 203 
DPR CB   C N N 204 
DPR CG   C N N 205 
DPR CD   C N N 206 
DPR C    C N N 207 
DPR O    O N N 208 
DPR OXT  O N N 209 
DPR H    H N N 210 
DPR HA   H N N 211 
DPR HB2  H N N 212 
DPR HB3  H N N 213 
DPR HG2  H N N 214 
DPR HG3  H N N 215 
DPR HD2  H N N 216 
DPR HD3  H N N 217 
DPR HXT  H N N 218 
DSG N    N N N 219 
DSG CA   C N R 220 
DSG C    C N N 221 
DSG O    O N N 222 
DSG CB   C N N 223 
DSG CG   C N N 224 
DSG OD1  O N N 225 
DSG ND2  N N N 226 
DSG OXT  O N N 227 
DSG H    H N N 228 
DSG H2   H N N 229 
DSG HA   H N N 230 
DSG HB2  H N N 231 
DSG HB3  H N N 232 
DSG HD21 H N N 233 
DSG HD22 H N N 234 
DSG HXT  H N N 235 
DTR N    N N N 236 
DTR CA   C N R 237 
DTR CB   C N N 238 
DTR CG   C Y N 239 
DTR CD1  C Y N 240 
DTR NE1  N Y N 241 
DTR CE2  C Y N 242 
DTR CZ2  C Y N 243 
DTR CH2  C Y N 244 
DTR CZ3  C Y N 245 
DTR CE3  C Y N 246 
DTR CD2  C Y N 247 
DTR C    C N N 248 
DTR O    O N N 249 
DTR OXT  O N N 250 
DTR H    H N N 251 
DTR H2   H N N 252 
DTR HA   H N N 253 
DTR HB2  H N N 254 
DTR HB3  H N N 255 
DTR HD1  H N N 256 
DTR HE1  H N N 257 
DTR HZ2  H N N 258 
DTR HH2  H N N 259 
DTR HZ3  H N N 260 
DTR HE3  H N N 261 
DTR HXT  H N N 262 
DTY N    N N N 263 
DTY CA   C N R 264 
DTY C    C N N 265 
DTY O    O N N 266 
DTY CB   C N N 267 
DTY CG   C Y N 268 
DTY CD1  C Y N 269 
DTY CD2  C Y N 270 
DTY CE1  C Y N 271 
DTY CE2  C Y N 272 
DTY CZ   C Y N 273 
DTY OH   O N N 274 
DTY OXT  O N N 275 
DTY H    H N N 276 
DTY H2   H N N 277 
DTY HA   H N N 278 
DTY HB2  H N N 279 
DTY HB3  H N N 280 
DTY HD1  H N N 281 
DTY HD2  H N N 282 
DTY HE1  H N N 283 
DTY HE2  H N N 284 
DTY HH   H N N 285 
DTY HXT  H N N 286 
EDO C1   C N N 287 
EDO O1   O N N 288 
EDO C2   C N N 289 
EDO O2   O N N 290 
EDO H11  H N N 291 
EDO H12  H N N 292 
EDO HO1  H N N 293 
EDO H21  H N N 294 
EDO H22  H N N 295 
EDO HO2  H N N 296 
GLN N    N N N 297 
GLN CA   C N S 298 
GLN C    C N N 299 
GLN O    O N N 300 
GLN CB   C N N 301 
GLN CG   C N N 302 
GLN CD   C N N 303 
GLN OE1  O N N 304 
GLN NE2  N N N 305 
GLN OXT  O N N 306 
GLN H    H N N 307 
GLN H2   H N N 308 
GLN HA   H N N 309 
GLN HB2  H N N 310 
GLN HB3  H N N 311 
GLN HG2  H N N 312 
GLN HG3  H N N 313 
GLN HE21 H N N 314 
GLN HE22 H N N 315 
GLN HXT  H N N 316 
GLU N    N N N 317 
GLU CA   C N S 318 
GLU C    C N N 319 
GLU O    O N N 320 
GLU CB   C N N 321 
GLU CG   C N N 322 
GLU CD   C N N 323 
GLU OE1  O N N 324 
GLU OE2  O N N 325 
GLU OXT  O N N 326 
GLU H    H N N 327 
GLU H2   H N N 328 
GLU HA   H N N 329 
GLU HB2  H N N 330 
GLU HB3  H N N 331 
GLU HG2  H N N 332 
GLU HG3  H N N 333 
GLU HE2  H N N 334 
GLU HXT  H N N 335 
GLY N    N N N 336 
GLY CA   C N N 337 
GLY C    C N N 338 
GLY O    O N N 339 
GLY OXT  O N N 340 
GLY H    H N N 341 
GLY H2   H N N 342 
GLY HA2  H N N 343 
GLY HA3  H N N 344 
GLY HXT  H N N 345 
HIS N    N N N 346 
HIS CA   C N S 347 
HIS C    C N N 348 
HIS O    O N N 349 
HIS CB   C N N 350 
HIS CG   C Y N 351 
HIS ND1  N Y N 352 
HIS CD2  C Y N 353 
HIS CE1  C Y N 354 
HIS NE2  N Y N 355 
HIS OXT  O N N 356 
HIS H    H N N 357 
HIS H2   H N N 358 
HIS HA   H N N 359 
HIS HB2  H N N 360 
HIS HB3  H N N 361 
HIS HD1  H N N 362 
HIS HD2  H N N 363 
HIS HE1  H N N 364 
HIS HE2  H N N 365 
HIS HXT  H N N 366 
HOH O    O N N 367 
HOH H1   H N N 368 
HOH H2   H N N 369 
ILE N    N N N 370 
ILE CA   C N S 371 
ILE C    C N N 372 
ILE O    O N N 373 
ILE CB   C N S 374 
ILE CG1  C N N 375 
ILE CG2  C N N 376 
ILE CD1  C N N 377 
ILE OXT  O N N 378 
ILE H    H N N 379 
ILE H2   H N N 380 
ILE HA   H N N 381 
ILE HB   H N N 382 
ILE HG12 H N N 383 
ILE HG13 H N N 384 
ILE HG21 H N N 385 
ILE HG22 H N N 386 
ILE HG23 H N N 387 
ILE HD11 H N N 388 
ILE HD12 H N N 389 
ILE HD13 H N N 390 
ILE HXT  H N N 391 
LEU N    N N N 392 
LEU CA   C N S 393 
LEU C    C N N 394 
LEU O    O N N 395 
LEU CB   C N N 396 
LEU CG   C N N 397 
LEU CD1  C N N 398 
LEU CD2  C N N 399 
LEU OXT  O N N 400 
LEU H    H N N 401 
LEU H2   H N N 402 
LEU HA   H N N 403 
LEU HB2  H N N 404 
LEU HB3  H N N 405 
LEU HG   H N N 406 
LEU HD11 H N N 407 
LEU HD12 H N N 408 
LEU HD13 H N N 409 
LEU HD21 H N N 410 
LEU HD22 H N N 411 
LEU HD23 H N N 412 
LEU HXT  H N N 413 
LYS N    N N N 414 
LYS CA   C N S 415 
LYS C    C N N 416 
LYS O    O N N 417 
LYS CB   C N N 418 
LYS CG   C N N 419 
LYS CD   C N N 420 
LYS CE   C N N 421 
LYS NZ   N N N 422 
LYS OXT  O N N 423 
LYS H    H N N 424 
LYS H2   H N N 425 
LYS HA   H N N 426 
LYS HB2  H N N 427 
LYS HB3  H N N 428 
LYS HG2  H N N 429 
LYS HG3  H N N 430 
LYS HD2  H N N 431 
LYS HD3  H N N 432 
LYS HE2  H N N 433 
LYS HE3  H N N 434 
LYS HZ1  H N N 435 
LYS HZ2  H N N 436 
LYS HZ3  H N N 437 
LYS HXT  H N N 438 
MET N    N N N 439 
MET CA   C N S 440 
MET C    C N N 441 
MET O    O N N 442 
MET CB   C N N 443 
MET CG   C N N 444 
MET SD   S N N 445 
MET CE   C N N 446 
MET OXT  O N N 447 
MET H    H N N 448 
MET H2   H N N 449 
MET HA   H N N 450 
MET HB2  H N N 451 
MET HB3  H N N 452 
MET HG2  H N N 453 
MET HG3  H N N 454 
MET HE1  H N N 455 
MET HE2  H N N 456 
MET HE3  H N N 457 
MET HXT  H N N 458 
NH2 N    N N N 459 
NH2 HN1  H N N 460 
NH2 HN2  H N N 461 
PHE N    N N N 462 
PHE CA   C N S 463 
PHE C    C N N 464 
PHE O    O N N 465 
PHE CB   C N N 466 
PHE CG   C Y N 467 
PHE CD1  C Y N 468 
PHE CD2  C Y N 469 
PHE CE1  C Y N 470 
PHE CE2  C Y N 471 
PHE CZ   C Y N 472 
PHE OXT  O N N 473 
PHE H    H N N 474 
PHE H2   H N N 475 
PHE HA   H N N 476 
PHE HB2  H N N 477 
PHE HB3  H N N 478 
PHE HD1  H N N 479 
PHE HD2  H N N 480 
PHE HE1  H N N 481 
PHE HE2  H N N 482 
PHE HZ   H N N 483 
PHE HXT  H N N 484 
PRO N    N N N 485 
PRO CA   C N S 486 
PRO C    C N N 487 
PRO O    O N N 488 
PRO CB   C N N 489 
PRO CG   C N N 490 
PRO CD   C N N 491 
PRO OXT  O N N 492 
PRO H    H N N 493 
PRO HA   H N N 494 
PRO HB2  H N N 495 
PRO HB3  H N N 496 
PRO HG2  H N N 497 
PRO HG3  H N N 498 
PRO HD2  H N N 499 
PRO HD3  H N N 500 
PRO HXT  H N N 501 
SER N    N N N 502 
SER CA   C N S 503 
SER C    C N N 504 
SER O    O N N 505 
SER CB   C N N 506 
SER OG   O N N 507 
SER OXT  O N N 508 
SER H    H N N 509 
SER H2   H N N 510 
SER HA   H N N 511 
SER HB2  H N N 512 
SER HB3  H N N 513 
SER HG   H N N 514 
SER HXT  H N N 515 
SO4 S    S N N 516 
SO4 O1   O N N 517 
SO4 O2   O N N 518 
SO4 O3   O N N 519 
SO4 O4   O N N 520 
THR N    N N N 521 
THR CA   C N S 522 
THR C    C N N 523 
THR O    O N N 524 
THR CB   C N R 525 
THR OG1  O N N 526 
THR CG2  C N N 527 
THR OXT  O N N 528 
THR H    H N N 529 
THR H2   H N N 530 
THR HA   H N N 531 
THR HB   H N N 532 
THR HG1  H N N 533 
THR HG21 H N N 534 
THR HG22 H N N 535 
THR HG23 H N N 536 
THR HXT  H N N 537 
TRP N    N N N 538 
TRP CA   C N S 539 
TRP C    C N N 540 
TRP O    O N N 541 
TRP CB   C N N 542 
TRP CG   C Y N 543 
TRP CD1  C Y N 544 
TRP CD2  C Y N 545 
TRP NE1  N Y N 546 
TRP CE2  C Y N 547 
TRP CE3  C Y N 548 
TRP CZ2  C Y N 549 
TRP CZ3  C Y N 550 
TRP CH2  C Y N 551 
TRP OXT  O N N 552 
TRP H    H N N 553 
TRP H2   H N N 554 
TRP HA   H N N 555 
TRP HB2  H N N 556 
TRP HB3  H N N 557 
TRP HD1  H N N 558 
TRP HE1  H N N 559 
TRP HE3  H N N 560 
TRP HZ2  H N N 561 
TRP HZ3  H N N 562 
TRP HH2  H N N 563 
TRP HXT  H N N 564 
TYR N    N N N 565 
TYR CA   C N S 566 
TYR C    C N N 567 
TYR O    O N N 568 
TYR CB   C N N 569 
TYR CG   C Y N 570 
TYR CD1  C Y N 571 
TYR CD2  C Y N 572 
TYR CE1  C Y N 573 
TYR CE2  C Y N 574 
TYR CZ   C Y N 575 
TYR OH   O N N 576 
TYR OXT  O N N 577 
TYR H    H N N 578 
TYR H2   H N N 579 
TYR HA   H N N 580 
TYR HB2  H N N 581 
TYR HB3  H N N 582 
TYR HD1  H N N 583 
TYR HD2  H N N 584 
TYR HE1  H N N 585 
TYR HE2  H N N 586 
TYR HH   H N N 587 
TYR HXT  H N N 588 
VAL N    N N N 589 
VAL CA   C N S 590 
VAL C    C N N 591 
VAL O    O N N 592 
VAL CB   C N N 593 
VAL CG1  C N N 594 
VAL CG2  C N N 595 
VAL OXT  O N N 596 
VAL H    H N N 597 
VAL H2   H N N 598 
VAL HA   H N N 599 
VAL HB   H N N 600 
VAL HG11 H N N 601 
VAL HG12 H N N 602 
VAL HG13 H N N 603 
VAL HG21 H N N 604 
VAL HG22 H N N 605 
VAL HG23 H N N 606 
VAL HXT  H N N 607 
WHL CA   C Y N 608 
WHL CB   C Y N 609 
WHL NB   N N N 610 
WHL OB   O N N 611 
WHL CG   C N N 612 
WHL CD   C Y N 613 
WHL CE   C Y N 614 
WHL CH   C N N 615 
WHL CC   C Y N 616 
WHL CF   C Y N 617 
WHL CJ   C N N 618 
WHL CK   C N N 619 
WHL NA   N N N 620 
WHL OA   O N N 621 
WHL H1   H N N 622 
WHL H2   H N N 623 
WHL H3   H N N 624 
WHL H4   H N N 625 
WHL H5   H N N 626 
WHL H6   H N N 627 
WHL H7   H N N 628 
WHL H8   H N N 629 
WHL H9   H N N 630 
WHL H10  H N N 631 
WHL H11  H N N 632 
WHL H12  H N N 633 
# 
loop_
_chem_comp_bond.comp_id 
_chem_comp_bond.atom_id_1 
_chem_comp_bond.atom_id_2 
_chem_comp_bond.value_order 
_chem_comp_bond.pdbx_aromatic_flag 
_chem_comp_bond.pdbx_stereo_config 
_chem_comp_bond.pdbx_ordinal 
ACE C   O    doub N N 1   
ACE C   CH3  sing N N 2   
ACE C   H    sing N N 3   
ACE CH3 H1   sing N N 4   
ACE CH3 H2   sing N N 5   
ACE CH3 H3   sing N N 6   
ALA N   CA   sing N N 7   
ALA N   H    sing N N 8   
ALA N   H2   sing N N 9   
ALA CA  C    sing N N 10  
ALA CA  CB   sing N N 11  
ALA CA  HA   sing N N 12  
ALA C   O    doub N N 13  
ALA C   OXT  sing N N 14  
ALA CB  HB1  sing N N 15  
ALA CB  HB2  sing N N 16  
ALA CB  HB3  sing N N 17  
ALA OXT HXT  sing N N 18  
ARG N   CA   sing N N 19  
ARG N   H    sing N N 20  
ARG N   H2   sing N N 21  
ARG CA  C    sing N N 22  
ARG CA  CB   sing N N 23  
ARG CA  HA   sing N N 24  
ARG C   O    doub N N 25  
ARG C   OXT  sing N N 26  
ARG CB  CG   sing N N 27  
ARG CB  HB2  sing N N 28  
ARG CB  HB3  sing N N 29  
ARG CG  CD   sing N N 30  
ARG CG  HG2  sing N N 31  
ARG CG  HG3  sing N N 32  
ARG CD  NE   sing N N 33  
ARG CD  HD2  sing N N 34  
ARG CD  HD3  sing N N 35  
ARG NE  CZ   sing N N 36  
ARG NE  HE   sing N N 37  
ARG CZ  NH1  sing N N 38  
ARG CZ  NH2  doub N N 39  
ARG NH1 HH11 sing N N 40  
ARG NH1 HH12 sing N N 41  
ARG NH2 HH21 sing N N 42  
ARG NH2 HH22 sing N N 43  
ARG OXT HXT  sing N N 44  
ASN N   CA   sing N N 45  
ASN N   H    sing N N 46  
ASN N   H2   sing N N 47  
ASN CA  C    sing N N 48  
ASN CA  CB   sing N N 49  
ASN CA  HA   sing N N 50  
ASN C   O    doub N N 51  
ASN C   OXT  sing N N 52  
ASN CB  CG   sing N N 53  
ASN CB  HB2  sing N N 54  
ASN CB  HB3  sing N N 55  
ASN CG  OD1  doub N N 56  
ASN CG  ND2  sing N N 57  
ASN ND2 HD21 sing N N 58  
ASN ND2 HD22 sing N N 59  
ASN OXT HXT  sing N N 60  
ASP N   CA   sing N N 61  
ASP N   H    sing N N 62  
ASP N   H2   sing N N 63  
ASP CA  C    sing N N 64  
ASP CA  CB   sing N N 65  
ASP CA  HA   sing N N 66  
ASP C   O    doub N N 67  
ASP C   OXT  sing N N 68  
ASP CB  CG   sing N N 69  
ASP CB  HB2  sing N N 70  
ASP CB  HB3  sing N N 71  
ASP CG  OD1  doub N N 72  
ASP CG  OD2  sing N N 73  
ASP OD2 HD2  sing N N 74  
ASP OXT HXT  sing N N 75  
CYS N   CA   sing N N 76  
CYS N   H    sing N N 77  
CYS N   H2   sing N N 78  
CYS CA  C    sing N N 79  
CYS CA  CB   sing N N 80  
CYS CA  HA   sing N N 81  
CYS C   O    doub N N 82  
CYS C   OXT  sing N N 83  
CYS CB  SG   sing N N 84  
CYS CB  HB2  sing N N 85  
CYS CB  HB3  sing N N 86  
CYS SG  HG   sing N N 87  
CYS OXT HXT  sing N N 88  
DAL N   CA   sing N N 89  
DAL N   H    sing N N 90  
DAL N   H2   sing N N 91  
DAL CA  CB   sing N N 92  
DAL CA  C    sing N N 93  
DAL CA  HA   sing N N 94  
DAL CB  HB1  sing N N 95  
DAL CB  HB2  sing N N 96  
DAL CB  HB3  sing N N 97  
DAL C   O    doub N N 98  
DAL C   OXT  sing N N 99  
DAL OXT HXT  sing N N 100 
DAS N   CA   sing N N 101 
DAS N   H    sing N N 102 
DAS N   H2   sing N N 103 
DAS CA  C    sing N N 104 
DAS CA  CB   sing N N 105 
DAS CA  HA   sing N N 106 
DAS C   O    doub N N 107 
DAS C   OXT  sing N N 108 
DAS CB  CG   sing N N 109 
DAS CB  HB2  sing N N 110 
DAS CB  HB3  sing N N 111 
DAS CG  OD1  doub N N 112 
DAS CG  OD2  sing N N 113 
DAS OD2 HD2  sing N N 114 
DAS OXT HXT  sing N N 115 
DCY N   CA   sing N N 116 
DCY N   H    sing N N 117 
DCY N   H2   sing N N 118 
DCY CA  C    sing N N 119 
DCY CA  CB   sing N N 120 
DCY CA  HA   sing N N 121 
DCY C   O    doub N N 122 
DCY C   OXT  sing N N 123 
DCY CB  SG   sing N N 124 
DCY CB  HB2  sing N N 125 
DCY CB  HB3  sing N N 126 
DCY SG  HG   sing N N 127 
DCY OXT HXT  sing N N 128 
DGL N   CA   sing N N 129 
DGL N   H    sing N N 130 
DGL N   H2   sing N N 131 
DGL CA  C    sing N N 132 
DGL CA  CB   sing N N 133 
DGL CA  HA   sing N N 134 
DGL C   O    doub N N 135 
DGL C   OXT  sing N N 136 
DGL CB  CG   sing N N 137 
DGL CB  HB2  sing N N 138 
DGL CB  HB3  sing N N 139 
DGL CG  CD   sing N N 140 
DGL CG  HG2  sing N N 141 
DGL CG  HG3  sing N N 142 
DGL CD  OE1  doub N N 143 
DGL CD  OE2  sing N N 144 
DGL OE2 HE2  sing N N 145 
DGL OXT HXT  sing N N 146 
DIL N   CA   sing N N 147 
DIL N   H    sing N N 148 
DIL N   H2   sing N N 149 
DIL CA  C    sing N N 150 
DIL CA  CB   sing N N 151 
DIL CA  HA   sing N N 152 
DIL C   O    doub N N 153 
DIL C   OXT  sing N N 154 
DIL CB  CG1  sing N N 155 
DIL CB  CG2  sing N N 156 
DIL CB  HB   sing N N 157 
DIL CG1 CD1  sing N N 158 
DIL CG1 HG12 sing N N 159 
DIL CG1 HG13 sing N N 160 
DIL CG2 HG21 sing N N 161 
DIL CG2 HG22 sing N N 162 
DIL CG2 HG23 sing N N 163 
DIL CD1 HD11 sing N N 164 
DIL CD1 HD12 sing N N 165 
DIL CD1 HD13 sing N N 166 
DIL OXT HXT  sing N N 167 
DPN N   CA   sing N N 168 
DPN N   H    sing N N 169 
DPN N   H2   sing N N 170 
DPN CA  C    sing N N 171 
DPN CA  CB   sing N N 172 
DPN CA  HA   sing N N 173 
DPN C   O    doub N N 174 
DPN C   OXT  sing N N 175 
DPN OXT HXT  sing N N 176 
DPN CB  CG   sing N N 177 
DPN CB  HB2  sing N N 178 
DPN CB  HB3  sing N N 179 
DPN CG  CD1  doub Y N 180 
DPN CG  CD2  sing Y N 181 
DPN CD1 CE1  sing Y N 182 
DPN CD1 HD1  sing N N 183 
DPN CD2 CE2  doub Y N 184 
DPN CD2 HD2  sing N N 185 
DPN CE1 CZ   doub Y N 186 
DPN CE1 HE1  sing N N 187 
DPN CE2 CZ   sing Y N 188 
DPN CE2 HE2  sing N N 189 
DPN CZ  HZ   sing N N 190 
DPR N   CA   sing N N 191 
DPR N   CD   sing N N 192 
DPR N   H    sing N N 193 
DPR CA  CB   sing N N 194 
DPR CA  C    sing N N 195 
DPR CA  HA   sing N N 196 
DPR CB  CG   sing N N 197 
DPR CB  HB2  sing N N 198 
DPR CB  HB3  sing N N 199 
DPR CG  CD   sing N N 200 
DPR CG  HG2  sing N N 201 
DPR CG  HG3  sing N N 202 
DPR CD  HD2  sing N N 203 
DPR CD  HD3  sing N N 204 
DPR C   O    doub N N 205 
DPR C   OXT  sing N N 206 
DPR OXT HXT  sing N N 207 
DSG N   CA   sing N N 208 
DSG N   H    sing N N 209 
DSG N   H2   sing N N 210 
DSG CA  C    sing N N 211 
DSG CA  CB   sing N N 212 
DSG CA  HA   sing N N 213 
DSG C   O    doub N N 214 
DSG C   OXT  sing N N 215 
DSG CB  CG   sing N N 216 
DSG CB  HB2  sing N N 217 
DSG CB  HB3  sing N N 218 
DSG CG  OD1  doub N N 219 
DSG CG  ND2  sing N N 220 
DSG ND2 HD21 sing N N 221 
DSG ND2 HD22 sing N N 222 
DSG OXT HXT  sing N N 223 
DTR N   CA   sing N N 224 
DTR N   H    sing N N 225 
DTR N   H2   sing N N 226 
DTR CA  CB   sing N N 227 
DTR CA  C    sing N N 228 
DTR CA  HA   sing N N 229 
DTR CB  CG   sing N N 230 
DTR CB  HB2  sing N N 231 
DTR CB  HB3  sing N N 232 
DTR CG  CD1  doub Y N 233 
DTR CG  CD2  sing Y N 234 
DTR CD1 NE1  sing Y N 235 
DTR CD1 HD1  sing N N 236 
DTR NE1 CE2  sing Y N 237 
DTR NE1 HE1  sing N N 238 
DTR CE2 CZ2  doub Y N 239 
DTR CE2 CD2  sing Y N 240 
DTR CZ2 CH2  sing Y N 241 
DTR CZ2 HZ2  sing N N 242 
DTR CH2 CZ3  doub Y N 243 
DTR CH2 HH2  sing N N 244 
DTR CZ3 CE3  sing Y N 245 
DTR CZ3 HZ3  sing N N 246 
DTR CE3 CD2  doub Y N 247 
DTR CE3 HE3  sing N N 248 
DTR C   O    doub N N 249 
DTR C   OXT  sing N N 250 
DTR OXT HXT  sing N N 251 
DTY N   CA   sing N N 252 
DTY N   H    sing N N 253 
DTY N   H2   sing N N 254 
DTY CA  C    sing N N 255 
DTY CA  CB   sing N N 256 
DTY CA  HA   sing N N 257 
DTY C   O    doub N N 258 
DTY C   OXT  sing N N 259 
DTY CB  CG   sing N N 260 
DTY CB  HB2  sing N N 261 
DTY CB  HB3  sing N N 262 
DTY CG  CD1  doub Y N 263 
DTY CG  CD2  sing Y N 264 
DTY CD1 CE1  sing Y N 265 
DTY CD1 HD1  sing N N 266 
DTY CD2 CE2  doub Y N 267 
DTY CD2 HD2  sing N N 268 
DTY CE1 CZ   doub Y N 269 
DTY CE1 HE1  sing N N 270 
DTY CE2 CZ   sing Y N 271 
DTY CE2 HE2  sing N N 272 
DTY CZ  OH   sing N N 273 
DTY OH  HH   sing N N 274 
DTY OXT HXT  sing N N 275 
EDO C1  O1   sing N N 276 
EDO C1  C2   sing N N 277 
EDO C1  H11  sing N N 278 
EDO C1  H12  sing N N 279 
EDO O1  HO1  sing N N 280 
EDO C2  O2   sing N N 281 
EDO C2  H21  sing N N 282 
EDO C2  H22  sing N N 283 
EDO O2  HO2  sing N N 284 
GLN N   CA   sing N N 285 
GLN N   H    sing N N 286 
GLN N   H2   sing N N 287 
GLN CA  C    sing N N 288 
GLN CA  CB   sing N N 289 
GLN CA  HA   sing N N 290 
GLN C   O    doub N N 291 
GLN C   OXT  sing N N 292 
GLN CB  CG   sing N N 293 
GLN CB  HB2  sing N N 294 
GLN CB  HB3  sing N N 295 
GLN CG  CD   sing N N 296 
GLN CG  HG2  sing N N 297 
GLN CG  HG3  sing N N 298 
GLN CD  OE1  doub N N 299 
GLN CD  NE2  sing N N 300 
GLN NE2 HE21 sing N N 301 
GLN NE2 HE22 sing N N 302 
GLN OXT HXT  sing N N 303 
GLU N   CA   sing N N 304 
GLU N   H    sing N N 305 
GLU N   H2   sing N N 306 
GLU CA  C    sing N N 307 
GLU CA  CB   sing N N 308 
GLU CA  HA   sing N N 309 
GLU C   O    doub N N 310 
GLU C   OXT  sing N N 311 
GLU CB  CG   sing N N 312 
GLU CB  HB2  sing N N 313 
GLU CB  HB3  sing N N 314 
GLU CG  CD   sing N N 315 
GLU CG  HG2  sing N N 316 
GLU CG  HG3  sing N N 317 
GLU CD  OE1  doub N N 318 
GLU CD  OE2  sing N N 319 
GLU OE2 HE2  sing N N 320 
GLU OXT HXT  sing N N 321 
GLY N   CA   sing N N 322 
GLY N   H    sing N N 323 
GLY N   H2   sing N N 324 
GLY CA  C    sing N N 325 
GLY CA  HA2  sing N N 326 
GLY CA  HA3  sing N N 327 
GLY C   O    doub N N 328 
GLY C   OXT  sing N N 329 
GLY OXT HXT  sing N N 330 
HIS N   CA   sing N N 331 
HIS N   H    sing N N 332 
HIS N   H2   sing N N 333 
HIS CA  C    sing N N 334 
HIS CA  CB   sing N N 335 
HIS CA  HA   sing N N 336 
HIS C   O    doub N N 337 
HIS C   OXT  sing N N 338 
HIS CB  CG   sing N N 339 
HIS CB  HB2  sing N N 340 
HIS CB  HB3  sing N N 341 
HIS CG  ND1  sing Y N 342 
HIS CG  CD2  doub Y N 343 
HIS ND1 CE1  doub Y N 344 
HIS ND1 HD1  sing N N 345 
HIS CD2 NE2  sing Y N 346 
HIS CD2 HD2  sing N N 347 
HIS CE1 NE2  sing Y N 348 
HIS CE1 HE1  sing N N 349 
HIS NE2 HE2  sing N N 350 
HIS OXT HXT  sing N N 351 
HOH O   H1   sing N N 352 
HOH O   H2   sing N N 353 
ILE N   CA   sing N N 354 
ILE N   H    sing N N 355 
ILE N   H2   sing N N 356 
ILE CA  C    sing N N 357 
ILE CA  CB   sing N N 358 
ILE CA  HA   sing N N 359 
ILE C   O    doub N N 360 
ILE C   OXT  sing N N 361 
ILE CB  CG1  sing N N 362 
ILE CB  CG2  sing N N 363 
ILE CB  HB   sing N N 364 
ILE CG1 CD1  sing N N 365 
ILE CG1 HG12 sing N N 366 
ILE CG1 HG13 sing N N 367 
ILE CG2 HG21 sing N N 368 
ILE CG2 HG22 sing N N 369 
ILE CG2 HG23 sing N N 370 
ILE CD1 HD11 sing N N 371 
ILE CD1 HD12 sing N N 372 
ILE CD1 HD13 sing N N 373 
ILE OXT HXT  sing N N 374 
LEU N   CA   sing N N 375 
LEU N   H    sing N N 376 
LEU N   H2   sing N N 377 
LEU CA  C    sing N N 378 
LEU CA  CB   sing N N 379 
LEU CA  HA   sing N N 380 
LEU C   O    doub N N 381 
LEU C   OXT  sing N N 382 
LEU CB  CG   sing N N 383 
LEU CB  HB2  sing N N 384 
LEU CB  HB3  sing N N 385 
LEU CG  CD1  sing N N 386 
LEU CG  CD2  sing N N 387 
LEU CG  HG   sing N N 388 
LEU CD1 HD11 sing N N 389 
LEU CD1 HD12 sing N N 390 
LEU CD1 HD13 sing N N 391 
LEU CD2 HD21 sing N N 392 
LEU CD2 HD22 sing N N 393 
LEU CD2 HD23 sing N N 394 
LEU OXT HXT  sing N N 395 
LYS N   CA   sing N N 396 
LYS N   H    sing N N 397 
LYS N   H2   sing N N 398 
LYS CA  C    sing N N 399 
LYS CA  CB   sing N N 400 
LYS CA  HA   sing N N 401 
LYS C   O    doub N N 402 
LYS C   OXT  sing N N 403 
LYS CB  CG   sing N N 404 
LYS CB  HB2  sing N N 405 
LYS CB  HB3  sing N N 406 
LYS CG  CD   sing N N 407 
LYS CG  HG2  sing N N 408 
LYS CG  HG3  sing N N 409 
LYS CD  CE   sing N N 410 
LYS CD  HD2  sing N N 411 
LYS CD  HD3  sing N N 412 
LYS CE  NZ   sing N N 413 
LYS CE  HE2  sing N N 414 
LYS CE  HE3  sing N N 415 
LYS NZ  HZ1  sing N N 416 
LYS NZ  HZ2  sing N N 417 
LYS NZ  HZ3  sing N N 418 
LYS OXT HXT  sing N N 419 
MET N   CA   sing N N 420 
MET N   H    sing N N 421 
MET N   H2   sing N N 422 
MET CA  C    sing N N 423 
MET CA  CB   sing N N 424 
MET CA  HA   sing N N 425 
MET C   O    doub N N 426 
MET C   OXT  sing N N 427 
MET CB  CG   sing N N 428 
MET CB  HB2  sing N N 429 
MET CB  HB3  sing N N 430 
MET CG  SD   sing N N 431 
MET CG  HG2  sing N N 432 
MET CG  HG3  sing N N 433 
MET SD  CE   sing N N 434 
MET CE  HE1  sing N N 435 
MET CE  HE2  sing N N 436 
MET CE  HE3  sing N N 437 
MET OXT HXT  sing N N 438 
NH2 N   HN1  sing N N 439 
NH2 N   HN2  sing N N 440 
PHE N   CA   sing N N 441 
PHE N   H    sing N N 442 
PHE N   H2   sing N N 443 
PHE CA  C    sing N N 444 
PHE CA  CB   sing N N 445 
PHE CA  HA   sing N N 446 
PHE C   O    doub N N 447 
PHE C   OXT  sing N N 448 
PHE CB  CG   sing N N 449 
PHE CB  HB2  sing N N 450 
PHE CB  HB3  sing N N 451 
PHE CG  CD1  doub Y N 452 
PHE CG  CD2  sing Y N 453 
PHE CD1 CE1  sing Y N 454 
PHE CD1 HD1  sing N N 455 
PHE CD2 CE2  doub Y N 456 
PHE CD2 HD2  sing N N 457 
PHE CE1 CZ   doub Y N 458 
PHE CE1 HE1  sing N N 459 
PHE CE2 CZ   sing Y N 460 
PHE CE2 HE2  sing N N 461 
PHE CZ  HZ   sing N N 462 
PHE OXT HXT  sing N N 463 
PRO N   CA   sing N N 464 
PRO N   CD   sing N N 465 
PRO N   H    sing N N 466 
PRO CA  C    sing N N 467 
PRO CA  CB   sing N N 468 
PRO CA  HA   sing N N 469 
PRO C   O    doub N N 470 
PRO C   OXT  sing N N 471 
PRO CB  CG   sing N N 472 
PRO CB  HB2  sing N N 473 
PRO CB  HB3  sing N N 474 
PRO CG  CD   sing N N 475 
PRO CG  HG2  sing N N 476 
PRO CG  HG3  sing N N 477 
PRO CD  HD2  sing N N 478 
PRO CD  HD3  sing N N 479 
PRO OXT HXT  sing N N 480 
SER N   CA   sing N N 481 
SER N   H    sing N N 482 
SER N   H2   sing N N 483 
SER CA  C    sing N N 484 
SER CA  CB   sing N N 485 
SER CA  HA   sing N N 486 
SER C   O    doub N N 487 
SER C   OXT  sing N N 488 
SER CB  OG   sing N N 489 
SER CB  HB2  sing N N 490 
SER CB  HB3  sing N N 491 
SER OG  HG   sing N N 492 
SER OXT HXT  sing N N 493 
SO4 S   O1   doub N N 494 
SO4 S   O2   doub N N 495 
SO4 S   O3   sing N N 496 
SO4 S   O4   sing N N 497 
THR N   CA   sing N N 498 
THR N   H    sing N N 499 
THR N   H2   sing N N 500 
THR CA  C    sing N N 501 
THR CA  CB   sing N N 502 
THR CA  HA   sing N N 503 
THR C   O    doub N N 504 
THR C   OXT  sing N N 505 
THR CB  OG1  sing N N 506 
THR CB  CG2  sing N N 507 
THR CB  HB   sing N N 508 
THR OG1 HG1  sing N N 509 
THR CG2 HG21 sing N N 510 
THR CG2 HG22 sing N N 511 
THR CG2 HG23 sing N N 512 
THR OXT HXT  sing N N 513 
TRP N   CA   sing N N 514 
TRP N   H    sing N N 515 
TRP N   H2   sing N N 516 
TRP CA  C    sing N N 517 
TRP CA  CB   sing N N 518 
TRP CA  HA   sing N N 519 
TRP C   O    doub N N 520 
TRP C   OXT  sing N N 521 
TRP CB  CG   sing N N 522 
TRP CB  HB2  sing N N 523 
TRP CB  HB3  sing N N 524 
TRP CG  CD1  doub Y N 525 
TRP CG  CD2  sing Y N 526 
TRP CD1 NE1  sing Y N 527 
TRP CD1 HD1  sing N N 528 
TRP CD2 CE2  doub Y N 529 
TRP CD2 CE3  sing Y N 530 
TRP NE1 CE2  sing Y N 531 
TRP NE1 HE1  sing N N 532 
TRP CE2 CZ2  sing Y N 533 
TRP CE3 CZ3  doub Y N 534 
TRP CE3 HE3  sing N N 535 
TRP CZ2 CH2  doub Y N 536 
TRP CZ2 HZ2  sing N N 537 
TRP CZ3 CH2  sing Y N 538 
TRP CZ3 HZ3  sing N N 539 
TRP CH2 HH2  sing N N 540 
TRP OXT HXT  sing N N 541 
TYR N   CA   sing N N 542 
TYR N   H    sing N N 543 
TYR N   H2   sing N N 544 
TYR CA  C    sing N N 545 
TYR CA  CB   sing N N 546 
TYR CA  HA   sing N N 547 
TYR C   O    doub N N 548 
TYR C   OXT  sing N N 549 
TYR CB  CG   sing N N 550 
TYR CB  HB2  sing N N 551 
TYR CB  HB3  sing N N 552 
TYR CG  CD1  doub Y N 553 
TYR CG  CD2  sing Y N 554 
TYR CD1 CE1  sing Y N 555 
TYR CD1 HD1  sing N N 556 
TYR CD2 CE2  doub Y N 557 
TYR CD2 HD2  sing N N 558 
TYR CE1 CZ   doub Y N 559 
TYR CE1 HE1  sing N N 560 
TYR CE2 CZ   sing Y N 561 
TYR CE2 HE2  sing N N 562 
TYR CZ  OH   sing N N 563 
TYR OH  HH   sing N N 564 
TYR OXT HXT  sing N N 565 
VAL N   CA   sing N N 566 
VAL N   H    sing N N 567 
VAL N   H2   sing N N 568 
VAL CA  C    sing N N 569 
VAL CA  CB   sing N N 570 
VAL CA  HA   sing N N 571 
VAL C   O    doub N N 572 
VAL C   OXT  sing N N 573 
VAL CB  CG1  sing N N 574 
VAL CB  CG2  sing N N 575 
VAL CB  HB   sing N N 576 
VAL CG1 HG11 sing N N 577 
VAL CG1 HG12 sing N N 578 
VAL CG1 HG13 sing N N 579 
VAL CG2 HG21 sing N N 580 
VAL CG2 HG22 sing N N 581 
VAL CG2 HG23 sing N N 582 
VAL OXT HXT  sing N N 583 
WHL CK  CJ   sing N N 584 
WHL CJ  NB   sing N N 585 
WHL CJ  OA   doub N N 586 
WHL NB  CC   sing N N 587 
WHL CC  CB   doub Y N 588 
WHL CC  CD   sing Y N 589 
WHL CB  CA   sing Y N 590 
WHL CD  CE   doub Y N 591 
WHL CA  CF   doub Y N 592 
WHL CE  CF   sing Y N 593 
WHL CF  NA   sing N N 594 
WHL OB  CG   doub N N 595 
WHL NA  CG   sing N N 596 
WHL CG  CH   sing N N 597 
WHL CA  H1   sing N N 598 
WHL CB  H2   sing N N 599 
WHL NB  H3   sing N N 600 
WHL CD  H4   sing N N 601 
WHL CE  H5   sing N N 602 
WHL CH  H6   sing N N 603 
WHL CH  H7   sing N N 604 
WHL CH  H8   sing N N 605 
WHL CK  H9   sing N N 606 
WHL CK  H10  sing N N 607 
WHL CK  H11  sing N N 608 
WHL NA  H12  sing N N 609 
# 
loop_
_pdbx_audit_support.funding_organization 
_pdbx_audit_support.country 
_pdbx_audit_support.grant_number 
_pdbx_audit_support.ordinal 
'Other private'                    ?       'FOG Pharmaceuticals'                                 1 
'Other private'                    ?       'MIT School of Science Fellowship in Cancer Research' 2 
'German Research Foundation (DFG)' Germany 'LE 4224/1-1'                                         3 
# 
_pdbx_initial_refinement_model.id               1 
_pdbx_initial_refinement_model.entity_id_list   ? 
_pdbx_initial_refinement_model.type             'experimental model' 
_pdbx_initial_refinement_model.source_name      PDB 
_pdbx_initial_refinement_model.accession_code   3Q49 
_pdbx_initial_refinement_model.details          ? 
# 
_atom_sites.entry_id                    8F14 
_atom_sites.Cartn_transf_matrix[1][1]   ? 
_atom_sites.Cartn_transf_matrix[1][2]   ? 
_atom_sites.Cartn_transf_matrix[1][3]   ? 
_atom_sites.Cartn_transf_matrix[2][1]   ? 
_atom_sites.Cartn_transf_matrix[2][2]   ? 
_atom_sites.Cartn_transf_matrix[2][3]   ? 
_atom_sites.Cartn_transf_matrix[3][1]   ? 
_atom_sites.Cartn_transf_matrix[3][2]   ? 
_atom_sites.Cartn_transf_matrix[3][3]   ? 
_atom_sites.Cartn_transf_vector[1]      ? 
_atom_sites.Cartn_transf_vector[2]      ? 
_atom_sites.Cartn_transf_vector[3]      ? 
_atom_sites.fract_transf_matrix[1][1]   -0.00128045 
_atom_sites.fract_transf_matrix[1][2]   0.02122557 
_atom_sites.fract_transf_matrix[1][3]   0.00414825 
_atom_sites.fract_transf_matrix[2][1]   -0.01107605 
_atom_sites.fract_transf_matrix[2][2]   -0.00060798 
_atom_sites.fract_transf_matrix[2][3]   -0.00030800 
_atom_sites.fract_transf_matrix[3][1]   -0.00018089 
_atom_sites.fract_transf_matrix[3][2]   -0.00208750 
_atom_sites.fract_transf_matrix[3][3]   0.01062537 
_atom_sites.fract_transf_vector[1]      -0.054002 
_atom_sites.fract_transf_vector[2]      -0.211303 
_atom_sites.fract_transf_vector[3]      0.103490 
_atom_sites.solution_primary            ? 
_atom_sites.solution_secondary          ? 
_atom_sites.solution_hydrogens          ? 
_atom_sites.special_details             ? 
# 
loop_
_atom_type.symbol 
C 
N 
O 
S 
# 
loop_
_atom_site.group_PDB 
_atom_site.id 
_atom_site.type_symbol 
_atom_site.label_atom_id 
_atom_site.label_alt_id 
_atom_site.label_comp_id 
_atom_site.label_asym_id 
_atom_site.label_entity_id 
_atom_site.label_seq_id 
_atom_site.pdbx_PDB_ins_code 
_atom_site.Cartn_x 
_atom_site.Cartn_y 
_atom_site.Cartn_z 
_atom_site.occupancy 
_atom_site.B_iso_or_equiv 
_atom_site.pdbx_formal_charge 
_atom_site.auth_seq_id 
_atom_site.auth_comp_id 
_atom_site.auth_asym_id 
_atom_site.auth_atom_id 
_atom_site.pdbx_PDB_model_num 
ATOM   1    N N   . GLY A 1 1   ? 24.087  23.370  -1.715  1.00 51.33 ? 21  GLY A N   1 
ATOM   2    C CA  . GLY A 1 1   ? 23.373  22.526  -0.779  1.00 44.38 ? 21  GLY A CA  1 
ATOM   3    C C   . GLY A 1 1   ? 23.766  21.086  -1.014  1.00 48.49 ? 21  GLY A C   1 
ATOM   4    O O   . GLY A 1 1   ? 24.824  20.795  -1.581  1.00 48.28 ? 21  GLY A O   1 
ATOM   5    N N   . ALA A 1 2   ? 22.924  20.169  -0.560  1.00 46.53 ? 22  ALA A N   1 
ATOM   6    C CA  . ALA A 1 2   ? 23.077  18.768  -0.893  1.00 51.10 ? 22  ALA A CA  1 
ATOM   7    C C   . ALA A 1 2   ? 21.759  18.266  -1.454  1.00 51.58 ? 22  ALA A C   1 
ATOM   8    O O   . ALA A 1 2   ? 20.683  18.707  -1.036  1.00 54.92 ? 22  ALA A O   1 
ATOM   9    C CB  . ALA A 1 2   ? 23.472  17.937  0.326   1.00 49.88 ? 22  ALA A CB  1 
ATOM   10   N N   A SER A 1 3   ? 21.844  17.342  -2.402  0.43 52.61 ? 23  SER A N   1 
ATOM   11   N N   B SER A 1 3   ? 21.845  17.359  -2.408  0.57 52.63 ? 23  SER A N   1 
ATOM   12   C CA  A SER A 1 3   ? 20.672  16.624  -2.875  0.43 52.73 ? 23  SER A CA  1 
ATOM   13   C CA  B SER A 1 3   ? 20.647  16.652  -2.816  0.57 52.80 ? 23  SER A CA  1 
ATOM   14   C C   A SER A 1 3   ? 20.747  15.171  -2.427  0.43 49.76 ? 23  SER A C   1 
ATOM   15   C C   B SER A 1 3   ? 20.750  15.192  -2.399  0.57 49.76 ? 23  SER A C   1 
ATOM   16   O O   A SER A 1 3   ? 21.753  14.498  -2.693  0.43 53.07 ? 23  SER A O   1 
ATOM   17   O O   B SER A 1 3   ? 21.774  14.543  -2.656  0.57 53.15 ? 23  SER A O   1 
ATOM   18   C CB  A SER A 1 3   ? 20.567  16.698  -4.403  0.43 48.72 ? 23  SER A CB  1 
ATOM   19   C CB  B SER A 1 3   ? 20.437  16.763  -4.330  0.57 48.68 ? 23  SER A CB  1 
ATOM   20   O OG  A SER A 1 3   ? 19.647  15.742  -4.907  0.43 43.76 ? 23  SER A OG  1 
ATOM   21   O OG  B SER A 1 3   ? 19.056  16.750  -4.646  0.57 40.18 ? 23  SER A OG  1 
ATOM   22   N N   . PRO A 1 4   ? 19.718  14.654  -1.754  1.00 53.17 ? 24  PRO A N   1 
ATOM   23   C CA  . PRO A 1 4   ? 19.790  13.272  -1.250  1.00 40.92 ? 24  PRO A CA  1 
ATOM   24   C C   . PRO A 1 4   ? 19.819  12.232  -2.359  1.00 48.94 ? 24  PRO A C   1 
ATOM   25   O O   . PRO A 1 4   ? 19.507  12.503  -3.521  1.00 42.41 ? 24  PRO A O   1 
ATOM   26   C CB  . PRO A 1 4   ? 18.510  13.130  -0.425  1.00 47.25 ? 24  PRO A CB  1 
ATOM   27   C CG  . PRO A 1 4   ? 17.947  14.528  -0.288  1.00 48.13 ? 24  PRO A CG  1 
ATOM   28   C CD  . PRO A 1 4   ? 18.453  15.326  -1.432  1.00 48.03 ? 24  PRO A CD  1 
ATOM   29   N N   . SER A 1 5   ? 20.203  11.014  -1.979  1.00 40.48 ? 25  SER A N   1 
ATOM   30   C CA  . SER A 1 5   ? 19.986  9.862   -2.836  1.00 45.91 ? 25  SER A CA  1 
ATOM   31   C C   . SER A 1 5   ? 18.512  9.473   -2.793  1.00 30.62 ? 25  SER A C   1 
ATOM   32   O O   . SER A 1 5   ? 17.765  9.899   -1.911  1.00 32.23 ? 25  SER A O   1 
ATOM   33   C CB  . SER A 1 5   ? 20.839  8.671   -2.394  1.00 39.47 ? 25  SER A CB  1 
ATOM   34   O OG  . SER A 1 5   ? 20.426  8.257   -1.112  1.00 43.99 ? 25  SER A OG  1 
ATOM   35   N N   . ALA A 1 6   ? 18.104  8.659   -3.772  1.00 42.63 ? 26  ALA A N   1 
ATOM   36   C CA  . ALA A 1 6   ? 16.743  8.135   -3.770  1.00 31.84 ? 26  ALA A CA  1 
ATOM   37   C C   . ALA A 1 6   ? 16.469  7.396   -2.472  1.00 35.97 ? 26  ALA A C   1 
ATOM   38   O O   . ALA A 1 6   ? 15.461  7.651   -1.798  1.00 32.07 ? 26  ALA A O   1 
ATOM   39   C CB  . ALA A 1 6   ? 16.533  7.223   -4.968  1.00 31.54 ? 26  ALA A CB  1 
ATOM   40   N N   . GLN A 1 7   ? 17.400  6.519   -2.075  1.00 33.72 ? 27  GLN A N   1 
ATOM   41   C CA  . GLN A 1 7   ? 17.266  5.820   -0.795  1.00 42.17 ? 27  GLN A CA  1 
ATOM   42   C C   . GLN A 1 7   ? 17.075  6.796   0.357   1.00 37.15 ? 27  GLN A C   1 
ATOM   43   O O   . GLN A 1 7   ? 16.219  6.592   1.229   1.00 35.66 ? 27  GLN A O   1 
ATOM   44   C CB  . GLN A 1 7   ? 18.487  4.930   -0.542  1.00 36.48 ? 27  GLN A CB  1 
ATOM   45   C CG  . GLN A 1 7   ? 18.510  4.301   0.860   1.00 49.28 ? 27  GLN A CG  1 
ATOM   46   C CD  . GLN A 1 7   ? 17.348  3.350   1.090   1.00 52.45 ? 27  GLN A CD  1 
ATOM   47   O OE1 . GLN A 1 7   ? 16.833  2.737   0.151   1.00 53.90 ? 27  GLN A OE1 1 
ATOM   48   N NE2 . GLN A 1 7   ? 16.930  3.218   2.342   1.00 50.98 ? 27  GLN A NE2 1 
ATOM   49   N N   . GLU A 1 8   ? 17.849  7.882   0.380   1.00 37.88 ? 28  GLU A N   1 
ATOM   50   C CA  . GLU A 1 8   ? 17.720  8.835   1.472   1.00 30.19 ? 28  GLU A CA  1 
ATOM   51   C C   . GLU A 1 8   ? 16.348  9.508   1.486   1.00 33.76 ? 28  GLU A C   1 
ATOM   52   O O   . GLU A 1 8   ? 15.805  9.791   2.555   1.00 32.08 ? 28  GLU A O   1 
ATOM   53   C CB  . GLU A 1 8   ? 18.827  9.895   1.385   1.00 38.44 ? 28  GLU A CB  1 
ATOM   54   C CG  . GLU A 1 8   ? 20.196  9.425   1.858   1.00 46.64 ? 28  GLU A CG  1 
ATOM   55   C CD  . GLU A 1 8   ? 21.248  10.515  1.792   1.00 55.04 ? 28  GLU A CD  1 
ATOM   56   O OE1 . GLU A 1 8   ? 21.615  10.899  0.663   1.00 49.03 ? 28  GLU A OE1 1 
ATOM   57   O OE2 . GLU A 1 8   ? 21.700  10.987  2.865   1.00 48.96 ? 28  GLU A OE2 1 
ATOM   58   N N   . LEU A 1 9   ? 15.780  9.807   0.310   1.00 35.01 ? 29  LEU A N   1 
ATOM   59   C CA  . LEU A 1 9   ? 14.453  10.418  0.303   1.00 31.31 ? 29  LEU A CA  1 
ATOM   60   C C   . LEU A 1 9   ? 13.369  9.411   0.712   1.00 29.81 ? 29  LEU A C   1 
ATOM   61   O O   . LEU A 1 9   ? 12.393  9.775   1.380   1.00 28.40 ? 29  LEU A O   1 
ATOM   62   C CB  . LEU A 1 9   ? 14.163  10.996  -1.073  1.00 33.19 ? 29  LEU A CB  1 
ATOM   63   C CG  . LEU A 1 9   ? 14.880  12.320  -1.348  1.00 38.74 ? 29  LEU A CG  1 
ATOM   64   C CD1 . LEU A 1 9   ? 14.990  12.522  -2.826  1.00 33.57 ? 29  LEU A CD1 1 
ATOM   65   C CD2 . LEU A 1 9   ? 14.091  13.425  -0.709  1.00 34.92 ? 29  LEU A CD2 1 
ATOM   66   N N   . LYS A 1 10  ? 13.514  8.146   0.310   1.00 34.71 ? 30  LYS A N   1 
ATOM   67   C CA  . LYS A 1 10  ? 12.598  7.129   0.825   1.00 33.63 ? 30  LYS A CA  1 
ATOM   68   C C   . LYS A 1 10  ? 12.629  7.108   2.346   1.00 31.83 ? 30  LYS A C   1 
ATOM   69   O O   . LYS A 1 10  ? 11.583  7.164   3.010   1.00 32.93 ? 30  LYS A O   1 
ATOM   70   C CB  . LYS A 1 10  ? 12.955  5.754   0.245   1.00 31.90 ? 30  LYS A CB  1 
ATOM   71   C CG  . LYS A 1 10  ? 11.989  4.652   0.726   1.00 35.39 ? 30  LYS A CG  1 
ATOM   72   C CD  . LYS A 1 10  ? 12.580  3.286   0.507   1.00 40.54 ? 30  LYS A CD  1 
ATOM   73   C CE  . LYS A 1 10  ? 13.245  2.768   1.745   1.00 51.12 ? 30  LYS A CE  1 
ATOM   74   N NZ  . LYS A 1 10  ? 13.387  1.292   1.600   1.00 47.14 ? 30  LYS A NZ  1 
ATOM   75   N N   . GLU A 1 11  ? 13.832  7.086   2.929   1.00 35.66 ? 31  GLU A N   1 
ATOM   76   C CA  . GLU A 1 11  ? 13.920  7.153   4.384   1.00 38.27 ? 31  GLU A CA  1 
ATOM   77   C C   . GLU A 1 11  ? 13.209  8.382   4.933   1.00 37.57 ? 31  GLU A C   1 
ATOM   78   O O   . GLU A 1 11  ? 12.488  8.301   5.929   1.00 33.85 ? 31  GLU A O   1 
ATOM   79   C CB  . GLU A 1 11  ? 15.381  7.139   4.823   1.00 47.16 ? 31  GLU A CB  1 
ATOM   80   C CG  . GLU A 1 11  ? 16.117  5.858   4.492   1.00 50.98 ? 31  GLU A CG  1 
ATOM   81   C CD  . GLU A 1 11  ? 17.562  5.900   4.958   1.00 55.15 ? 31  GLU A CD  1 
ATOM   82   O OE1 . GLU A 1 11  ? 18.006  6.977   5.423   1.00 61.29 ? 31  GLU A OE1 1 
ATOM   83   O OE2 . GLU A 1 11  ? 18.249  4.867   4.850   1.00 60.21 ? 31  GLU A OE2 1 
ATOM   84   N N   . GLN A 1 12  ? 13.369  9.533   4.279   1.00 34.97 ? 32  GLN A N   1 
ATOM   85   C CA  . GLN A 1 12  ? 12.697  10.721  4.779   1.00 31.43 ? 32  GLN A CA  1 
ATOM   86   C C   . GLN A 1 12  ? 11.176  10.629  4.639   1.00 27.39 ? 32  GLN A C   1 
ATOM   87   O O   . GLN A 1 12  ? 10.435  11.058  5.539   1.00 30.12 ? 32  GLN A O   1 
ATOM   88   C CB  . GLN A 1 12  ? 13.235  11.958  4.056   1.00 37.16 ? 32  GLN A CB  1 
ATOM   89   C CG  . GLN A 1 12  ? 12.522  13.218  4.475   1.00 39.81 ? 32  GLN A CG  1 
ATOM   90   C CD  . GLN A 1 12  ? 13.138  14.477  3.886   1.00 49.61 ? 32  GLN A CD  1 
ATOM   91   O OE1 . GLN A 1 12  ? 13.753  14.446  2.822   1.00 45.01 ? 32  GLN A OE1 1 
ATOM   92   N NE2 . GLN A 1 12  ? 12.992  15.589  4.596   1.00 59.96 ? 32  GLN A NE2 1 
ATOM   93   N N   . GLY A 1 13  ? 10.670  10.112  3.518   1.00 28.27 ? 33  GLY A N   1 
ATOM   94   C CA  . GLY A 1 13  ? 9.229   9.960   3.431   1.00 33.87 ? 33  GLY A CA  1 
ATOM   95   C C   . GLY A 1 13  ? 8.693   8.988   4.466   1.00 30.31 ? 33  GLY A C   1 
ATOM   96   O O   . GLY A 1 13  ? 7.623   9.212   5.042   1.00 29.92 ? 33  GLY A O   1 
ATOM   97   N N   . ASN A 1 14  ? 9.438   7.908   4.729   1.00 32.64 ? 34  ASN A N   1 
ATOM   98   C CA  . ASN A 1 14  ? 9.049   6.980   5.790   1.00 34.08 ? 34  ASN A CA  1 
ATOM   99   C C   . ASN A 1 14  ? 8.873   7.731   7.108   1.00 35.57 ? 34  ASN A C   1 
ATOM   100  O O   . ASN A 1 14  ? 7.841   7.611   7.776   1.00 32.72 ? 34  ASN A O   1 
ATOM   101  C CB  . ASN A 1 14  ? 10.088  5.845   5.912   1.00 33.13 ? 34  ASN A CB  1 
ATOM   102  C CG  . ASN A 1 14  ? 10.058  4.816   4.746   1.00 35.24 ? 34  ASN A CG  1 
ATOM   103  O OD1 . ASN A 1 14  ? 9.404   4.994   3.705   1.00 30.55 ? 34  ASN A OD1 1 
ATOM   104  N ND2 . ASN A 1 14  ? 10.826  3.741   4.914   1.00 34.49 ? 34  ASN A ND2 1 
ATOM   105  N N   . ARG A 1 15  ? 9.846   8.581   7.469   1.00 33.91 ? 35  ARG A N   1 
ATOM   106  C CA  . ARG A 1 15  ? 9.719   9.344   8.713   1.00 34.64 ? 35  ARG A CA  1 
ATOM   107  C C   . ARG A 1 15  ? 8.530   10.297  8.675   1.00 32.44 ? 35  ARG A C   1 
ATOM   108  O O   . ARG A 1 15  ? 7.856   10.505  9.693   1.00 34.97 ? 35  ARG A O   1 
ATOM   109  C CB  . ARG A 1 15  ? 11.014  10.111  9.007   1.00 42.80 ? 35  ARG A CB  1 
ATOM   110  C CG  . ARG A 1 15  ? 12.172  9.197   9.439   1.00 39.69 ? 35  ARG A CG  1 
ATOM   111  C CD  . ARG A 1 15  ? 13.397  10.001  9.889   1.00 45.08 ? 35  ARG A CD  1 
ATOM   112  N NE  . ARG A 1 15  ? 13.957  10.818  8.812   1.00 47.12 ? 35  ARG A NE  1 
ATOM   113  C CZ  . ARG A 1 15  ? 14.866  10.388  7.942   1.00 53.09 ? 35  ARG A CZ  1 
ATOM   114  N NH1 . ARG A 1 15  ? 15.316  11.196  6.989   1.00 52.45 ? 35  ARG A NH1 1 
ATOM   115  N NH2 . ARG A 1 15  ? 15.325  9.146   8.022   1.00 53.82 ? 35  ARG A NH2 1 
ATOM   116  N N   . LEU A 1 16  ? 8.265   10.897  7.513   1.00 31.73 ? 36  LEU A N   1 
ATOM   117  C CA  . LEU A 1 16  ? 7.116   11.794  7.379   1.00 29.03 ? 36  LEU A CA  1 
ATOM   118  C C   . LEU A 1 16  ? 5.789   11.050  7.503   1.00 32.97 ? 36  LEU A C   1 
ATOM   119  O O   . LEU A 1 16  ? 4.816   11.582  8.059   1.00 30.35 ? 36  LEU A O   1 
ATOM   120  C CB  . LEU A 1 16  ? 7.191   12.516  6.035   1.00 29.63 ? 36  LEU A CB  1 
ATOM   121  C CG  . LEU A 1 16  ? 8.191   13.672  6.043   1.00 37.79 ? 36  LEU A CG  1 
ATOM   122  C CD1 . LEU A 1 16  ? 8.356   14.156  4.650   1.00 33.92 ? 36  LEU A CD1 1 
ATOM   123  C CD2 . LEU A 1 16  ? 7.715   14.812  6.952   1.00 36.57 ? 36  LEU A CD2 1 
ATOM   124  N N   . PHE A 1 17  ? 5.706   9.840   6.940   1.00 30.53 ? 37  PHE A N   1 
ATOM   125  C CA  . PHE A 1 17  ? 4.500   9.046   7.142   1.00 28.78 ? 37  PHE A CA  1 
ATOM   126  C C   . PHE A 1 17  ? 4.276   8.780   8.625   1.00 31.04 ? 37  PHE A C   1 
ATOM   127  O O   . PHE A 1 17  ? 3.171   8.964   9.136   1.00 29.35 ? 37  PHE A O   1 
ATOM   128  C CB  . PHE A 1 17  ? 4.583   7.722   6.375   1.00 27.77 ? 37  PHE A CB  1 
ATOM   129  C CG  . PHE A 1 17  ? 3.307   6.913   6.444   1.00 27.22 ? 37  PHE A CG  1 
ATOM   130  C CD1 . PHE A 1 17  ? 3.045   6.095   7.537   1.00 28.18 ? 37  PHE A CD1 1 
ATOM   131  C CD2 . PHE A 1 17  ? 2.366   6.982   5.422   1.00 27.21 ? 37  PHE A CD2 1 
ATOM   132  C CE1 . PHE A 1 17  ? 1.864   5.358   7.618   1.00 25.36 ? 37  PHE A CE1 1 
ATOM   133  C CE2 . PHE A 1 17  ? 1.186   6.240   5.500   1.00 25.73 ? 37  PHE A CE2 1 
ATOM   134  C CZ  . PHE A 1 17  ? 0.943   5.433   6.608   1.00 27.20 ? 37  PHE A CZ  1 
ATOM   135  N N   . VAL A 1 18  ? 5.322   8.339   9.332   1.00 29.88 ? 38  VAL A N   1 
ATOM   136  C CA  . VAL A 1 18  ? 5.163   8.007   10.743  1.00 38.83 ? 38  VAL A CA  1 
ATOM   137  C C   . VAL A 1 18  ? 4.805   9.259   11.518  1.00 39.91 ? 38  VAL A C   1 
ATOM   138  O O   . VAL A 1 18  ? 4.035   9.201   12.478  1.00 34.10 ? 38  VAL A O   1 
ATOM   139  C CB  . VAL A 1 18  ? 6.433   7.326   11.304  1.00 37.87 ? 38  VAL A CB  1 
ATOM   140  C CG1 . VAL A 1 18  ? 6.240   6.950   12.788  1.00 44.47 ? 38  VAL A CG1 1 
ATOM   141  C CG2 . VAL A 1 18  ? 6.798   6.090   10.500  1.00 42.00 ? 38  VAL A CG2 1 
ATOM   142  N N   . GLY A 1 19  ? 5.289   10.424  11.063  1.00 37.66 ? 39  GLY A N   1 
ATOM   143  C CA  . GLY A 1 19  ? 4.882   11.697  11.616  1.00 37.93 ? 39  GLY A CA  1 
ATOM   144  C C   . GLY A 1 19  ? 3.512   12.189  11.207  1.00 37.86 ? 39  GLY A C   1 
ATOM   145  O O   . GLY A 1 19  ? 3.147   13.300  11.579  1.00 36.13 ? 39  GLY A O   1 
ATOM   146  N N   A ARG A 1 20  ? 2.720   11.395  10.480  0.35 35.47 ? 40  ARG A N   1 
ATOM   147  N N   B ARG A 1 20  ? 2.767   11.398  10.419  0.65 35.47 ? 40  ARG A N   1 
ATOM   148  C CA  A ARG A 1 20  ? 1.363   11.744  10.037  0.35 35.59 ? 40  ARG A CA  1 
ATOM   149  C CA  B ARG A 1 20  ? 1.397   11.706  9.983   0.65 35.68 ? 40  ARG A CA  1 
ATOM   150  C C   A ARG A 1 20  ? 1.335   12.919  9.051   0.35 33.66 ? 40  ARG A C   1 
ATOM   151  C C   B ARG A 1 20  ? 1.340   12.921  9.052   0.65 33.61 ? 40  ARG A C   1 
ATOM   152  O O   A ARG A 1 20  ? 0.308   13.600  8.921   0.35 35.18 ? 40  ARG A O   1 
ATOM   153  O O   B ARG A 1 20  ? 0.314   13.606  8.944   0.65 35.23 ? 40  ARG A O   1 
ATOM   154  C CB  A ARG A 1 20  ? 0.423   12.048  11.218  0.35 34.60 ? 40  ARG A CB  1 
ATOM   155  C CB  B ARG A 1 20  ? 0.462   11.878  11.182  0.65 34.49 ? 40  ARG A CB  1 
ATOM   156  C CG  A ARG A 1 20  ? 0.610   11.203  12.496  0.35 39.42 ? 40  ARG A CG  1 
ATOM   157  C CG  B ARG A 1 20  ? 0.840   10.957  12.349  0.65 40.14 ? 40  ARG A CG  1 
ATOM   158  C CD  A ARG A 1 20  ? 0.137   9.766   12.348  0.35 38.30 ? 40  ARG A CD  1 
ATOM   159  C CD  B ARG A 1 20  ? -0.285  10.102  12.805  0.65 39.51 ? 40  ARG A CD  1 
ATOM   160  N NE  A ARG A 1 20  ? -0.222  9.171   13.642  0.35 33.34 ? 40  ARG A NE  1 
ATOM   161  N NE  B ARG A 1 20  ? 0.115   9.244   13.920  0.65 32.15 ? 40  ARG A NE  1 
ATOM   162  C CZ  A ARG A 1 20  ? 0.605   8.458   14.399  0.35 26.90 ? 40  ARG A CZ  1 
ATOM   163  C CZ  B ARG A 1 20  ? -0.760  8.609   14.684  0.65 24.11 ? 40  ARG A CZ  1 
ATOM   164  N NH1 A ARG A 1 20  ? 1.854   8.240   14.006  0.35 23.95 ? 40  ARG A NH1 1 
ATOM   165  N NH1 B ARG A 1 20  ? -2.055  8.744   14.429  0.65 23.84 ? 40  ARG A NH1 1 
ATOM   166  N NH2 A ARG A 1 20  ? 0.185   7.964   15.560  0.35 25.45 ? 40  ARG A NH2 1 
ATOM   167  N NH2 B ARG A 1 20  ? -0.351  7.847   15.694  0.65 26.66 ? 40  ARG A NH2 1 
ATOM   168  N N   . LYS A 1 21  ? 2.425   13.170  8.323   1.00 33.64 ? 41  LYS A N   1 
ATOM   169  C CA  . LYS A 1 21  ? 2.456   14.232  7.313   1.00 34.59 ? 41  LYS A CA  1 
ATOM   170  C C   . LYS A 1 21  ? 2.344   13.576  5.931   1.00 27.55 ? 41  LYS A C   1 
ATOM   171  O O   . LYS A 1 21  ? 3.324   13.410  5.204   1.00 28.31 ? 41  LYS A O   1 
ATOM   172  C CB  . LYS A 1 21  ? 3.727   15.044  7.467   1.00 30.81 ? 41  LYS A CB  1 
ATOM   173  C CG  . LYS A 1 21  ? 3.767   15.824  8.843   1.00 36.13 ? 41  LYS A CG  1 
ATOM   174  C CD  . LYS A 1 21  ? 4.918   16.798  8.919   1.00 50.89 ? 41  LYS A CD  1 
ATOM   175  C CE  . LYS A 1 21  ? 4.826   17.667  10.167  1.00 60.07 ? 41  LYS A CE  1 
ATOM   176  N NZ  . LYS A 1 21  ? 6.011   18.566  10.314  1.00 67.95 ? 41  LYS A NZ  1 
ATOM   177  N N   . TYR A 1 22  ? 1.119   13.254  5.551   1.00 24.78 ? 42  TYR A N   1 
ATOM   178  C CA  . TYR A 1 22  ? 0.967   12.345  4.406   1.00 29.10 ? 42  TYR A CA  1 
ATOM   179  C C   . TYR A 1 22  ? 1.176   13.026  3.056   1.00 34.61 ? 42  TYR A C   1 
ATOM   180  O O   . TYR A 1 22  ? 1.859   12.440  2.216   1.00 25.68 ? 42  TYR A O   1 
ATOM   181  C CB  . TYR A 1 22  ? -0.393  11.641  4.443   1.00 28.00 ? 42  TYR A CB  1 
ATOM   182  C CG  . TYR A 1 22  ? -0.599  10.865  5.737   1.00 25.76 ? 42  TYR A CG  1 
ATOM   183  C CD1 . TYR A 1 22  ? 0.271   9.835   6.105   1.00 24.93 ? 42  TYR A CD1 1 
ATOM   184  C CD2 . TYR A 1 22  ? -1.648  11.160  6.595   1.00 30.19 ? 42  TYR A CD2 1 
ATOM   185  C CE1 . TYR A 1 22  ? 0.103   9.110   7.341   1.00 22.93 ? 42  TYR A CE1 1 
ATOM   186  C CE2 . TYR A 1 22  ? -1.828  10.447  7.808   1.00 30.46 ? 42  TYR A CE2 1 
ATOM   187  C CZ  . TYR A 1 22  ? -0.957  9.429   8.169   1.00 29.26 ? 42  TYR A CZ  1 
ATOM   188  O OH  . TYR A 1 22  ? -1.167  8.731   9.361   1.00 30.86 ? 42  TYR A OH  1 
ATOM   189  N N   . PRO A 1 23  ? 0.640   14.233  2.782   1.00 29.15 ? 43  PRO A N   1 
ATOM   190  C CA  . PRO A 1 23  ? 0.990   14.883  1.502   1.00 30.11 ? 43  PRO A CA  1 
ATOM   191  C C   . PRO A 1 23  ? 2.469   15.162  1.371   1.00 27.62 ? 43  PRO A C   1 
ATOM   192  O O   . PRO A 1 23  ? 3.033   15.044  0.278   1.00 27.76 ? 43  PRO A O   1 
ATOM   193  C CB  . PRO A 1 23  ? 0.185   16.192  1.537   1.00 33.42 ? 43  PRO A CB  1 
ATOM   194  C CG  . PRO A 1 23  ? -0.935  15.909  2.501   1.00 36.87 ? 43  PRO A CG  1 
ATOM   195  C CD  . PRO A 1 23  ? -0.308  15.064  3.562   1.00 33.71 ? 43  PRO A CD  1 
ATOM   196  N N   . GLU A 1 24  ? 3.113   15.569  2.463   1.00 27.43 ? 44  GLU A N   1 
ATOM   197  C CA  . GLU A 1 24  ? 4.557   15.758  2.434   1.00 26.61 ? 44  GLU A CA  1 
ATOM   198  C C   . GLU A 1 24  ? 5.287   14.447  2.167   1.00 25.80 ? 44  GLU A C   1 
ATOM   199  O O   . GLU A 1 24  ? 6.263   14.415  1.420   1.00 25.89 ? 44  GLU A O   1 
ATOM   200  C CB  . GLU A 1 24  ? 5.023   16.324  3.764   1.00 30.01 ? 44  GLU A CB  1 
ATOM   201  C CG  . GLU A 1 24  ? 4.518   17.753  4.028   1.00 34.62 ? 44  GLU A CG  1 
ATOM   202  C CD  . GLU A 1 24  ? 3.102   17.869  4.639   1.00 46.28 ? 44  GLU A CD  1 
ATOM   203  O OE1 . GLU A 1 24  ? 2.369   16.866  4.860   1.00 34.16 ? 44  GLU A OE1 1 
ATOM   204  O OE2 . GLU A 1 24  ? 2.717   19.023  4.916   1.00 53.43 ? 44  GLU A OE2 1 
ATOM   205  N N   . ALA A 1 25  ? 4.900   13.390  2.871   1.00 24.49 ? 45  ALA A N   1 
ATOM   206  C CA  . ALA A 1 25  ? 5.519   12.087  2.623   1.00 27.65 ? 45  ALA A CA  1 
ATOM   207  C C   . ALA A 1 25  ? 5.367   11.698  1.156   1.00 24.24 ? 45  ALA A C   1 
ATOM   208  O O   . ALA A 1 25  ? 6.327   11.280  0.514   1.00 24.98 ? 45  ALA A O   1 
ATOM   209  C CB  . ALA A 1 25  ? 4.918   11.021  3.547   1.00 26.21 ? 45  ALA A CB  1 
ATOM   210  N N   . ALA A 1 26  ? 4.157   11.822  0.623   1.00 23.22 ? 46  ALA A N   1 
ATOM   211  C CA  . ALA A 1 26  ? 3.913   11.460  -0.765  1.00 23.46 ? 46  ALA A CA  1 
ATOM   212  C C   . ALA A 1 26  ? 4.819   12.247  -1.699  1.00 26.25 ? 46  ALA A C   1 
ATOM   213  O O   . ALA A 1 26  ? 5.416   11.675  -2.603  1.00 23.69 ? 46  ALA A O   1 
ATOM   214  C CB  . ALA A 1 26  ? 2.448   11.677  -1.114  1.00 26.03 ? 46  ALA A CB  1 
ATOM   215  N N   . ALA A 1 27  ? 4.989   13.555  -1.456  1.00 24.71 ? 47  ALA A N   1 
ATOM   216  C CA  . ALA A 1 27  ? 5.910   14.315  -2.315  1.00 26.54 ? 47  ALA A CA  1 
ATOM   217  C C   . ALA A 1 27  ? 7.353   13.827  -2.178  1.00 26.58 ? 47  ALA A C   1 
ATOM   218  O O   . ALA A 1 27  ? 8.112   13.843  -3.162  1.00 25.31 ? 47  ALA A O   1 
ATOM   219  C CB  . ALA A 1 27  ? 5.821   15.817  -1.998  1.00 31.16 ? 47  ALA A CB  1 
ATOM   220  N N   A CYS A 1 28  ? 7.771   13.425  -0.961  0.52 28.31 ? 48  CYS A N   1 
ATOM   221  N N   B CYS A 1 28  ? 7.749   13.383  -0.982  0.48 28.31 ? 48  CYS A N   1 
ATOM   222  C CA  A CYS A 1 28  ? 9.120   12.880  -0.787  0.52 26.34 ? 48  CYS A CA  1 
ATOM   223  C CA  B CYS A 1 28  ? 9.112   12.903  -0.819  0.48 26.35 ? 48  CYS A CA  1 
ATOM   224  C C   A CYS A 1 28  ? 9.320   11.647  -1.657  0.52 24.82 ? 48  CYS A C   1 
ATOM   225  C C   B CYS A 1 28  ? 9.344   11.620  -1.608  0.48 24.81 ? 48  CYS A C   1 
ATOM   226  O O   A CYS A 1 28  ? 10.339  11.514  -2.345  0.52 22.93 ? 48  CYS A O   1 
ATOM   227  O O   B CYS A 1 28  ? 10.423  11.425  -2.182  0.48 22.97 ? 48  CYS A O   1 
ATOM   228  C CB  A CYS A 1 28  ? 9.384   12.520  0.676   0.52 25.76 ? 48  CYS A CB  1 
ATOM   229  C CB  B CYS A 1 28  ? 9.411   12.674  0.648   0.48 25.87 ? 48  CYS A CB  1 
ATOM   230  S SG  A CYS A 1 28  ? 9.870   13.891  1.726   0.52 30.37 ? 48  CYS A SG  1 
ATOM   231  S SG  B CYS A 1 28  ? 11.133  12.698  0.907   0.48 30.51 ? 48  CYS A SG  1 
ATOM   232  N N   . TYR A 1 29  ? 8.349   10.732  -1.640  1.00 26.45 ? 49  TYR A N   1 
ATOM   233  C CA  . TYR A 1 29  ? 8.443   9.548   -2.487  1.00 22.28 ? 49  TYR A CA  1 
ATOM   234  C C   . TYR A 1 29  ? 8.493   9.933   -3.963  1.00 24.71 ? 49  TYR A C   1 
ATOM   235  O O   . TYR A 1 29  ? 9.239   9.322   -4.729  1.00 23.54 ? 49  TYR A O   1 
ATOM   236  C CB  . TYR A 1 29  ? 7.269   8.606   -2.214  1.00 23.64 ? 49  TYR A CB  1 
ATOM   237  C CG  . TYR A 1 29  ? 7.302   8.021   -0.817  1.00 21.36 ? 49  TYR A CG  1 
ATOM   238  C CD1 . TYR A 1 29  ? 8.454   7.434   -0.316  1.00 23.73 ? 49  TYR A CD1 1 
ATOM   239  C CD2 . TYR A 1 29  ? 6.208   8.142   0.026   1.00 23.95 ? 49  TYR A CD2 1 
ATOM   240  C CE1 . TYR A 1 29  ? 8.492   6.926   0.986   1.00 24.86 ? 49  TYR A CE1 1 
ATOM   241  C CE2 . TYR A 1 29  ? 6.228   7.624   1.312   1.00 23.81 ? 49  TYR A CE2 1 
ATOM   242  C CZ  . TYR A 1 29  ? 7.384   7.020   1.779   1.00 26.22 ? 49  TYR A CZ  1 
ATOM   243  O OH  . TYR A 1 29  ? 7.422   6.512   3.059   1.00 29.05 ? 49  TYR A OH  1 
ATOM   244  N N   . GLY A 1 30  ? 7.760   10.982  -4.376  1.00 23.31 ? 50  GLY A N   1 
ATOM   245  C CA  . GLY A 1 30  ? 7.897   11.460  -5.751  1.00 22.50 ? 50  GLY A CA  1 
ATOM   246  C C   . GLY A 1 30  ? 9.309   11.938  -6.072  1.00 22.41 ? 50  GLY A C   1 
ATOM   247  O O   . GLY A 1 30  ? 9.808   11.730  -7.179  1.00 22.68 ? 50  GLY A O   1 
ATOM   248  N N   . ARG A 1 31  ? 9.968   12.587  -5.105  1.00 23.45 ? 51  ARG A N   1 
ATOM   249  C CA  . ARG A 1 31  ? 11.359  12.998  -5.301  1.00 24.10 ? 51  ARG A CA  1 
ATOM   250  C C   . ARG A 1 31  ? 12.296  11.795  -5.389  1.00 26.28 ? 51  ARG A C   1 
ATOM   251  O O   . ARG A 1 31  ? 13.268  11.816  -6.159  1.00 22.30 ? 51  ARG A O   1 
ATOM   252  C CB  . ARG A 1 31  ? 11.771  13.943  -4.167  1.00 25.04 ? 51  ARG A CB  1 
ATOM   253  C CG  . ARG A 1 31  ? 10.926  15.248  -4.159  1.00 24.01 ? 51  ARG A CG  1 
ATOM   254  C CD  . ARG A 1 31  ? 11.242  16.138  -2.955  1.00 31.21 ? 51  ARG A CD  1 
ATOM   255  N NE  . ARG A 1 31  ? 12.633  16.533  -2.931  1.00 29.53 ? 51  ARG A NE  1 
ATOM   256  C CZ  . ARG A 1 31  ? 13.291  16.936  -1.845  1.00 32.92 ? 51  ARG A CZ  1 
ATOM   257  N NH1 . ARG A 1 31  ? 12.679  16.977  -0.671  1.00 45.19 ? 51  ARG A NH1 1 
ATOM   258  N NH2 . ARG A 1 31  ? 14.578  17.275  -1.933  1.00 31.97 ? 51  ARG A NH2 1 
ATOM   259  N N   . ALA A 1 32  ? 12.022  10.734  -4.611  1.00 25.45 ? 52  ALA A N   1 
ATOM   260  C CA  . ALA A 1 32  ? 12.800  9.505   -4.782  1.00 25.69 ? 52  ALA A CA  1 
ATOM   261  C C   . ALA A 1 32  ? 12.606  8.929   -6.182  1.00 26.93 ? 52  ALA A C   1 
ATOM   262  O O   . ALA A 1 32  ? 13.570  8.500   -6.834  1.00 26.09 ? 52  ALA A O   1 
ATOM   263  C CB  . ALA A 1 32  ? 12.406  8.445   -3.724  1.00 21.08 ? 52  ALA A CB  1 
ATOM   264  N N   . ILE A 1 33  ? 11.361  8.910   -6.654  1.00 22.81 ? 53  ILE A N   1 
ATOM   265  C CA  . ILE A 1 33  ? 11.049  8.394   -7.988  1.00 22.55 ? 53  ILE A CA  1 
ATOM   266  C C   . ILE A 1 33  ? 11.797  9.181   -9.070  1.00 23.62 ? 53  ILE A C   1 
ATOM   267  O O   . ILE A 1 33  ? 12.295  8.604   -10.046 1.00 24.80 ? 53  ILE A O   1 
ATOM   268  C CB  . ILE A 1 33  ? 9.512   8.409   -8.173  1.00 21.40 ? 53  ILE A CB  1 
ATOM   269  C CG1 . ILE A 1 33  ? 8.863   7.323   -7.291  1.00 23.06 ? 53  ILE A CG1 1 
ATOM   270  C CG2 . ILE A 1 33  ? 9.082   8.236   -9.642  1.00 23.91 ? 53  ILE A CG2 1 
ATOM   271  C CD1 . ILE A 1 33  ? 7.391   7.557   -7.027  1.00 23.12 ? 53  ILE A CD1 1 
ATOM   272  N N   . THR A 1 34  ? 11.898  10.509  -8.910  1.00 26.47 ? 54  THR A N   1 
ATOM   273  C CA  . THR A 1 34  ? 12.662  11.314  -9.870  1.00 24.04 ? 54  THR A CA  1 
ATOM   274  C C   . THR A 1 34  ? 14.086  10.809  -9.998  1.00 25.16 ? 54  THR A C   1 
ATOM   275  O O   . THR A 1 34  ? 14.642  10.745  -11.107 1.00 27.19 ? 54  THR A O   1 
ATOM   276  C CB  . THR A 1 34  ? 12.634  12.774  -9.423  1.00 24.42 ? 54  THR A CB  1 
ATOM   277  O OG1 . THR A 1 34  ? 11.290  13.217  -9.524  1.00 25.41 ? 54  THR A OG1 1 
ATOM   278  C CG2 . THR A 1 34  ? 13.543  13.669  -10.281 1.00 27.92 ? 54  THR A CG2 1 
ATOM   279  N N   . ARG A 1 35  ? 14.694  10.429  -8.866  1.00 24.29 ? 55  ARG A N   1 
ATOM   280  C CA  . ARG A 1 35  ? 16.059  9.904   -8.910  1.00 31.03 ? 55  ARG A CA  1 
ATOM   281  C C   . ARG A 1 35  ? 16.116  8.473   -9.443  1.00 28.46 ? 55  ARG A C   1 
ATOM   282  O O   . ARG A 1 35  ? 17.040  8.122   -10.193 1.00 30.88 ? 55  ARG A O   1 
ATOM   283  C CB  . ARG A 1 35  ? 16.683  9.997   -7.520  1.00 30.57 ? 55  ARG A CB  1 
ATOM   284  C CG  . ARG A 1 35  ? 16.940  11.433  -7.119  1.00 32.57 ? 55  ARG A CG  1 
ATOM   285  C CD  . ARG A 1 35  ? 16.841  11.603  -5.626  1.00 30.71 ? 55  ARG A CD  1 
ATOM   286  N NE  . ARG A 1 35  ? 17.268  12.925  -5.193  1.00 33.51 ? 55  ARG A NE  1 
ATOM   287  C CZ  . ARG A 1 35  ? 16.539  14.026  -5.358  1.00 44.20 ? 55  ARG A CZ  1 
ATOM   288  N NH1 . ARG A 1 35  ? 15.327  13.955  -5.933  1.00 30.55 ? 55  ARG A NH1 1 
ATOM   289  N NH2 . ARG A 1 35  ? 17.019  15.195  -4.955  1.00 35.66 ? 55  ARG A NH2 1 
ATOM   290  N N   . ASN A 1 36  ? 15.163  7.604   -9.059  1.00 26.04 ? 56  ASN A N   1 
ATOM   291  C CA  . ASN A 1 36  ? 15.158  6.217   -9.532  1.00 24.93 ? 56  ASN A CA  1 
ATOM   292  C C   . ASN A 1 36  ? 13.719  5.717   -9.631  1.00 26.49 ? 56  ASN A C   1 
ATOM   293  O O   . ASN A 1 36  ? 13.080  5.404   -8.602  1.00 25.27 ? 56  ASN A O   1 
ATOM   294  C CB  . ASN A 1 36  ? 15.978  5.298   -8.632  1.00 27.16 ? 56  ASN A CB  1 
ATOM   295  C CG  . ASN A 1 36  ? 16.159  3.896   -9.235  1.00 27.70 ? 56  ASN A CG  1 
ATOM   296  O OD1 . ASN A 1 36  ? 15.482  3.517   -10.202 1.00 29.19 ? 56  ASN A OD1 1 
ATOM   297  N ND2 . ASN A 1 36  ? 17.094  3.128   -8.669  1.00 33.74 ? 56  ASN A ND2 1 
ATOM   298  N N   . PRO A 1 37  ? 13.170  5.642   -10.829 1.00 26.28 ? 57  PRO A N   1 
ATOM   299  C CA  . PRO A 1 37  ? 11.764  5.265   -11.005 1.00 25.08 ? 57  PRO A CA  1 
ATOM   300  C C   . PRO A 1 37  ? 11.546  3.769   -11.176 1.00 26.01 ? 57  PRO A C   1 
ATOM   301  O O   . PRO A 1 37  ? 10.412  3.358   -11.434 1.00 28.48 ? 57  PRO A O   1 
ATOM   302  C CB  . PRO A 1 37  ? 11.387  6.029   -12.288 1.00 27.82 ? 57  PRO A CB  1 
ATOM   303  C CG  . PRO A 1 37  ? 12.673  6.012   -13.086 1.00 35.22 ? 57  PRO A CG  1 
ATOM   304  C CD  . PRO A 1 37  ? 13.776  6.176   -12.079 1.00 25.85 ? 57  PRO A CD  1 
ATOM   305  N N   . LEU A 1 38  ? 12.583  2.958   -10.942 1.00 26.93 ? 58  LEU A N   1 
ATOM   306  C CA  . LEU A 1 38  ? 12.514  1.505   -11.095 1.00 30.69 ? 58  LEU A CA  1 
ATOM   307  C C   . LEU A 1 38  ? 12.469  0.766   -9.763  1.00 34.64 ? 58  LEU A C   1 
ATOM   308  O O   . LEU A 1 38  ? 12.833  -0.426  -9.711  1.00 32.50 ? 58  LEU A O   1 
ATOM   309  C CB  . LEU A 1 38  ? 13.709  1.022   -11.911 1.00 31.75 ? 58  LEU A CB  1 
ATOM   310  C CG  . LEU A 1 38  ? 13.811  1.696   -13.287 1.00 33.16 ? 58  LEU A CG  1 
ATOM   311  C CD1 . LEU A 1 38  ? 14.912  1.077   -14.146 1.00 39.19 ? 58  LEU A CD1 1 
ATOM   312  C CD2 . LEU A 1 38  ? 12.475  1.636   -14.022 1.00 38.05 ? 58  LEU A CD2 1 
ATOM   313  N N   . VAL A 1 39  ? 12.027  1.429   -8.685  1.00 27.71 ? 59  VAL A N   1 
ATOM   314  C CA  . VAL A 1 39  ? 12.001  0.838   -7.347  1.00 25.18 ? 59  VAL A CA  1 
ATOM   315  C C   . VAL A 1 39  ? 10.553  0.735   -6.893  1.00 32.79 ? 59  VAL A C   1 
ATOM   316  O O   . VAL A 1 39  ? 9.912   1.750   -6.601  1.00 28.73 ? 59  VAL A O   1 
ATOM   317  C CB  . VAL A 1 39  ? 12.834  1.639   -6.339  1.00 27.31 ? 59  VAL A CB  1 
ATOM   318  C CG1 . VAL A 1 39  ? 12.869  0.911   -4.953  1.00 33.53 ? 59  VAL A CG1 1 
ATOM   319  C CG2 . VAL A 1 39  ? 14.246  1.872   -6.902  1.00 30.36 ? 59  VAL A CG2 1 
ATOM   320  N N   . ALA A 1 40  ? 10.041  -0.499  -6.784  1.00 32.72 ? 60  ALA A N   1 
ATOM   321  C CA  . ALA A 1 40  ? 8.608   -0.663  -6.577  1.00 33.09 ? 60  ALA A CA  1 
ATOM   322  C C   . ALA A 1 40  ? 8.149   -0.015  -5.278  1.00 24.99 ? 60  ALA A C   1 
ATOM   323  O O   . ALA A 1 40  ? 7.066   0.589   -5.243  1.00 31.39 ? 60  ALA A O   1 
ATOM   324  C CB  . ALA A 1 40  ? 8.233   -2.147  -6.604  1.00 35.64 ? 60  ALA A CB  1 
ATOM   325  N N   . VAL A 1 41  ? 8.960   -0.099  -4.221  1.00 24.41 ? 61  VAL A N   1 
ATOM   326  C CA  . VAL A 1 41  ? 8.487   0.295   -2.894  1.00 25.60 ? 61  VAL A CA  1 
ATOM   327  C C   . VAL A 1 41  ? 8.209   1.781   -2.851  1.00 29.17 ? 61  VAL A C   1 
ATOM   328  O O   . VAL A 1 41  ? 7.436   2.239   -2.006  1.00 24.87 ? 61  VAL A O   1 
ATOM   329  C CB  . VAL A 1 41  ? 9.473   -0.017  -1.753  1.00 31.91 ? 61  VAL A CB  1 
ATOM   330  C CG1 . VAL A 1 41  ? 8.779   -0.912  -0.691  1.00 46.10 ? 61  VAL A CG1 1 
ATOM   331  C CG2 . VAL A 1 41  ? 10.790  -0.544  -2.252  1.00 54.42 ? 61  VAL A CG2 1 
ATOM   332  N N   . TYR A 1 42  ? 8.888   2.579   -3.689  1.00 22.09 ? 62  TYR A N   1 
ATOM   333  C CA  . TYR A 1 42  ? 8.575   4.001   -3.640  1.00 21.44 ? 62  TYR A CA  1 
ATOM   334  C C   . TYR A 1 42  ? 7.110   4.229   -4.002  1.00 23.08 ? 62  TYR A C   1 
ATOM   335  O O   . TYR A 1 42  ? 6.422   5.038   -3.365  1.00 23.67 ? 62  TYR A O   1 
ATOM   336  C CB  . TYR A 1 42  ? 9.468   4.831   -4.589  1.00 23.26 ? 62  TYR A CB  1 
ATOM   337  C CG  . TYR A 1 42  ? 10.971  4.716   -4.402  1.00 24.95 ? 62  TYR A CG  1 
ATOM   338  C CD1 . TYR A 1 42  ? 11.528  4.176   -3.254  1.00 27.50 ? 62  TYR A CD1 1 
ATOM   339  C CD2 . TYR A 1 42  ? 11.835  5.192   -5.370  1.00 25.75 ? 62  TYR A CD2 1 
ATOM   340  C CE1 . TYR A 1 42  ? 12.903  4.069   -3.105  1.00 27.83 ? 62  TYR A CE1 1 
ATOM   341  C CE2 . TYR A 1 42  ? 13.205  5.084   -5.235  1.00 24.87 ? 62  TYR A CE2 1 
ATOM   342  C CZ  . TYR A 1 42  ? 13.735  4.495   -4.111  1.00 28.09 ? 62  TYR A CZ  1 
ATOM   343  O OH  . TYR A 1 42  ? 15.106  4.403   -3.966  1.00 31.27 ? 62  TYR A OH  1 
ATOM   344  N N   . TYR A 1 43  ? 6.608   3.488   -4.997  1.00 23.03 ? 63  TYR A N   1 
ATOM   345  C CA  . TYR A 1 43  ? 5.222   3.639   -5.415  1.00 24.29 ? 63  TYR A CA  1 
ATOM   346  C C   . TYR A 1 43  ? 4.270   3.065   -4.377  1.00 22.58 ? 63  TYR A C   1 
ATOM   347  O O   . TYR A 1 43  ? 3.244   3.679   -4.079  1.00 27.61 ? 63  TYR A O   1 
ATOM   348  C CB  . TYR A 1 43  ? 4.986   2.972   -6.781  1.00 26.74 ? 63  TYR A CB  1 
ATOM   349  C CG  . TYR A 1 43  ? 5.873   3.485   -7.907  1.00 24.35 ? 63  TYR A CG  1 
ATOM   350  C CD1 . TYR A 1 43  ? 5.591   4.692   -8.558  1.00 23.96 ? 63  TYR A CD1 1 
ATOM   351  C CD2 . TYR A 1 43  ? 7.001   2.764   -8.308  1.00 26.59 ? 63  TYR A CD2 1 
ATOM   352  C CE1 . TYR A 1 43  ? 6.407   5.177   -9.588  1.00 26.34 ? 63  TYR A CE1 1 
ATOM   353  C CE2 . TYR A 1 43  ? 7.809   3.237   -9.323  1.00 24.87 ? 63  TYR A CE2 1 
ATOM   354  C CZ  . TYR A 1 43  ? 7.515   4.451   -9.942  1.00 26.94 ? 63  TYR A CZ  1 
ATOM   355  O OH  . TYR A 1 43  ? 8.319   4.889   -10.955 1.00 28.85 ? 63  TYR A OH  1 
ATOM   356  N N   A THR A 1 44  ? 4.596   1.914   -3.801  0.30 24.55 ? 64  THR A N   1 
ATOM   357  N N   B THR A 1 44  ? 4.551   1.861   -3.840  0.70 24.53 ? 64  THR A N   1 
ATOM   358  C CA  A THR A 1 44  ? 3.683   1.343   -2.822  0.30 24.43 ? 64  THR A CA  1 
ATOM   359  C CA  B THR A 1 44  ? 3.642   1.356   -2.803  0.70 24.40 ? 64  THR A CA  1 
ATOM   360  C C   A THR A 1 44  ? 3.692   2.125   -1.506  0.30 25.61 ? 64  THR A C   1 
ATOM   361  C C   B THR A 1 44  ? 3.637   2.278   -1.588  0.70 25.66 ? 64  THR A C   1 
ATOM   362  O O   A THR A 1 44  ? 2.669   2.173   -0.814  0.30 25.32 ? 64  THR A O   1 
ATOM   363  O O   B THR A 1 44  ? 2.567   2.561   -1.040  0.70 25.08 ? 64  THR A O   1 
ATOM   364  C CB  A THR A 1 44  ? 4.023   -0.124  -2.622  0.30 25.32 ? 64  THR A CB  1 
ATOM   365  C CB  B THR A 1 44  ? 3.923   -0.096  -2.362  0.70 24.63 ? 64  THR A CB  1 
ATOM   366  O OG1 A THR A 1 44  ? 4.323   -0.692  -3.910  0.30 23.11 ? 64  THR A OG1 1 
ATOM   367  O OG1 B THR A 1 44  ? 5.196   -0.251  -1.695  0.70 23.96 ? 64  THR A OG1 1 
ATOM   368  C CG2 A THR A 1 44  ? 2.834   -0.839  -2.030  0.30 21.68 ? 64  THR A CG2 1 
ATOM   369  C CG2 B THR A 1 44  ? 3.792   -1.031  -3.551  0.70 28.37 ? 64  THR A CG2 1 
ATOM   370  N N   . ASN A 1 45  ? 4.807   2.771   -1.154  1.00 24.59 ? 65  ASN A N   1 
ATOM   371  C CA  . ASN A 1 45  ? 4.790   3.669   0.010   1.00 23.62 ? 65  ASN A CA  1 
ATOM   372  C C   . ASN A 1 45  ? 3.965   4.914   -0.286  1.00 23.74 ? 65  ASN A C   1 
ATOM   373  O O   . ASN A 1 45  ? 3.166   5.347   0.560   1.00 22.40 ? 65  ASN A O   1 
ATOM   374  C CB  . ASN A 1 45  ? 6.210   4.063   0.456   1.00 24.02 ? 65  ASN A CB  1 
ATOM   375  C CG  . ASN A 1 45  ? 6.950   2.904   1.128   1.00 34.71 ? 65  ASN A CG  1 
ATOM   376  O OD1 . ASN A 1 45  ? 6.401   1.811   1.241   1.00 28.30 ? 65  ASN A OD1 1 
ATOM   377  N ND2 . ASN A 1 45  ? 8.180   3.132   1.562   1.00 30.77 ? 65  ASN A ND2 1 
ATOM   378  N N   . ARG A 1 46  ? 4.080   5.453   -1.508  1.00 24.23 ? 66  ARG A N   1 
ATOM   379  C CA  . ARG A 1 46  ? 3.295   6.644   -1.849  1.00 22.08 ? 66  ARG A CA  1 
ATOM   380  C C   . ARG A 1 46  ? 1.813   6.313   -1.902  1.00 23.82 ? 66  ARG A C   1 
ATOM   381  O O   . ARG A 1 46  ? 0.976   7.113   -1.452  1.00 23.04 ? 66  ARG A O   1 
ATOM   382  C CB  . ARG A 1 46  ? 3.787   7.239   -3.169  1.00 22.00 ? 66  ARG A CB  1 
ATOM   383  C CG  . ARG A 1 46  ? 3.185   8.666   -3.415  1.00 24.24 ? 66  ARG A CG  1 
ATOM   384  C CD  . ARG A 1 46  ? 3.799   9.389   -4.631  1.00 21.62 ? 66  ARG A CD  1 
ATOM   385  N NE  . ARG A 1 46  ? 3.583   8.664   -5.882  1.00 22.15 ? 66  ARG A NE  1 
ATOM   386  C CZ  . ARG A 1 46  ? 4.010   9.089   -7.063  1.00 28.81 ? 66  ARG A CZ  1 
ATOM   387  N NH1 . ARG A 1 46  ? 4.653   10.258  -7.172  1.00 24.21 ? 66  ARG A NH1 1 
ATOM   388  N NH2 . ARG A 1 46  ? 3.786   8.349   -8.141  1.00 24.88 ? 66  ARG A NH2 1 
ATOM   389  N N   . ALA A 1 47  ? 1.462   5.096   -2.366  1.00 23.59 ? 67  ALA A N   1 
ATOM   390  C CA  . ALA A 1 47  ? 0.055   4.709   -2.372  1.00 21.91 ? 67  ALA A CA  1 
ATOM   391  C C   . ALA A 1 47  ? -0.533  4.675   -0.962  1.00 19.78 ? 67  ALA A C   1 
ATOM   392  O O   . ALA A 1 47  ? -1.717  4.980   -0.780  1.00 23.24 ? 67  ALA A O   1 
ATOM   393  C CB  . ALA A 1 47  ? -0.123  3.344   -3.038  1.00 24.29 ? 67  ALA A CB  1 
ATOM   394  N N   . LEU A 1 48  ? 0.247   4.274   0.046   1.00 22.40 ? 68  LEU A N   1 
ATOM   395  C CA  . LEU A 1 48  ? -0.286  4.327   1.398   1.00 19.88 ? 68  LEU A CA  1 
ATOM   396  C C   . LEU A 1 48  ? -0.549  5.768   1.827   1.00 24.61 ? 68  LEU A C   1 
ATOM   397  O O   . LEU A 1 48  ? -1.525  6.034   2.534   1.00 25.19 ? 68  LEU A O   1 
ATOM   398  C CB  . LEU A 1 48  ? 0.643   3.668   2.421   1.00 23.23 ? 68  LEU A CB  1 
ATOM   399  C CG  . LEU A 1 48  ? 1.192   2.250   2.332   1.00 32.55 ? 68  LEU A CG  1 
ATOM   400  C CD1 . LEU A 1 48  ? 1.465   1.619   3.671   1.00 25.60 ? 68  LEU A CD1 1 
ATOM   401  C CD2 . LEU A 1 48  ? 0.531   1.276   1.356   1.00 30.34 ? 68  LEU A CD2 1 
ATOM   402  N N   . CYS A 1 49  ? 0.308   6.701   1.412   1.00 23.07 ? 69  CYS A N   1 
ATOM   403  C CA  . CYS A 1 49  ? 0.044   8.112   1.698   1.00 25.66 ? 69  CYS A CA  1 
ATOM   404  C C   . CYS A 1 49  ? -1.259  8.547   1.047   1.00 25.59 ? 69  CYS A C   1 
ATOM   405  O O   . CYS A 1 49  ? -2.109  9.172   1.697   1.00 25.61 ? 69  CYS A O   1 
ATOM   406  C CB  . CYS A 1 49  ? 1.201   9.001   1.209   1.00 23.42 ? 69  CYS A CB  1 
ATOM   407  S SG  . CYS A 1 49  ? 2.797   8.647   1.922   1.00 26.59 ? 69  CYS A SG  1 
ATOM   408  N N   . TYR A 1 50  ? -1.447  8.189   -0.233  1.00 22.20 ? 70  TYR A N   1 
ATOM   409  C CA  . TYR A 1 50  ? -2.670  8.546   -0.947  1.00 23.05 ? 70  TYR A CA  1 
ATOM   410  C C   . TYR A 1 50  ? -3.895  7.944   -0.285  1.00 28.57 ? 70  TYR A C   1 
ATOM   411  O O   . TYR A 1 50  ? -4.944  8.596   -0.211  1.00 28.50 ? 70  TYR A O   1 
ATOM   412  C CB  . TYR A 1 50  ? -2.577  8.107   -2.410  1.00 23.95 ? 70  TYR A CB  1 
ATOM   413  C CG  . TYR A 1 50  ? -1.626  8.980   -3.237  1.00 25.90 ? 70  TYR A CG  1 
ATOM   414  C CD1 . TYR A 1 50  ? -1.545  10.359  -3.023  1.00 33.04 ? 70  TYR A CD1 1 
ATOM   415  C CD2 . TYR A 1 50  ? -0.827  8.438   -4.245  1.00 26.27 ? 70  TYR A CD2 1 
ATOM   416  C CE1 . TYR A 1 50  ? -0.681  11.158  -3.775  1.00 29.09 ? 70  TYR A CE1 1 
ATOM   417  C CE2 . TYR A 1 50  ? 0.013   9.250   -5.021  1.00 25.09 ? 70  TYR A CE2 1 
ATOM   418  C CZ  . TYR A 1 50  ? 0.081   10.604  -4.770  1.00 29.47 ? 70  TYR A CZ  1 
ATOM   419  O OH  . TYR A 1 50  ? 0.928   11.398  -5.516  1.00 29.72 ? 70  TYR A OH  1 
ATOM   420  N N   . LEU A 1 51  ? -3.793  6.693   0.196   1.00 25.58 ? 71  LEU A N   1 
ATOM   421  C CA  . LEU A 1 51  ? -4.902  6.091   0.927   1.00 25.09 ? 71  LEU A CA  1 
ATOM   422  C C   . LEU A 1 51  ? -5.231  6.902   2.181   1.00 26.91 ? 71  LEU A C   1 
ATOM   423  O O   . LEU A 1 51  ? -6.406  7.173   2.461   1.00 29.17 ? 71  LEU A O   1 
ATOM   424  C CB  . LEU A 1 51  ? -4.586  4.640   1.298   1.00 22.48 ? 71  LEU A CB  1 
ATOM   425  C CG  . LEU A 1 51  ? -4.759  3.733   0.060   1.00 24.74 ? 71  LEU A CG  1 
ATOM   426  C CD1 . LEU A 1 51  ? -4.254  2.282   0.267   1.00 26.26 ? 71  LEU A CD1 1 
ATOM   427  C CD2 . LEU A 1 51  ? -6.217  3.711   -0.427  1.00 26.03 ? 71  LEU A CD2 1 
ATOM   428  N N   . LYS A 1 52  ? -4.208  7.256   2.972   1.00 25.33 ? 72  LYS A N   1 
ATOM   429  C CA  . LYS A 1 52  ? -4.470  8.063   4.167   1.00 27.45 ? 72  LYS A CA  1 
ATOM   430  C C   . LYS A 1 52  ? -5.104  9.396   3.803   1.00 35.15 ? 72  LYS A C   1 
ATOM   431  O O   . LYS A 1 52  ? -5.895  9.943   4.590   1.00 34.30 ? 72  LYS A O   1 
ATOM   432  C CB  . LYS A 1 52  ? -3.186  8.314   4.961   1.00 29.02 ? 72  LYS A CB  1 
ATOM   433  C CG  . LYS A 1 52  ? -2.699  7.131   5.788   1.00 26.00 ? 72  LYS A CG  1 
ATOM   434  C CD  . LYS A 1 52  ? -3.755  6.520   6.721   1.00 34.98 ? 72  LYS A CD  1 
ATOM   435  C CE  . LYS A 1 52  ? -3.985  7.364   7.974   1.00 33.57 ? 72  LYS A CE  1 
ATOM   436  N NZ  . LYS A 1 52  ? -5.006  6.758   8.898   1.00 27.01 ? 72  LYS A NZ  1 
ATOM   437  N N   . MET A 1 53  ? -4.753  9.948   2.640   1.00 29.19 ? 73  MET A N   1 
ATOM   438  C CA  . MET A 1 53  ? -5.338  11.190  2.140   1.00 31.37 ? 73  MET A CA  1 
ATOM   439  C C   . MET A 1 53  ? -6.686  10.971  1.462   1.00 34.51 ? 73  MET A C   1 
ATOM   440  O O   . MET A 1 53  ? -7.239  11.926  0.917   1.00 33.83 ? 73  MET A O   1 
ATOM   441  C CB  . MET A 1 53  ? -4.374  11.874  1.162   1.00 31.01 ? 73  MET A CB  1 
ATOM   442  C CG  . MET A 1 53  ? -2.978  12.256  1.704   1.00 36.22 ? 73  MET A CG  1 
ATOM   443  S SD  . MET A 1 53  ? -1.615  12.309  0.477   1.00 35.37 ? 73  MET A SD  1 
ATOM   444  C CE  . MET A 1 53  ? -2.133  13.551  -0.739  1.00 37.64 ? 73  MET A CE  1 
ATOM   445  N N   . GLN A 1 54  ? -7.215  9.742   1.457   1.00 31.87 ? 74  GLN A N   1 
ATOM   446  C CA  . GLN A 1 54  ? -8.487  9.419   0.799   1.00 37.53 ? 74  GLN A CA  1 
ATOM   447  C C   . GLN A 1 54  ? -8.450  9.714   -0.701  1.00 41.04 ? 74  GLN A C   1 
ATOM   448  O O   . GLN A 1 54  ? -9.471  10.051  -1.311  1.00 41.65 ? 74  GLN A O   1 
ATOM   449  C CB  . GLN A 1 54  ? -9.664  10.157  1.460   1.00 38.36 ? 74  GLN A CB  1 
ATOM   450  C CG  . GLN A 1 54  ? -9.828  9.829   2.951   1.00 40.43 ? 74  GLN A CG  1 
ATOM   451  C CD  . GLN A 1 54  ? -10.325 8.406   3.174   1.00 54.38 ? 74  GLN A CD  1 
ATOM   452  O OE1 . GLN A 1 54  ? -11.013 7.840   2.321   1.00 64.51 ? 74  GLN A OE1 1 
ATOM   453  N NE2 . GLN A 1 54  ? -9.980  7.822   4.317   1.00 48.17 ? 74  GLN A NE2 1 
ATOM   454  N N   . GLN A 1 55  ? -7.286  9.592   -1.328  1.00 31.98 ? 75  GLN A N   1 
ATOM   455  C CA  . GLN A 1 55  ? -7.180  9.768   -2.774  1.00 32.84 ? 75  GLN A CA  1 
ATOM   456  C C   . GLN A 1 55  ? -7.003  8.398   -3.427  1.00 32.76 ? 75  GLN A C   1 
ATOM   457  O O   . GLN A 1 55  ? -5.895  7.996   -3.773  1.00 30.21 ? 75  GLN A O   1 
ATOM   458  C CB  . GLN A 1 55  ? -6.033  10.702  -3.098  1.00 31.77 ? 75  GLN A CB  1 
ATOM   459  C CG  . GLN A 1 55  ? -6.316  12.098  -2.545  1.00 37.13 ? 75  GLN A CG  1 
ATOM   460  C CD  . GLN A 1 55  ? -5.188  13.057  -2.785  1.00 50.01 ? 75  GLN A CD  1 
ATOM   461  O OE1 . GLN A 1 55  ? -4.092  12.658  -3.162  1.00 57.05 ? 75  GLN A OE1 1 
ATOM   462  N NE2 . GLN A 1 55  ? -5.448  14.345  -2.561  1.00 65.76 ? 75  GLN A NE2 1 
ATOM   463  N N   . HIS A 1 56  ? -8.126  7.724   -3.672  1.00 33.17 ? 76  HIS A N   1 
ATOM   464  C CA  . HIS A 1 56  ? -8.100  6.301   -4.014  1.00 31.67 ? 76  HIS A CA  1 
ATOM   465  C C   . HIS A 1 56  ? -7.558  6.062   -5.414  1.00 33.62 ? 76  HIS A C   1 
ATOM   466  O O   . HIS A 1 56  ? -6.837  5.081   -5.637  1.00 31.50 ? 76  HIS A O   1 
ATOM   467  C CB  . HIS A 1 56  ? -9.505  5.727   -3.871  1.00 34.24 ? 76  HIS A CB  1 
ATOM   468  C CG  . HIS A 1 56  ? -10.084 5.956   -2.514  1.00 39.84 ? 76  HIS A CG  1 
ATOM   469  N ND1 . HIS A 1 56  ? -11.375 6.386   -2.318  1.00 48.02 ? 76  HIS A ND1 1 
ATOM   470  C CD2 . HIS A 1 56  ? -9.535  5.840   -1.282  1.00 45.47 ? 76  HIS A CD2 1 
ATOM   471  C CE1 . HIS A 1 56  ? -11.604 6.511   -1.021  1.00 50.57 ? 76  HIS A CE1 1 
ATOM   472  N NE2 . HIS A 1 56  ? -10.501 6.189   -0.368  1.00 45.53 ? 76  HIS A NE2 1 
ATOM   473  N N   . GLU A 1 57  ? -7.956  6.904   -6.373  1.00 35.20 ? 77  GLU A N   1 
ATOM   474  C CA  . GLU A 1 57  ? -7.473  6.775   -7.742  1.00 36.08 ? 77  GLU A CA  1 
ATOM   475  C C   . GLU A 1 57  ? -5.964  6.937   -7.811  1.00 32.53 ? 77  GLU A C   1 
ATOM   476  O O   . GLU A 1 57  ? -5.293  6.213   -8.547  1.00 27.94 ? 77  GLU A O   1 
ATOM   477  C CB  . GLU A 1 57  ? -8.131  7.820   -8.649  1.00 33.76 ? 77  GLU A CB  1 
ATOM   478  C CG  . GLU A 1 57  ? -9.638  7.686   -8.818  1.00 48.46 ? 77  GLU A CG  1 
ATOM   479  C CD  . GLU A 1 57  ? -10.030 6.642   -9.850  1.00 63.95 ? 77  GLU A CD  1 
ATOM   480  O OE1 . GLU A 1 57  ? -11.246 6.471   -10.084 1.00 63.41 ? 77  GLU A OE1 1 
ATOM   481  O OE2 . GLU A 1 57  ? -9.127  5.992   -10.428 1.00 68.21 ? 77  GLU A OE2 1 
ATOM   482  N N   . GLN A 1 58  ? -5.418  7.935   -7.106  1.00 29.31 ? 78  GLN A N   1 
ATOM   483  C CA  . GLN A 1 58  ? -3.975  8.134   -7.139  1.00 25.53 ? 78  GLN A CA  1 
ATOM   484  C C   . GLN A 1 58  ? -3.253  6.965   -6.478  1.00 25.08 ? 78  GLN A C   1 
ATOM   485  O O   . GLN A 1 58  ? -2.209  6.513   -6.968  1.00 26.28 ? 78  GLN A O   1 
ATOM   486  C CB  . GLN A 1 58  ? -3.621  9.460   -6.463  1.00 30.15 ? 78  GLN A CB  1 
ATOM   487  C CG  . GLN A 1 58  ? -3.970  10.666  -7.372  1.00 34.58 ? 78  GLN A CG  1 
ATOM   488  C CD  . GLN A 1 58  ? -3.893  11.993  -6.639  1.00 61.33 ? 78  GLN A CD  1 
ATOM   489  O OE1 . GLN A 1 58  ? -4.873  12.444  -6.041  1.00 47.29 ? 78  GLN A OE1 1 
ATOM   490  N NE2 . GLN A 1 58  ? -2.723  12.629  -6.684  1.00 50.55 ? 78  GLN A NE2 1 
ATOM   491  N N   . ALA A 1 59  ? -3.805  6.451   -5.372  1.00 24.77 ? 79  ALA A N   1 
ATOM   492  C CA  . ALA A 1 59  ? -3.223  5.260   -4.753  1.00 20.98 ? 79  ALA A CA  1 
ATOM   493  C C   . ALA A 1 59  ? -3.286  4.066   -5.710  1.00 23.84 ? 79  ALA A C   1 
ATOM   494  O O   . ALA A 1 59  ? -2.330  3.300   -5.836  1.00 26.11 ? 79  ALA A O   1 
ATOM   495  C CB  . ALA A 1 59  ? -3.966  4.944   -3.448  1.00 24.54 ? 79  ALA A CB  1 
ATOM   496  N N   . LEU A 1 60  ? -4.415  3.897   -6.380  1.00 24.75 ? 80  LEU A N   1 
ATOM   497  C CA  . LEU A 1 60  ? -4.583  2.753   -7.277  1.00 28.72 ? 80  LEU A CA  1 
ATOM   498  C C   . LEU A 1 60  ? -3.539  2.778   -8.390  1.00 25.67 ? 80  LEU A C   1 
ATOM   499  O O   . LEU A 1 60  ? -2.914  1.752   -8.695  1.00 27.54 ? 80  LEU A O   1 
ATOM   500  C CB  . LEU A 1 60  ? -5.995  2.794   -7.856  1.00 26.99 ? 80  LEU A CB  1 
ATOM   501  C CG  . LEU A 1 60  ? -6.646  1.639   -8.655  1.00 41.01 ? 80  LEU A CG  1 
ATOM   502  C CD1 . LEU A 1 60  ? -5.816  1.068   -9.767  1.00 45.04 ? 80  LEU A CD1 1 
ATOM   503  C CD2 . LEU A 1 60  ? -7.166  0.536   -7.794  1.00 43.10 ? 80  LEU A CD2 1 
ATOM   504  N N   . ALA A 1 61  ? -3.318  3.944   -8.987  1.00 26.45 ? 81  ALA A N   1 
ATOM   505  C CA  . ALA A 1 61  ? -2.332  4.058   -10.064 1.00 26.13 ? 81  ALA A CA  1 
ATOM   506  C C   . ALA A 1 61  ? -0.922  3.743   -9.567  1.00 27.46 ? 81  ALA A C   1 
ATOM   507  O O   . ALA A 1 61  ? -0.123  3.126   -10.276 1.00 26.00 ? 81  ALA A O   1 
ATOM   508  C CB  . ALA A 1 61  ? -2.408  5.466   -10.668 1.00 28.62 ? 81  ALA A CB  1 
ATOM   509  N N   . ASP A 1 62  ? -0.578  4.153   -8.349  1.00 24.45 ? 82  ASP A N   1 
ATOM   510  C CA  . ASP A 1 62  ? 0.725   3.762   -7.831  1.00 21.28 ? 82  ASP A CA  1 
ATOM   511  C C   . ASP A 1 62  ? 0.821   2.261   -7.610  1.00 22.32 ? 82  ASP A C   1 
ATOM   512  O O   . ASP A 1 62  ? 1.901   1.685   -7.766  1.00 23.81 ? 82  ASP A O   1 
ATOM   513  C CB  . ASP A 1 62  ? 1.033   4.485   -6.519  1.00 23.81 ? 82  ASP A CB  1 
ATOM   514  C CG  . ASP A 1 62  ? 1.741   5.788   -6.743  1.00 28.77 ? 82  ASP A CG  1 
ATOM   515  O OD1 . ASP A 1 62  ? 2.305   5.971   -7.852  1.00 27.91 ? 82  ASP A OD1 1 
ATOM   516  O OD2 . ASP A 1 62  ? 1.710   6.625   -5.804  1.00 27.10 ? 82  ASP A OD2 1 
ATOM   517  N N   . CYS A 1 63  ? -0.265  1.614   -7.163  1.00 25.32 ? 83  CYS A N   1 
ATOM   518  C CA  . CYS A 1 63  ? -0.206  0.160   -7.028  1.00 23.03 ? 83  CYS A CA  1 
ATOM   519  C C   . CYS A 1 63  ? 0.053   -0.493  -8.381  1.00 23.14 ? 83  CYS A C   1 
ATOM   520  O O   . CYS A 1 63  ? 0.819   -1.460  -8.472  1.00 25.21 ? 83  CYS A O   1 
ATOM   521  C CB  . CYS A 1 63  ? -1.496  -0.384  -6.408  1.00 25.43 ? 83  CYS A CB  1 
ATOM   522  S SG  . CYS A 1 63  ? -1.644  0.060   -4.652  1.00 25.61 ? 83  CYS A SG  1 
ATOM   523  N N   . ARG A 1 64  ? -0.567  0.030   -9.447  1.00 26.22 ? 84  ARG A N   1 
ATOM   524  C CA  . ARG A 1 64  ? -0.293  -0.502  -10.784 1.00 27.83 ? 84  ARG A CA  1 
ATOM   525  C C   . ARG A 1 64  ? 1.158   -0.283  -11.189 1.00 25.80 ? 84  ARG A C   1 
ATOM   526  O O   . ARG A 1 64  ? 1.759   -1.151  -11.826 1.00 25.35 ? 84  ARG A O   1 
ATOM   527  C CB  . ARG A 1 64  ? -1.212  0.136   -11.824 1.00 27.05 ? 84  ARG A CB  1 
ATOM   528  C CG  . ARG A 1 64  ? -2.666  -0.078  -11.563 1.00 29.05 ? 84  ARG A CG  1 
ATOM   529  C CD  . ARG A 1 64  ? -3.037  -1.486  -11.925 1.00 26.21 ? 84  ARG A CD  1 
ATOM   530  N NE  . ARG A 1 64  ? -4.481  -1.616  -11.900 1.00 30.53 ? 84  ARG A NE  1 
ATOM   531  C CZ  . ARG A 1 64  ? -5.145  -2.746  -11.715 1.00 26.77 ? 84  ARG A CZ  1 
ATOM   532  N NH1 . ARG A 1 64  ? -6.469  -2.709  -11.690 1.00 25.18 ? 84  ARG A NH1 1 
ATOM   533  N NH2 . ARG A 1 64  ? -4.502  -3.899  -11.559 1.00 28.05 ? 84  ARG A NH2 1 
ATOM   534  N N   . ARG A 1 65  ? 1.723   0.893   -10.890 1.00 23.71 ? 85  ARG A N   1 
ATOM   535  C CA  . ARG A 1 65  ? 3.137   1.138   -11.183 1.00 25.93 ? 85  ARG A CA  1 
ATOM   536  C C   . ARG A 1 65  ? 4.034   0.148   -10.449 1.00 24.73 ? 85  ARG A C   1 
ATOM   537  O O   . ARG A 1 65  ? 4.934   -0.444  -11.057 1.00 25.62 ? 85  ARG A O   1 
ATOM   538  C CB  . ARG A 1 65  ? 3.512   2.594   -10.840 1.00 24.14 ? 85  ARG A CB  1 
ATOM   539  C CG  . ARG A 1 65  ? 2.831   3.583   -11.732 1.00 25.61 ? 85  ARG A CG  1 
ATOM   540  C CD  . ARG A 1 65  ? 3.074   5.055   -11.304 1.00 30.58 ? 85  ARG A CD  1 
ATOM   541  N NE  . ARG A 1 65  ? 2.183   5.885   -12.102 1.00 35.73 ? 85  ARG A NE  1 
ATOM   542  C CZ  . ARG A 1 65  ? 1.200   6.612   -11.598 1.00 37.76 ? 85  ARG A CZ  1 
ATOM   543  N NH1 . ARG A 1 65  ? 0.430   7.288   -12.431 1.00 38.92 ? 85  ARG A NH1 1 
ATOM   544  N NH2 . ARG A 1 65  ? 1.020   6.693   -10.271 1.00 28.31 ? 85  ARG A NH2 1 
ATOM   545  N N   . ALA A 1 66  ? 3.780   -0.096  -9.141  1.00 22.24 ? 86  ALA A N   1 
ATOM   546  C CA  . ALA A 1 66  ? 4.528   -1.106  -8.405  1.00 22.68 ? 86  ALA A CA  1 
ATOM   547  C C   . ALA A 1 66  ? 4.392   -2.488  -9.032  1.00 28.93 ? 86  ALA A C   1 
ATOM   548  O O   . ALA A 1 66  ? 5.372   -3.243  -9.104  1.00 26.70 ? 86  ALA A O   1 
ATOM   549  C CB  . ALA A 1 66  ? 4.040   -1.151  -6.944  1.00 21.17 ? 86  ALA A CB  1 
ATOM   550  N N   . LEU A 1 67  ? 3.178   -2.849  -9.470  1.00 23.29 ? 87  LEU A N   1 
ATOM   551  C CA  . LEU A 1 67  ? 2.987   -4.184  -10.033 1.00 23.35 ? 87  LEU A CA  1 
ATOM   552  C C   . LEU A 1 67  ? 3.685   -4.357  -11.370 1.00 26.21 ? 87  LEU A C   1 
ATOM   553  O O   . LEU A 1 67  ? 3.990   -5.496  -11.751 1.00 26.69 ? 87  LEU A O   1 
ATOM   554  C CB  . LEU A 1 67  ? 1.499   -4.508  -10.156 1.00 25.02 ? 87  LEU A CB  1 
ATOM   555  C CG  . LEU A 1 67  ? 0.900   -4.798  -8.760  1.00 23.49 ? 87  LEU A CG  1 
ATOM   556  C CD1 . LEU A 1 67  ? -0.610  -4.680  -8.756  1.00 26.04 ? 87  LEU A CD1 1 
ATOM   557  C CD2 . LEU A 1 67  ? 1.314   -6.182  -8.227  1.00 27.68 ? 87  LEU A CD2 1 
ATOM   558  N N   . GLU A 1 68  ? 3.919   -3.274  -12.107 1.00 24.14 ? 88  GLU A N   1 
ATOM   559  C CA  . GLU A 1 68  ? 4.686   -3.407  -13.353 1.00 25.15 ? 88  GLU A CA  1 
ATOM   560  C C   . GLU A 1 68  ? 6.165   -3.701  -13.112 1.00 33.51 ? 88  GLU A C   1 
ATOM   561  O O   . GLU A 1 68  ? 6.845   -4.202  -14.019 1.00 30.92 ? 88  GLU A O   1 
ATOM   562  C CB  . GLU A 1 68  ? 4.544   -2.146  -14.204 1.00 32.08 ? 88  GLU A CB  1 
ATOM   563  C CG  . GLU A 1 68  ? 3.239   -2.061  -14.919 1.00 33.08 ? 88  GLU A CG  1 
ATOM   564  C CD  . GLU A 1 68  ? 3.211   -0.955  -15.961 1.00 47.07 ? 88  GLU A CD  1 
ATOM   565  O OE1 . GLU A 1 68  ? 2.092   -0.503  -16.280 1.00 47.51 ? 88  GLU A OE1 1 
ATOM   566  O OE2 . GLU A 1 68  ? 4.298   -0.557  -16.462 1.00 43.41 ? 88  GLU A OE2 1 
ATOM   567  N N   . LEU A 1 69  ? 6.682   -3.360  -11.935 1.00 29.83 ? 89  LEU A N   1 
ATOM   568  C CA  . LEU A 1 69  ? 8.055   -3.630  -11.511 1.00 29.75 ? 89  LEU A CA  1 
ATOM   569  C C   . LEU A 1 69  ? 8.231   -4.926  -10.751 1.00 34.07 ? 89  LEU A C   1 
ATOM   570  O O   . LEU A 1 69  ? 9.282   -5.574  -10.864 1.00 36.93 ? 89  LEU A O   1 
ATOM   571  C CB  . LEU A 1 69  ? 8.545   -2.489  -10.615 1.00 34.53 ? 89  LEU A CB  1 
ATOM   572  C CG  . LEU A 1 69  ? 8.797   -1.176  -11.282 1.00 30.92 ? 89  LEU A CG  1 
ATOM   573  C CD1 . LEU A 1 69  ? 9.011   -0.138  -10.156 1.00 34.74 ? 89  LEU A CD1 1 
ATOM   574  C CD2 . LEU A 1 69  ? 10.029  -1.231  -12.201 1.00 36.47 ? 89  LEU A CD2 1 
ATOM   575  N N   . ASP A 1 70  ? 7.252   -5.336  -9.959  1.00 27.89 ? 90  ASP A N   1 
ATOM   576  C CA  . ASP A 1 70  ? 7.386   -6.550  -9.166  1.00 31.59 ? 90  ASP A CA  1 
ATOM   577  C C   . ASP A 1 70  ? 6.035   -7.256  -9.160  1.00 32.92 ? 90  ASP A C   1 
ATOM   578  O O   . ASP A 1 70  ? 5.173   -6.945  -8.333  1.00 28.76 ? 90  ASP A O   1 
ATOM   579  C CB  . ASP A 1 70  ? 7.850   -6.217  -7.748  1.00 32.50 ? 90  ASP A CB  1 
ATOM   580  C CG  . ASP A 1 70  ? 7.993   -7.450  -6.876  1.00 38.11 ? 90  ASP A CG  1 
ATOM   581  O OD1 . ASP A 1 70  ? 7.836   -8.574  -7.381  1.00 32.42 ? 90  ASP A OD1 1 
ATOM   582  O OD2 . ASP A 1 70  ? 8.257   -7.289  -5.666  1.00 38.24 ? 90  ASP A OD2 1 
ATOM   583  N N   . GLY A 1 71  ? 5.867   -8.227  -10.056 1.00 29.02 ? 91  GLY A N   1 
ATOM   584  C CA  . GLY A 1 71  ? 4.638   -8.987  -10.126 1.00 32.26 ? 91  GLY A CA  1 
ATOM   585  C C   . GLY A 1 71  ? 4.400   -9.932  -8.968  1.00 26.17 ? 91  GLY A C   1 
ATOM   586  O O   . GLY A 1 71  ? 3.286   -10.437 -8.844  1.00 25.40 ? 91  GLY A O   1 
ATOM   587  N N   . GLN A 1 72  ? 5.399   -10.178 -8.127  1.00 25.81 ? 92  GLN A N   1 
ATOM   588  C CA  . GLN A 1 72  ? 5.258   -11.060 -6.982  1.00 27.72 ? 92  GLN A CA  1 
ATOM   589  C C   . GLN A 1 72  ? 4.961   -10.301 -5.697  1.00 28.60 ? 92  GLN A C   1 
ATOM   590  O O   . GLN A 1 72  ? 4.898   -10.924 -4.633  1.00 28.58 ? 92  GLN A O   1 
ATOM   591  C CB  . GLN A 1 72  ? 6.525   -11.903 -6.821  1.00 32.99 ? 92  GLN A CB  1 
ATOM   592  C CG  . GLN A 1 72  ? 6.835   -12.749 -8.126  1.00 29.57 ? 92  GLN A CG  1 
ATOM   593  C CD  . GLN A 1 72  ? 5.677   -13.663 -8.499  1.00 29.00 ? 92  GLN A CD  1 
ATOM   594  O OE1 . GLN A 1 72  ? 5.259   -14.515 -7.719  1.00 42.60 ? 92  GLN A OE1 1 
ATOM   595  N NE2 . GLN A 1 72  ? 5.125   -13.456 -9.693  1.00 30.06 ? 92  GLN A NE2 1 
ATOM   596  N N   . SER A 1 73  ? 4.734   -8.992  -5.783  1.00 26.22 ? 93  SER A N   1 
ATOM   597  C CA  . SER A 1 73  ? 4.643   -8.153  -4.578  1.00 28.03 ? 93  SER A CA  1 
ATOM   598  C C   . SER A 1 73  ? 3.386   -8.460  -3.765  1.00 26.69 ? 93  SER A C   1 
ATOM   599  O O   . SER A 1 73  ? 2.270   -8.134  -4.168  1.00 23.28 ? 93  SER A O   1 
ATOM   600  C CB  . SER A 1 73  ? 4.675   -6.668  -4.947  1.00 27.93 ? 93  SER A CB  1 
ATOM   601  O OG  . SER A 1 73  ? 4.527   -5.872  -3.766  1.00 23.82 ? 93  SER A OG  1 
ATOM   602  N N   . VAL A 1 74  ? 3.565   -9.000  -2.557  1.00 23.47 ? 94  VAL A N   1 
ATOM   603  C CA  . VAL A 1 74  ? 2.438   -9.109  -1.641  1.00 23.81 ? 94  VAL A CA  1 
ATOM   604  C C   . VAL A 1 74  ? 1.848   -7.733  -1.367  1.00 19.62 ? 94  VAL A C   1 
ATOM   605  O O   . VAL A 1 74  ? 0.621   -7.537  -1.421  1.00 23.84 ? 94  VAL A O   1 
ATOM   606  C CB  . VAL A 1 74  ? 2.885   -9.778  -0.333  1.00 23.69 ? 94  VAL A CB  1 
ATOM   607  C CG1 . VAL A 1 74  ? 1.757   -9.745  0.714   1.00 21.81 ? 94  VAL A CG1 1 
ATOM   608  C CG2 . VAL A 1 74  ? 3.340   -11.236 -0.621  1.00 25.19 ? 94  VAL A CG2 1 
ATOM   609  N N   . LYS A 1 75  ? 2.717   -6.792  -1.002  1.00 23.19 ? 95  LYS A N   1 
ATOM   610  C CA  . LYS A 1 75  ? 2.287   -5.466  -0.561  1.00 23.27 ? 95  LYS A CA  1 
ATOM   611  C C   . LYS A 1 75  ? 1.487   -4.759  -1.646  1.00 23.08 ? 95  LYS A C   1 
ATOM   612  O O   . LYS A 1 75  ? 0.408   -4.217  -1.379  1.00 21.71 ? 95  LYS A O   1 
ATOM   613  C CB  . LYS A 1 75  ? 3.515   -4.653  -0.176  1.00 22.44 ? 95  LYS A CB  1 
ATOM   614  C CG  . LYS A 1 75  ? 3.221   -3.280  0.435   1.00 22.32 ? 95  LYS A CG  1 
ATOM   615  C CD  . LYS A 1 75  ? 4.522   -2.560  0.661   1.00 23.17 ? 95  LYS A CD  1 
ATOM   616  C CE  . LYS A 1 75  ? 4.280   -1.196  1.306   1.00 27.11 ? 95  LYS A CE  1 
ATOM   617  N NZ  . LYS A 1 75  ? 5.585   -0.578  1.691   1.00 27.52 ? 95  LYS A NZ  1 
ATOM   618  N N   . ALA A 1 76  ? 1.963   -4.808  -2.902  1.00 20.96 ? 96  ALA A N   1 
ATOM   619  C CA  . ALA A 1 76  ? 1.237   -4.135  -3.975  1.00 20.83 ? 96  ALA A CA  1 
ATOM   620  C C   . ALA A 1 76  ? -0.125  -4.774  -4.223  1.00 21.52 ? 96  ALA A C   1 
ATOM   621  O O   . ALA A 1 76  ? -1.099  -4.061  -4.497  1.00 20.78 ? 96  ALA A O   1 
ATOM   622  C CB  . ALA A 1 76  ? 2.072   -4.148  -5.257  1.00 21.53 ? 96  ALA A CB  1 
ATOM   623  N N   . HIS A 1 77  ? -0.218  -6.118  -4.179  1.00 19.61 ? 97  HIS A N   1 
ATOM   624  C CA  . HIS A 1 77  ? -1.522  -6.763  -4.371  1.00 20.63 ? 97  HIS A CA  1 
ATOM   625  C C   . HIS A 1 77  ? -2.445  -6.443  -3.208  1.00 22.21 ? 97  HIS A C   1 
ATOM   626  O O   . HIS A 1 77  ? -3.636  -6.157  -3.406  1.00 19.67 ? 97  HIS A O   1 
ATOM   627  C CB  . HIS A 1 77  ? -1.398  -8.289  -4.504  1.00 18.62 ? 97  HIS A CB  1 
ATOM   628  C CG  . HIS A 1 77  ? -0.959  -8.761  -5.854  1.00 21.79 ? 97  HIS A CG  1 
ATOM   629  N ND1 . HIS A 1 77  ? 0.367   -8.896  -6.193  1.00 23.97 ? 97  HIS A ND1 1 
ATOM   630  C CD2 . HIS A 1 77  ? -1.675  -9.152  -6.937  1.00 24.03 ? 97  HIS A CD2 1 
ATOM   631  C CE1 . HIS A 1 77  ? 0.454   -9.328  -7.445  1.00 25.98 ? 97  HIS A CE1 1 
ATOM   632  N NE2 . HIS A 1 77  ? -0.766  -9.506  -7.911  1.00 23.47 ? 97  HIS A NE2 1 
ATOM   633  N N   . PHE A 1 78  ? -1.906  -6.469  -1.987  1.00 21.56 ? 98  PHE A N   1 
ATOM   634  C CA  . PHE A 1 78  ? -2.725  -6.145  -0.824  1.00 20.17 ? 98  PHE A CA  1 
ATOM   635  C C   . PHE A 1 78  ? -3.305  -4.735  -0.916  1.00 22.17 ? 98  PHE A C   1 
ATOM   636  O O   . PHE A 1 78  ? -4.513  -4.539  -0.733  1.00 22.36 ? 98  PHE A O   1 
ATOM   637  C CB  . PHE A 1 78  ? -1.889  -6.290  0.442   1.00 20.30 ? 98  PHE A CB  1 
ATOM   638  C CG  . PHE A 1 78  ? -2.699  -6.132  1.717   1.00 22.53 ? 98  PHE A CG  1 
ATOM   639  C CD1 . PHE A 1 78  ? -3.358  -7.234  2.264   1.00 22.14 ? 98  PHE A CD1 1 
ATOM   640  C CD2 . PHE A 1 78  ? -2.796  -4.891  2.348   1.00 24.89 ? 98  PHE A CD2 1 
ATOM   641  C CE1 . PHE A 1 78  ? -4.101  -7.120  3.451   1.00 21.55 ? 98  PHE A CE1 1 
ATOM   642  C CE2 . PHE A 1 78  ? -3.543  -4.744  3.540   1.00 21.76 ? 98  PHE A CE2 1 
ATOM   643  C CZ  . PHE A 1 78  ? -4.209  -5.862  4.074   1.00 23.09 ? 98  PHE A CZ  1 
ATOM   644  N N   . PHE A 1 79  ? -2.464  -3.743  -1.192  1.00 19.55 ? 99  PHE A N   1 
ATOM   645  C CA  . PHE A 1 79  ? -2.972  -2.372  -1.220  1.00 22.15 ? 99  PHE A CA  1 
ATOM   646  C C   . PHE A 1 79  ? -3.766  -2.077  -2.482  1.00 21.38 ? 99  PHE A C   1 
ATOM   647  O O   . PHE A 1 79  ? -4.686  -1.249  -2.429  1.00 22.32 ? 99  PHE A O   1 
ATOM   648  C CB  . PHE A 1 79  ? -1.840  -1.381  -0.955  1.00 20.25 ? 99  PHE A CB  1 
ATOM   649  C CG  . PHE A 1 79  ? -1.466  -1.376  0.518   1.00 21.51 ? 99  PHE A CG  1 
ATOM   650  C CD1 . PHE A 1 79  ? -2.283  -0.720  1.448   1.00 24.48 ? 99  PHE A CD1 1 
ATOM   651  C CD2 . PHE A 1 79  ? -0.420  -2.148  0.979   1.00 22.74 ? 99  PHE A CD2 1 
ATOM   652  C CE1 . PHE A 1 79  ? -1.984  -0.761  2.811   1.00 24.74 ? 99  PHE A CE1 1 
ATOM   653  C CE2 . PHE A 1 79  ? -0.104  -2.179  2.349   1.00 20.88 ? 99  PHE A CE2 1 
ATOM   654  C CZ  . PHE A 1 79  ? -0.907  -1.519  3.267   1.00 25.65 ? 99  PHE A CZ  1 
ATOM   655  N N   . LEU A 1 80  ? -3.509  -2.785  -3.589  1.00 20.69 ? 100 LEU A N   1 
ATOM   656  C CA  . LEU A 1 80  ? -4.437  -2.706  -4.727  1.00 21.87 ? 100 LEU A CA  1 
ATOM   657  C C   . LEU A 1 80  ? -5.837  -3.129  -4.309  1.00 21.15 ? 100 LEU A C   1 
ATOM   658  O O   . LEU A 1 80  ? -6.824  -2.424  -4.583  1.00 23.92 ? 100 LEU A O   1 
ATOM   659  C CB  . LEU A 1 80  ? -3.959  -3.592  -5.885  1.00 21.63 ? 100 LEU A CB  1 
ATOM   660  C CG  . LEU A 1 80  ? -4.878  -3.641  -7.121  1.00 22.07 ? 100 LEU A CG  1 
ATOM   661  C CD1 . LEU A 1 80  ? -5.070  -2.299  -7.803  1.00 24.19 ? 100 LEU A CD1 1 
ATOM   662  C CD2 . LEU A 1 80  ? -4.285  -4.701  -8.117  1.00 24.80 ? 100 LEU A CD2 1 
ATOM   663  N N   . GLY A 1 81  ? -5.932  -4.272  -3.627  1.00 22.14 ? 101 GLY A N   1 
ATOM   664  C CA  . GLY A 1 81  ? -7.205  -4.726  -3.083  1.00 26.53 ? 101 GLY A CA  1 
ATOM   665  C C   . GLY A 1 81  ? -7.825  -3.703  -2.156  1.00 23.52 ? 101 GLY A C   1 
ATOM   666  O O   . GLY A 1 81  ? -9.029  -3.434  -2.228  1.00 24.63 ? 101 GLY A O   1 
ATOM   667  N N   . GLN A 1 82  ? -7.016  -3.112  -1.282  1.00 22.15 ? 102 GLN A N   1 
ATOM   668  C CA  . GLN A 1 82  ? -7.561  -2.119  -0.352  1.00 26.41 ? 102 GLN A CA  1 
ATOM   669  C C   . GLN A 1 82  ? -8.087  -0.897  -1.089  1.00 27.88 ? 102 GLN A C   1 
ATOM   670  O O   . GLN A 1 82  ? -9.137  -0.362  -0.708  1.00 28.65 ? 102 GLN A O   1 
ATOM   671  C CB  . GLN A 1 82  ? -6.514  -1.714  0.680   1.00 23.42 ? 102 GLN A CB  1 
ATOM   672  C CG  . GLN A 1 82  ? -6.207  -2.815  1.616   1.00 22.11 ? 102 GLN A CG  1 
ATOM   673  C CD  . GLN A 1 82  ? -7.417  -3.232  2.456   1.00 25.15 ? 102 GLN A CD  1 
ATOM   674  O OE1 . GLN A 1 82  ? -8.324  -2.428  2.695   1.00 26.91 ? 102 GLN A OE1 1 
ATOM   675  N NE2 . GLN A 1 82  ? -7.421  -4.476  2.919   1.00 29.36 ? 102 GLN A NE2 1 
ATOM   676  N N   . CYS A 1 83  ? -7.378  -0.431  -2.146  1.00 25.66 ? 103 CYS A N   1 
ATOM   677  C CA  . CYS A 1 83  ? -7.906  0.651   -2.984  1.00 25.42 ? 103 CYS A CA  1 
ATOM   678  C C   . CYS A 1 83  ? -9.236  0.252   -3.596  1.00 30.13 ? 103 CYS A C   1 
ATOM   679  O O   . CYS A 1 83  ? -10.194 1.029   -3.599  1.00 28.15 ? 103 CYS A O   1 
ATOM   680  C CB  . CYS A 1 83  ? -6.932  1.014   -4.120  1.00 27.75 ? 103 CYS A CB  1 
ATOM   681  S SG  . CYS A 1 83  ? -5.339  1.704   -3.680  1.00 29.90 ? 103 CYS A SG  1 
ATOM   682  N N   . GLN A 1 84  ? -9.311  -0.964  -4.131  1.00 25.42 ? 104 GLN A N   1 
ATOM   683  C CA  . GLN A 1 84  ? -10.542 -1.411  -4.762  1.00 25.20 ? 104 GLN A CA  1 
ATOM   684  C C   . GLN A 1 84  ? -11.663 -1.536  -3.744  1.00 28.04 ? 104 GLN A C   1 
ATOM   685  O O   . GLN A 1 84  ? -12.816 -1.205  -4.049  1.00 29.76 ? 104 GLN A O   1 
ATOM   686  C CB  . GLN A 1 84  ? -10.283 -2.731  -5.488  1.00 25.90 ? 104 GLN A CB  1 
ATOM   687  C CG  . GLN A 1 84  ? -9.414  -2.503  -6.732  1.00 25.19 ? 104 GLN A CG  1 
ATOM   688  C CD  . GLN A 1 84  ? -8.867  -3.771  -7.303  1.00 27.14 ? 104 GLN A CD  1 
ATOM   689  O OE1 . GLN A 1 84  ? -8.708  -4.776  -6.605  1.00 26.53 ? 104 GLN A OE1 1 
ATOM   690  N NE2 . GLN A 1 84  ? -8.594  -3.755  -8.617  1.00 28.61 ? 104 GLN A NE2 1 
ATOM   691  N N   . LEU A 1 85  ? -11.334 -1.977  -2.528  1.00 25.77 ? 105 LEU A N   1 
ATOM   692  C CA  . LEU A 1 85  ? -12.347 -2.121  -1.491  1.00 28.36 ? 105 LEU A CA  1 
ATOM   693  C C   . LEU A 1 85  ? -12.945 -0.762  -1.171  1.00 33.16 ? 105 LEU A C   1 
ATOM   694  O O   . LEU A 1 85  ? -14.170 -0.616  -1.076  1.00 34.75 ? 105 LEU A O   1 
ATOM   695  C CB  . LEU A 1 85  ? -11.730 -2.766  -0.250  1.00 26.84 ? 105 LEU A CB  1 
ATOM   696  C CG  . LEU A 1 85  ? -12.674 -3.165  0.904   1.00 32.27 ? 105 LEU A CG  1 
ATOM   697  C CD1 . LEU A 1 85  ? -13.819 -4.018  0.370   1.00 36.62 ? 105 LEU A CD1 1 
ATOM   698  C CD2 . LEU A 1 85  ? -11.897 -3.976  1.945   1.00 33.74 ? 105 LEU A CD2 1 
ATOM   699  N N   . GLU A 1 86  ? -12.088 0.255   -1.043  1.00 30.69 ? 106 GLU A N   1 
ATOM   700  C CA  . GLU A 1 86  ? -12.553 1.597   -0.714  1.00 34.03 ? 106 GLU A CA  1 
ATOM   701  C C   . GLU A 1 86  ? -13.427 2.148   -1.821  1.00 40.21 ? 106 GLU A C   1 
ATOM   702  O O   . GLU A 1 86  ? -14.362 2.912   -1.558  1.00 39.17 ? 106 GLU A O   1 
ATOM   703  C CB  . GLU A 1 86  ? -11.356 2.529   -0.481  1.00 32.73 ? 106 GLU A CB  1 
ATOM   704  C CG  . GLU A 1 86  ? -10.613 2.281   0.843   1.00 37.24 ? 106 GLU A CG  1 
ATOM   705  C CD  . GLU A 1 86  ? -11.548 2.357   2.057   1.00 50.67 ? 106 GLU A CD  1 
ATOM   706  O OE1 . GLU A 1 86  ? -11.721 1.344   2.767   1.00 52.22 ? 106 GLU A OE1 1 
ATOM   707  O OE2 . GLU A 1 86  ? -12.129 3.432   2.286   1.00 52.22 ? 106 GLU A OE2 1 
ATOM   708  N N   . MET A 1 87  ? -13.124 1.781   -3.060  1.00 33.77 ? 107 MET A N   1 
ATOM   709  C CA  . MET A 1 87  ? -13.902 2.154   -4.225  1.00 27.80 ? 107 MET A CA  1 
ATOM   710  C C   . MET A 1 87  ? -15.099 1.234   -4.462  1.00 33.05 ? 107 MET A C   1 
ATOM   711  O O   . MET A 1 87  ? -15.790 1.408   -5.469  1.00 37.54 ? 107 MET A O   1 
ATOM   712  C CB  . MET A 1 87  ? -12.979 2.174   -5.438  1.00 30.32 ? 107 MET A CB  1 
ATOM   713  C CG  . MET A 1 87  ? -11.783 3.108   -5.256  1.00 33.32 ? 107 MET A CG  1 
ATOM   714  S SD  . MET A 1 87  ? -10.549 3.032   -6.579  1.00 42.34 ? 107 MET A SD  1 
ATOM   715  C CE  . MET A 1 87  ? -11.283 4.257   -7.635  1.00 41.13 ? 107 MET A CE  1 
ATOM   716  N N   A GLU A 1 88  ? -15.358 0.286   -3.554  0.56 34.56 ? 108 GLU A N   1 
ATOM   717  N N   B GLU A 1 88  ? -15.362 0.274   -3.566  0.44 34.59 ? 108 GLU A N   1 
ATOM   718  C CA  A GLU A 1 88  ? -16.482 -0.648  -3.671  0.56 36.27 ? 108 GLU A CA  1 
ATOM   719  C CA  B GLU A 1 88  ? -16.485 -0.666  -3.650  0.44 36.27 ? 108 GLU A CA  1 
ATOM   720  C C   A GLU A 1 88  ? -16.398 -1.502  -4.939  0.56 36.83 ? 108 GLU A C   1 
ATOM   721  C C   B GLU A 1 88  ? -16.370 -1.652  -4.811  0.44 36.90 ? 108 GLU A C   1 
ATOM   722  O O   A GLU A 1 88  ? -17.417 -1.894  -5.506  0.56 34.27 ? 108 GLU A O   1 
ATOM   723  O O   B GLU A 1 88  ? -17.362 -2.288  -5.190  0.44 34.42 ? 108 GLU A O   1 
ATOM   724  C CB  A GLU A 1 88  ? -17.825 0.092   -3.595  0.56 38.83 ? 108 GLU A CB  1 
ATOM   725  C CB  B GLU A 1 88  ? -17.832 0.063   -3.735  0.44 38.81 ? 108 GLU A CB  1 
ATOM   726  C CG  A GLU A 1 88  ? -17.991 0.865   -2.289  0.56 39.28 ? 108 GLU A CG  1 
ATOM   727  C CG  B GLU A 1 88  ? -17.996 1.174   -2.724  0.44 39.80 ? 108 GLU A CG  1 
ATOM   728  C CD  A GLU A 1 88  ? -19.178 1.821   -2.296  0.56 46.71 ? 108 GLU A CD  1 
ATOM   729  C CD  B GLU A 1 88  ? -19.349 1.836   -2.829  0.44 45.88 ? 108 GLU A CD  1 
ATOM   730  O OE1 A GLU A 1 88  ? -20.135 1.584   -3.070  0.56 42.16 ? 108 GLU A OE1 1 
ATOM   731  O OE1 B GLU A 1 88  ? -20.340 1.226   -2.369  0.44 41.39 ? 108 GLU A OE1 1 
ATOM   732  O OE2 A GLU A 1 88  ? -19.143 2.812   -1.528  0.56 42.75 ? 108 GLU A OE2 1 
ATOM   733  O OE2 B GLU A 1 88  ? -19.416 2.948   -3.393  0.44 43.65 ? 108 GLU A OE2 1 
ATOM   734  N N   . SER A 1 89  ? -15.182 -1.816  -5.388  1.00 34.05 ? 109 SER A N   1 
ATOM   735  C CA  . SER A 1 89  ? -14.975 -2.832  -6.418  1.00 30.15 ? 109 SER A CA  1 
ATOM   736  C C   . SER A 1 89  ? -14.681 -4.130  -5.686  1.00 32.94 ? 109 SER A C   1 
ATOM   737  O O   . SER A 1 89  ? -13.546 -4.591  -5.615  1.00 29.61 ? 109 SER A O   1 
ATOM   738  C CB  . SER A 1 89  ? -13.836 -2.458  -7.359  1.00 33.59 ? 109 SER A CB  1 
ATOM   739  O OG  . SER A 1 89  ? -14.117 -1.284  -8.085  1.00 41.17 ? 109 SER A OG  1 
ATOM   740  N N   . TYR A 1 90  ? -15.743 -4.738  -5.140  1.00 34.46 ? 110 TYR A N   1 
ATOM   741  C CA  . TYR A 1 90  ? -15.590 -5.773  -4.121  1.00 33.46 ? 110 TYR A CA  1 
ATOM   742  C C   . TYR A 1 90  ? -14.951 -7.048  -4.659  1.00 28.17 ? 110 TYR A C   1 
ATOM   743  O O   . TYR A 1 90  ? -14.085 -7.643  -4.006  1.00 28.84 ? 110 TYR A O   1 
ATOM   744  C CB  . TYR A 1 90  ? -16.953 -6.094  -3.509  1.00 36.57 ? 110 TYR A CB  1 
ATOM   745  C CG  . TYR A 1 90  ? -17.529 -4.958  -2.691  1.00 36.01 ? 110 TYR A CG  1 
ATOM   746  C CD1 . TYR A 1 90  ? -17.043 -4.683  -1.417  1.00 34.78 ? 110 TYR A CD1 1 
ATOM   747  C CD2 . TYR A 1 90  ? -18.562 -4.175  -3.182  1.00 37.32 ? 110 TYR A CD2 1 
ATOM   748  C CE1 . TYR A 1 90  ? -17.565 -3.649  -0.664  1.00 39.26 ? 110 TYR A CE1 1 
ATOM   749  C CE2 . TYR A 1 90  ? -19.093 -3.140  -2.433  1.00 44.11 ? 110 TYR A CE2 1 
ATOM   750  C CZ  . TYR A 1 90  ? -18.588 -2.884  -1.178  1.00 42.73 ? 110 TYR A CZ  1 
ATOM   751  O OH  . TYR A 1 90  ? -19.110 -1.857  -0.436  1.00 45.39 ? 110 TYR A OH  1 
ATOM   752  N N   . ASP A 1 91  ? -15.419 -7.545  -5.805  1.00 27.79 ? 111 ASP A N   1 
ATOM   753  C CA  . ASP A 1 91  ? -14.914 -8.824  -6.293  1.00 31.18 ? 111 ASP A CA  1 
ATOM   754  C C   . ASP A 1 91  ? -13.453 -8.718  -6.682  1.00 25.43 ? 111 ASP A C   1 
ATOM   755  O O   . ASP A 1 91  ? -12.667 -9.627  -6.377  1.00 29.73 ? 111 ASP A O   1 
ATOM   756  C CB  . ASP A 1 91  ? -15.740 -9.312  -7.482  1.00 40.12 ? 111 ASP A CB  1 
ATOM   757  C CG  . ASP A 1 91  ? -17.220 -9.438  -7.159  1.00 49.33 ? 111 ASP A CG  1 
ATOM   758  O OD1 . ASP A 1 91  ? -17.567 -9.554  -5.962  1.00 37.15 ? 111 ASP A OD1 1 
ATOM   759  O OD2 . ASP A 1 91  ? -18.032 -9.423  -8.112  1.00 56.55 ? 111 ASP A OD2 1 
ATOM   760  N N   . GLU A 1 92  ? -13.075 -7.607  -7.339  1.00 30.78 ? 112 GLU A N   1 
ATOM   761  C CA  . GLU A 1 92  ? -11.671 -7.368  -7.662  1.00 27.38 ? 112 GLU A CA  1 
ATOM   762  C C   . GLU A 1 92  ? -10.843 -7.271  -6.387  1.00 26.72 ? 112 GLU A C   1 
ATOM   763  O O   . GLU A 1 92  ? -9.776  -7.887  -6.284  1.00 25.94 ? 112 GLU A O   1 
ATOM   764  C CB  . GLU A 1 92  ? -11.498 -6.092  -8.498  1.00 30.52 ? 112 GLU A CB  1 
ATOM   765  C CG  . GLU A 1 92  ? -12.185 -6.100  -9.840  1.00 32.34 ? 112 GLU A CG  1 
ATOM   766  C CD  . GLU A 1 92  ? -13.574 -5.505  -9.793  1.00 48.73 ? 112 GLU A CD  1 
ATOM   767  O OE1 . GLU A 1 92  ? -14.313 -5.764  -8.809  1.00 42.75 ? 112 GLU A OE1 1 
ATOM   768  O OE2 . GLU A 1 92  ? -13.921 -4.765  -10.741 1.00 54.93 ? 112 GLU A OE2 1 
ATOM   769  N N   . ALA A 1 93  ? -11.345 -6.525  -5.397  1.00 26.88 ? 113 ALA A N   1 
ATOM   770  C CA  . ALA A 1 93  ? -10.616 -6.374  -4.133  1.00 26.03 ? 113 ALA A CA  1 
ATOM   771  C C   . ALA A 1 93  ? -10.312 -7.726  -3.497  1.00 25.08 ? 113 ALA A C   1 
ATOM   772  O O   . ALA A 1 93  ? -9.169  -8.003  -3.097  1.00 24.61 ? 113 ALA A O   1 
ATOM   773  C CB  . ALA A 1 93  ? -11.421 -5.492  -3.172  1.00 26.15 ? 113 ALA A CB  1 
ATOM   774  N N   . ILE A 1 94  ? -11.333 -8.584  -3.375  1.00 26.11 ? 114 ILE A N   1 
ATOM   775  C CA  . ILE A 1 94  ? -11.173 -9.881  -2.721  1.00 26.65 ? 114 ILE A CA  1 
ATOM   776  C C   . ILE A 1 94  ? -10.187 -10.762 -3.464  1.00 23.67 ? 114 ILE A C   1 
ATOM   777  O O   . ILE A 1 94  ? -9.341  -11.419 -2.845  1.00 24.94 ? 114 ILE A O   1 
ATOM   778  C CB  . ILE A 1 94  ? -12.544 -10.553 -2.570  1.00 29.98 ? 114 ILE A CB  1 
ATOM   779  C CG1 . ILE A 1 94  ? -13.372 -9.726  -1.566  1.00 33.28 ? 114 ILE A CG1 1 
ATOM   780  C CG2 . ILE A 1 94  ? -12.385 -12.012 -2.157  1.00 31.03 ? 114 ILE A CG2 1 
ATOM   781  C CD1 . ILE A 1 94  ? -14.827 -10.086 -1.523  1.00 35.56 ? 114 ILE A CD1 1 
ATOM   782  N N   . ALA A 1 95  ? -10.245 -10.770 -4.806  1.00 24.80 ? 115 ALA A N   1 
ATOM   783  C CA  . ALA A 1 95  ? -9.279  -11.576 -5.547  1.00 27.51 ? 115 ALA A CA  1 
ATOM   784  C C   . ALA A 1 95  ? -7.854  -11.080 -5.319  1.00 20.92 ? 115 ALA A C   1 
ATOM   785  O O   . ALA A 1 95  ? -6.926  -11.883 -5.227  1.00 26.32 ? 115 ALA A O   1 
ATOM   786  C CB  . ALA A 1 95  ? -9.601  -11.567 -7.045  1.00 26.69 ? 115 ALA A CB  1 
ATOM   787  N N   . ASN A 1 96  ? -7.659  -9.755  -5.212  1.00 22.67 ? 116 ASN A N   1 
ATOM   788  C CA  . ASN A 1 96  ? -6.300  -9.255  -5.020  1.00 24.57 ? 116 ASN A CA  1 
ATOM   789  C C   . ASN A 1 96  ? -5.799  -9.530  -3.614  1.00 22.54 ? 116 ASN A C   1 
ATOM   790  O O   . ASN A 1 96  ? -4.610  -9.808  -3.418  1.00 22.95 ? 116 ASN A O   1 
ATOM   791  C CB  . ASN A 1 96  ? -6.234  -7.769  -5.343  1.00 21.83 ? 116 ASN A CB  1 
ATOM   792  C CG  . ASN A 1 96  ? -6.013  -7.554  -6.843  1.00 24.15 ? 116 ASN A CG  1 
ATOM   793  O OD1 . ASN A 1 96  ? -5.056  -8.101  -7.409  1.00 23.75 ? 116 ASN A OD1 1 
ATOM   794  N ND2 . ASN A 1 96  ? -6.913  -6.829  -7.495  1.00 23.95 ? 116 ASN A ND2 1 
ATOM   795  N N   . LEU A 1 97  ? -6.685  -9.439  -2.625  1.00 23.49 ? 117 LEU A N   1 
ATOM   796  C CA  . LEU A 1 97  ? -6.307  -9.834  -1.264  1.00 23.50 ? 117 LEU A CA  1 
ATOM   797  C C   . LEU A 1 97  ? -6.010  -11.329 -1.182  1.00 26.43 ? 117 LEU A C   1 
ATOM   798  O O   . LEU A 1 97  ? -5.057  -11.747 -0.518  1.00 24.20 ? 117 LEU A O   1 
ATOM   799  C CB  . LEU A 1 97  ? -7.424  -9.461  -0.298  1.00 21.96 ? 117 LEU A CB  1 
ATOM   800  C CG  . LEU A 1 97  ? -7.716  -7.994  -0.133  1.00 26.12 ? 117 LEU A CG  1 
ATOM   801  C CD1 . LEU A 1 97  ? -8.984  -7.832  0.675   1.00 28.23 ? 117 LEU A CD1 1 
ATOM   802  C CD2 . LEU A 1 97  ? -6.524  -7.274  0.524   1.00 27.28 ? 117 LEU A CD2 1 
ATOM   803  N N   . GLN A 1 98  ? -6.798  -12.159 -1.875  1.00 24.14 ? 118 GLN A N   1 
ATOM   804  C CA  . GLN A 1 98  ? -6.491  -13.590 -1.903  1.00 26.89 ? 118 GLN A CA  1 
ATOM   805  C C   . GLN A 1 98  ? -5.162  -13.858 -2.599  1.00 27.27 ? 118 GLN A C   1 
ATOM   806  O O   . GLN A 1 98  ? -4.391  -14.721 -2.165  1.00 26.29 ? 118 GLN A O   1 
ATOM   807  C CB  . GLN A 1 98  ? -7.632  -14.361 -2.572  1.00 26.44 ? 118 GLN A CB  1 
ATOM   808  C CG  . GLN A 1 98  ? -7.366  -15.840 -2.735  1.00 31.65 ? 118 GLN A CG  1 
ATOM   809  C CD  . GLN A 1 98  ? -7.242  -16.566 -1.407  1.00 37.57 ? 118 GLN A CD  1 
ATOM   810  O OE1 . GLN A 1 98  ? -8.004  -16.308 -0.480  1.00 34.93 ? 118 GLN A OE1 1 
ATOM   811  N NE2 . GLN A 1 98  ? -6.273  -17.474 -1.313  1.00 41.98 ? 118 GLN A NE2 1 
ATOM   812  N N   . ARG A 1 99  ? -4.863  -13.118 -3.680  1.00 25.04 ? 119 ARG A N   1 
ATOM   813  C CA  . ARG A 1 99  ? -3.553  -13.244 -4.310  1.00 23.27 ? 119 ARG A CA  1 
ATOM   814  C C   . ARG A 1 99  ? -2.432  -12.785 -3.383  1.00 25.92 ? 119 ARG A C   1 
ATOM   815  O O   . ARG A 1 99  ? -1.378  -13.429 -3.310  1.00 26.59 ? 119 ARG A O   1 
ATOM   816  C CB  . ARG A 1 99  ? -3.533  -12.463 -5.632  1.00 24.08 ? 119 ARG A CB  1 
ATOM   817  C CG  . ARG A 1 99  ? -2.190  -12.487 -6.402  1.00 25.50 ? 119 ARG A CG  1 
ATOM   818  C CD  . ARG A 1 99  ? -1.876  -13.897 -6.909  1.00 26.92 ? 119 ARG A CD  1 
ATOM   819  N NE  . ARG A 1 99  ? -0.694  -13.903 -7.781  1.00 28.97 ? 119 ARG A NE  1 
ATOM   820  C CZ  . ARG A 1 99  ? 0.147   -14.933 -7.848  1.00 26.80 ? 119 ARG A CZ  1 
ATOM   821  N NH1 . ARG A 1 99  ? -0.075  -15.990 -7.088  1.00 28.62 ? 119 ARG A NH1 1 
ATOM   822  N NH2 . ARG A 1 99  ? 1.222   -14.875 -8.612  1.00 28.15 ? 119 ARG A NH2 1 
ATOM   823  N N   . ALA A 1 100 ? -2.637  -11.683 -2.644  1.00 21.75 ? 120 ALA A N   1 
ATOM   824  C CA  . ALA A 1 100 ? -1.659  -11.297 -1.630  1.00 22.05 ? 120 ALA A CA  1 
ATOM   825  C C   . ALA A 1 100 ? -1.408  -12.432 -0.634  1.00 25.43 ? 120 ALA A C   1 
ATOM   826  O O   . ALA A 1 100 ? -0.267  -12.680 -0.227  1.00 25.54 ? 120 ALA A O   1 
ATOM   827  C CB  . ALA A 1 100 ? -2.147  -10.068 -0.870  1.00 24.22 ? 120 ALA A CB  1 
ATOM   828  N N   . TYR A 1 101 ? -2.486  -13.056 -0.150  1.00 27.02 ? 121 TYR A N   1 
ATOM   829  C CA  . TYR A 1 101 ? -2.343  -14.151 0.818   1.00 26.88 ? 121 TYR A CA  1 
ATOM   830  C C   . TYR A 1 101 ? -1.526  -15.304 0.231   1.00 33.10 ? 121 TYR A C   1 
ATOM   831  O O   . TYR A 1 101 ? -0.609  -15.827 0.878   1.00 29.65 ? 121 TYR A O   1 
ATOM   832  C CB  . TYR A 1 101 ? -3.729  -14.614 1.249   1.00 26.43 ? 121 TYR A CB  1 
ATOM   833  C CG  . TYR A 1 101 ? -3.726  -15.890 2.075   1.00 32.21 ? 121 TYR A CG  1 
ATOM   834  C CD1 . TYR A 1 101 ? -3.505  -15.851 3.441   1.00 36.37 ? 121 TYR A CD1 1 
ATOM   835  C CD2 . TYR A 1 101 ? -3.933  -17.122 1.475   1.00 37.92 ? 121 TYR A CD2 1 
ATOM   836  C CE1 . TYR A 1 101 ? -3.498  -17.027 4.203   1.00 36.07 ? 121 TYR A CE1 1 
ATOM   837  C CE2 . TYR A 1 101 ? -3.932  -18.298 2.219   1.00 47.03 ? 121 TYR A CE2 1 
ATOM   838  C CZ  . TYR A 1 101 ? -3.714  -18.243 3.578   1.00 48.31 ? 121 TYR A CZ  1 
ATOM   839  O OH  . TYR A 1 101 ? -3.708  -19.421 4.306   1.00 49.40 ? 121 TYR A OH  1 
ATOM   840  N N   . SER A 1 102 ? -1.847  -15.719 -1.005  1.00 29.36 ? 122 SER A N   1 
ATOM   841  C CA  . SER A 1 102 ? -1.125  -16.836 -1.615  1.00 29.22 ? 122 SER A CA  1 
ATOM   842  C C   . SER A 1 102 ? 0.348   -16.510 -1.805  1.00 32.56 ? 122 SER A C   1 
ATOM   843  O O   . SER A 1 102 ? 1.216   -17.352 -1.555  1.00 32.80 ? 122 SER A O   1 
ATOM   844  C CB  . SER A 1 102 ? -1.767  -17.194 -2.960  1.00 30.63 ? 122 SER A CB  1 
ATOM   845  O OG  . SER A 1 102 ? -3.090  -17.634 -2.723  1.00 38.18 ? 122 SER A OG  1 
ATOM   846  N N   . LEU A 1 103 ? 0.645   -15.293 -2.257  1.00 26.46 ? 123 LEU A N   1 
ATOM   847  C CA  . LEU A 1 103 ? 2.027   -14.871 -2.465  1.00 26.04 ? 123 LEU A CA  1 
ATOM   848  C C   . LEU A 1 103 ? 2.793   -14.848 -1.146  1.00 31.88 ? 123 LEU A C   1 
ATOM   849  O O   . LEU A 1 103 ? 3.984   -15.186 -1.094  1.00 34.51 ? 123 LEU A O   1 
ATOM   850  C CB  . LEU A 1 103 ? 2.051   -13.474 -3.114  1.00 27.93 ? 123 LEU A CB  1 
ATOM   851  C CG  . LEU A 1 103 ? 1.721   -13.371 -4.622  1.00 28.30 ? 123 LEU A CG  1 
ATOM   852  C CD1 . LEU A 1 103 ? 1.385   -11.934 -5.032  1.00 24.50 ? 123 LEU A CD1 1 
ATOM   853  C CD2 . LEU A 1 103 ? 2.870   -13.921 -5.476  1.00 29.03 ? 123 LEU A CD2 1 
ATOM   854  N N   . ALA A 1 104 ? 2.140   -14.395 -0.085  1.00 27.51 ? 124 ALA A N   1 
ATOM   855  C CA  . ALA A 1 104 ? 2.822   -14.290 1.202   1.00 30.59 ? 124 ALA A CA  1 
ATOM   856  C C   . ALA A 1 104 ? 3.191   -15.675 1.720   1.00 35.42 ? 124 ALA A C   1 
ATOM   857  O O   . ALA A 1 104 ? 4.258   -15.867 2.318   1.00 36.47 ? 124 ALA A O   1 
ATOM   858  C CB  . ALA A 1 104 ? 1.939   -13.550 2.203   1.00 29.86 ? 124 ALA A CB  1 
ATOM   859  N N   . LYS A 1 105 ? 2.325   -16.650 1.470   1.00 35.29 ? 125 LYS A N   1 
ATOM   860  C CA  . LYS A 1 105 ? 2.640   -18.036 1.825   1.00 41.94 ? 125 LYS A CA  1 
ATOM   861  C C   . LYS A 1 105 ? 3.808   -18.557 1.002   1.00 42.38 ? 125 LYS A C   1 
ATOM   862  O O   . LYS A 1 105 ? 4.776   -19.088 1.550   1.00 49.90 ? 125 LYS A O   1 
ATOM   863  C CB  . LYS A 1 105 ? 1.405   -18.906 1.644   1.00 35.22 ? 125 LYS A CB  1 
ATOM   864  C CG  . LYS A 1 105 ? 0.409   -18.775 2.778   1.00 46.62 ? 125 LYS A CG  1 
ATOM   865  C CD  . LYS A 1 105 ? -0.844  -19.615 2.545   1.00 52.65 ? 125 LYS A CD  1 
ATOM   866  C CE  . LYS A 1 105 ? -0.670  -21.092 2.891   1.00 60.08 ? 125 LYS A CE  1 
ATOM   867  N NZ  . LYS A 1 105 ? -1.955  -21.856 2.702   1.00 64.59 ? 125 LYS A NZ  1 
ATOM   868  N N   . GLU A 1 106 ? 3.747   -18.384 -0.319  1.00 37.00 ? 126 GLU A N   1 
ATOM   869  C CA  . GLU A 1 106 ? 4.867   -18.757 -1.183  1.00 47.27 ? 126 GLU A CA  1 
ATOM   870  C C   . GLU A 1 106 ? 6.182   -18.167 -0.689  1.00 50.32 ? 126 GLU A C   1 
ATOM   871  O O   . GLU A 1 106 ? 7.234   -18.802 -0.807  1.00 50.91 ? 126 GLU A O   1 
ATOM   872  C CB  . GLU A 1 106 ? 4.627   -18.291 -2.621  1.00 42.34 ? 126 GLU A CB  1 
ATOM   873  C CG  . GLU A 1 106 ? 3.487   -18.957 -3.329  1.00 45.22 ? 126 GLU A CG  1 
ATOM   874  C CD  . GLU A 1 106 ? 3.258   -18.405 -4.714  1.00 49.93 ? 126 GLU A CD  1 
ATOM   875  O OE1 . GLU A 1 106 ? 2.219   -18.768 -5.312  1.00 64.72 ? 126 GLU A OE1 1 
ATOM   876  O OE2 . GLU A 1 106 ? 4.103   -17.619 -5.214  1.00 51.68 ? 126 GLU A OE2 1 
ATOM   877  N N   . GLN A 1 107 ? 6.149   -16.939 -0.162  1.00 38.89 ? 127 GLN A N   1 
ATOM   878  C CA  . GLN A 1 107 ? 7.365   -16.247 0.236   1.00 43.94 ? 127 GLN A CA  1 
ATOM   879  C C   . GLN A 1 107 ? 7.667   -16.403 1.721   1.00 42.42 ? 127 GLN A C   1 
ATOM   880  O O   . GLN A 1 107 ? 8.683   -15.875 2.189   1.00 45.54 ? 127 GLN A O   1 
ATOM   881  C CB  . GLN A 1 107 ? 7.271   -14.756 -0.145  1.00 39.83 ? 127 GLN A CB  1 
ATOM   882  C CG  . GLN A 1 107 ? 7.218   -14.548 -1.663  1.00 35.50 ? 127 GLN A CG  1 
ATOM   883  C CD  . GLN A 1 107 ? 6.719   -13.183 -2.077  1.00 40.01 ? 127 GLN A CD  1 
ATOM   884  O OE1 . GLN A 1 107 ? 6.990   -12.179 -1.412  1.00 38.72 ? 127 GLN A OE1 1 
ATOM   885  N NE2 . GLN A 1 107 ? 5.994   -13.132 -3.199  1.00 33.11 ? 127 GLN A NE2 1 
ATOM   886  N N   . ARG A 1 108 ? 6.798   -17.092 2.470   1.00 43.66 ? 128 ARG A N   1 
ATOM   887  C CA  . ARG A 1 108 ? 6.970   -17.301 3.909   1.00 44.32 ? 128 ARG A CA  1 
ATOM   888  C C   . ARG A 1 108 ? 7.059   -15.975 4.666   1.00 50.01 ? 128 ARG A C   1 
ATOM   889  O O   . ARG A 1 108 ? 7.884   -15.804 5.567   1.00 44.41 ? 128 ARG A O   1 
ATOM   890  C CB  . ARG A 1 108 ? 8.195   -18.174 4.197   1.00 50.80 ? 128 ARG A CB  1 
ATOM   891  C CG  . ARG A 1 108 ? 8.260   -19.463 3.385   1.00 54.56 ? 128 ARG A CG  1 
ATOM   892  C CD  . ARG A 1 108 ? 9.616   -20.159 3.538   1.00 67.65 ? 128 ARG A CD  1 
ATOM   893  N NE  . ARG A 1 108 ? 10.071  -20.727 2.269   1.00 86.98 ? 128 ARG A NE  1 
ATOM   894  C CZ  . ARG A 1 108 ? 11.133  -21.517 2.127   1.00 95.12 ? 128 ARG A CZ  1 
ATOM   895  N NH1 . ARG A 1 108 ? 11.458  -21.983 0.926   1.00 87.95 ? 128 ARG A NH1 1 
ATOM   896  N NH2 . ARG A 1 108 ? 11.870  -21.847 3.181   1.00 86.93 ? 128 ARG A NH2 1 
ATOM   897  N N   . LEU A 1 109 ? 6.199   -15.028 4.308   1.00 37.72 ? 129 LEU A N   1 
ATOM   898  C CA  . LEU A 1 109 ? 6.113   -13.750 4.994   1.00 42.57 ? 129 LEU A CA  1 
ATOM   899  C C   . LEU A 1 109 ? 5.013   -13.830 6.041   1.00 45.10 ? 129 LEU A C   1 
ATOM   900  O O   . LEU A 1 109 ? 3.903   -14.278 5.746   1.00 56.20 ? 129 LEU A O   1 
ATOM   901  C CB  . LEU A 1 109 ? 5.831   -12.613 4.011   1.00 37.11 ? 129 LEU A CB  1 
ATOM   902  C CG  . LEU A 1 109 ? 6.837   -12.444 2.877   1.00 40.52 ? 129 LEU A CG  1 
ATOM   903  C CD1 . LEU A 1 109 ? 6.488   -11.218 2.016   1.00 39.91 ? 129 LEU A CD1 1 
ATOM   904  C CD2 . LEU A 1 109 ? 8.258   -12.356 3.423   1.00 46.50 ? 129 LEU A CD2 1 
ATOM   905  N N   . ASN A 1 110 ? 5.328   -13.402 7.255   1.00 38.49 ? 130 ASN A N   1 
ATOM   906  C CA  . ASN A 1 110 ? 4.408   -13.462 8.391   1.00 45.44 ? 130 ASN A CA  1 
ATOM   907  C C   . ASN A 1 110 ? 3.809   -12.084 8.643   1.00 36.06 ? 130 ASN A C   1 
ATOM   908  O O   . ASN A 1 110 ? 4.500   -11.165 9.105   1.00 44.75 ? 130 ASN A O   1 
ATOM   909  C CB  . ASN A 1 110 ? 5.109   -13.949 9.657   1.00 48.13 ? 130 ASN A CB  1 
ATOM   910  C CG  . ASN A 1 110 ? 4.280   -13.682 10.915  1.00 43.17 ? 130 ASN A CG  1 
ATOM   911  O OD1 . ASN A 1 110 ? 3.058   -13.825 10.899  1.00 52.70 ? 130 ASN A OD1 1 
ATOM   912  N ND2 . ASN A 1 110 ? 4.941   -13.277 12.002  1.00 56.46 ? 130 ASN A ND2 1 
ATOM   913  N N   . PHE A 1 111 ? 2.511   -11.948 8.373   1.00 34.57 ? 131 PHE A N   1 
ATOM   914  C CA  . PHE A 1 111 ? 1.753   -10.763 8.755   1.00 32.94 ? 131 PHE A CA  1 
ATOM   915  C C   . PHE A 1 111 ? 0.681   -11.152 9.757   1.00 34.08 ? 131 PHE A C   1 
ATOM   916  O O   . PHE A 1 111 ? -0.386  -10.548 9.828   1.00 29.31 ? 131 PHE A O   1 
ATOM   917  C CB  . PHE A 1 111 ? 1.163   -10.069 7.522   1.00 30.68 ? 131 PHE A CB  1 
ATOM   918  C CG  . PHE A 1 111 ? 2.192   -9.756  6.489   1.00 35.53 ? 131 PHE A CG  1 
ATOM   919  C CD1 . PHE A 1 111 ? 2.369   -10.577 5.383   1.00 36.77 ? 131 PHE A CD1 1 
ATOM   920  C CD2 . PHE A 1 111 ? 2.996   -8.645  6.633   1.00 36.84 ? 131 PHE A CD2 1 
ATOM   921  C CE1 . PHE A 1 111 ? 3.327   -10.281 4.419   1.00 39.53 ? 131 PHE A CE1 1 
ATOM   922  C CE2 . PHE A 1 111 ? 3.964   -8.338  5.682   1.00 37.94 ? 131 PHE A CE2 1 
ATOM   923  C CZ  . PHE A 1 111 ? 4.136   -9.161  4.576   1.00 38.76 ? 131 PHE A CZ  1 
ATOM   924  N N   . GLY A 1 112 ? 0.983   -12.164 10.567  1.00 33.60 ? 132 GLY A N   1 
ATOM   925  C CA  . GLY A 1 112 ? -0.010  -12.639 11.507  1.00 39.28 ? 132 GLY A CA  1 
ATOM   926  C C   . GLY A 1 112 ? -1.267  -13.015 10.763  1.00 31.64 ? 132 GLY A C   1 
ATOM   927  O O   . GLY A 1 112 ? -1.234  -13.607 9.684   1.00 34.16 ? 132 GLY A O   1 
ATOM   928  N N   . ASP A 1 113 ? -2.394  -12.608 11.314  1.00 28.83 ? 133 ASP A N   1 
ATOM   929  C CA  . ASP A 1 113 ? -3.684  -12.869 10.717  1.00 31.97 ? 133 ASP A CA  1 
ATOM   930  C C   . ASP A 1 113 ? -4.172  -11.692 9.892   1.00 27.94 ? 133 ASP A C   1 
ATOM   931  O O   . ASP A 1 113 ? -5.371  -11.595 9.632   1.00 31.44 ? 133 ASP A O   1 
ATOM   932  C CB  . ASP A 1 113 ? -4.689  -13.211 11.819  1.00 30.92 ? 133 ASP A CB  1 
ATOM   933  C CG  . ASP A 1 113 ? -5.941  -13.917 11.299  1.00 36.14 ? 133 ASP A CG  1 
ATOM   934  O OD1 . ASP A 1 113 ? -5.813  -14.885 10.517  1.00 40.79 ? 133 ASP A OD1 1 
ATOM   935  O OD2 . ASP A 1 113 ? -7.056  -13.502 11.685  1.00 36.22 ? 133 ASP A OD2 1 
ATOM   936  N N   . ASP A 1 114 ? -3.281  -10.762 9.519   1.00 27.64 ? 134 ASP A N   1 
ATOM   937  C CA  . ASP A 1 114 ? -3.769  -9.529  8.908   1.00 26.55 ? 134 ASP A CA  1 
ATOM   938  C C   . ASP A 1 114 ? -4.469  -9.784  7.575   1.00 24.67 ? 134 ASP A C   1 
ATOM   939  O O   . ASP A 1 114 ? -5.490  -9.149  7.283   1.00 27.26 ? 134 ASP A O   1 
ATOM   940  C CB  . ASP A 1 114 ? -2.638  -8.528  8.694   1.00 26.83 ? 134 ASP A CB  1 
ATOM   941  C CG  . ASP A 1 114 ? -2.184  -7.877  9.986   1.00 26.82 ? 134 ASP A CG  1 
ATOM   942  O OD1 . ASP A 1 114 ? -1.238  -7.083  9.902   1.00 27.87 ? 134 ASP A OD1 1 
ATOM   943  O OD2 . ASP A 1 114 ? -2.761  -8.224  11.053  1.00 28.73 ? 134 ASP A OD2 1 
ATOM   944  N N   . ILE A 1 115 ? -3.918  -10.667 6.745   1.00 26.53 ? 135 ILE A N   1 
ATOM   945  C CA  . ILE A 1 115 ? -4.471  -10.865 5.402   1.00 27.60 ? 135 ILE A CA  1 
ATOM   946  C C   . ILE A 1 115 ? -5.765  -11.670 5.512   1.00 24.89 ? 135 ILE A C   1 
ATOM   947  O O   . ILE A 1 115 ? -6.789  -11.220 4.983   1.00 25.20 ? 135 ILE A O   1 
ATOM   948  C CB  . ILE A 1 115 ? -3.456  -11.488 4.428   1.00 23.86 ? 135 ILE A CB  1 
ATOM   949  C CG1 . ILE A 1 115 ? -2.287  -10.531 4.183   1.00 26.22 ? 135 ILE A CG1 1 
ATOM   950  C CG2 . ILE A 1 115 ? -4.114  -11.595 3.017   1.00 27.16 ? 135 ILE A CG2 1 
ATOM   951  C CD1 . ILE A 1 115 ? -1.130  -11.091 3.308   1.00 28.64 ? 135 ILE A CD1 1 
ATOM   952  N N   . PRO A 1 116 ? -5.812  -12.795 6.246   1.00 30.61 ? 136 PRO A N   1 
ATOM   953  C CA  . PRO A 1 116 ? -7.113  -13.457 6.436   1.00 29.31 ? 136 PRO A CA  1 
ATOM   954  C C   . PRO A 1 116 ? -8.155  -12.537 7.035   1.00 29.27 ? 136 PRO A C   1 
ATOM   955  O O   . PRO A 1 116 ? -9.313  -12.549 6.618   1.00 28.78 ? 136 PRO A O   1 
ATOM   956  C CB  . PRO A 1 116 ? -6.763  -14.645 7.353   1.00 27.85 ? 136 PRO A CB  1 
ATOM   957  C CG  . PRO A 1 116 ? -5.365  -14.997 6.952   1.00 29.43 ? 136 PRO A CG  1 
ATOM   958  C CD  . PRO A 1 116 ? -4.714  -13.612 6.792   1.00 31.63 ? 136 PRO A CD  1 
ATOM   959  N N   . SER A 1 117 ? -7.769  -11.698 8.002   1.00 31.63 ? 137 SER A N   1 
ATOM   960  C CA  . SER A 1 117 ? -8.734  -10.772 8.578   1.00 33.75 ? 137 SER A CA  1 
ATOM   961  C C   . SER A 1 117 ? -9.226  -9.763  7.550   1.00 35.66 ? 137 SER A C   1 
ATOM   962  O O   . SER A 1 117 ? -10.417 -9.419  7.522   1.00 32.76 ? 137 SER A O   1 
ATOM   963  C CB  . SER A 1 117 ? -8.119  -10.051 9.783   1.00 33.61 ? 137 SER A CB  1 
ATOM   964  O OG  . SER A 1 117 ? -9.035  -9.113  10.288  1.00 37.91 ? 137 SER A OG  1 
ATOM   965  N N   . ALA A 1 118 ? -8.316  -9.293  6.704   1.00 33.11 ? 138 ALA A N   1 
ATOM   966  C CA  . ALA A 1 118 ? -8.658  -8.324  5.670   1.00 29.48 ? 138 ALA A CA  1 
ATOM   967  C C   . ALA A 1 118 ? -9.653  -8.910  4.674   1.00 27.02 ? 138 ALA A C   1 
ATOM   968  O O   . ALA A 1 118 ? -10.492 -8.195  4.125   1.00 28.14 ? 138 ALA A O   1 
ATOM   969  C CB  . ALA A 1 118 ? -7.404  -7.847  4.952   1.00 25.91 ? 138 ALA A CB  1 
ATOM   970  N N   . LEU A 1 119 ? -9.552  -10.215 4.444   1.00 27.80 ? 139 LEU A N   1 
ATOM   971  C CA  . LEU A 1 119 ? -10.441 -10.900 3.514   1.00 26.77 ? 139 LEU A CA  1 
ATOM   972  C C   . LEU A 1 119 ? -11.841 -11.055 4.101   1.00 37.23 ? 139 LEU A C   1 
ATOM   973  O O   . LEU A 1 119 ? -12.840 -10.835 3.416   1.00 32.68 ? 139 LEU A O   1 
ATOM   974  C CB  . LEU A 1 119 ? -9.874  -12.271 3.141   1.00 28.96 ? 139 LEU A CB  1 
ATOM   975  C CG  . LEU A 1 119 ? -8.820  -12.290 2.032   1.00 37.69 ? 139 LEU A CG  1 
ATOM   976  C CD1 . LEU A 1 119 ? -7.944  -13.528 2.144   1.00 33.77 ? 139 LEU A CD1 1 
ATOM   977  C CD2 . LEU A 1 119 ? -9.479  -12.218 0.663   1.00 36.40 ? 139 LEU A CD2 1 
ATOM   978  N N   A ARG A 1 120 ? -11.808 -11.516 5.421   0.67 36.32 ? 140 ARG A N   1 
ATOM   979  N N   B ARG A 1 120 ? -11.811 -11.498 5.422   0.33 36.26 ? 140 ARG A N   1 
ATOM   980  C CA  A ARG A 1 120 ? -13.105 -11.645 6.074   0.67 37.77 ? 140 ARG A CA  1 
ATOM   981  C CA  B ARG A 1 120 ? -13.113 -11.659 6.058   0.33 37.66 ? 140 ARG A CA  1 
ATOM   982  C C   A ARG A 1 120 ? -13.845 -10.319 6.049   0.67 30.99 ? 140 ARG A C   1 
ATOM   983  C C   B ARG A 1 120 ? -13.861 -10.331 6.117   0.33 31.26 ? 140 ARG A C   1 
ATOM   984  O O   A ARG A 1 120 ? -15.031 -10.260 5.710   0.67 36.89 ? 140 ARG A O   1 
ATOM   985  O O   B ARG A 1 120 ? -15.075 -10.287 5.891   0.33 37.09 ? 140 ARG A O   1 
ATOM   986  C CB  A ARG A 1 120 ? -12.928 -12.154 7.516   0.67 35.63 ? 140 ARG A CB  1 
ATOM   987  C CB  B ARG A 1 120 ? -12.932 -12.282 7.451   0.33 35.61 ? 140 ARG A CB  1 
ATOM   988  C CG  A ARG A 1 120 ? -12.402 -13.575 7.622   0.67 33.06 ? 140 ARG A CG  1 
ATOM   989  C CG  B ARG A 1 120 ? -13.637 -11.565 8.582   0.33 39.24 ? 140 ARG A CG  1 
ATOM   990  C CD  A ARG A 1 120 ? -12.463 -14.101 9.084   0.67 37.84 ? 140 ARG A CD  1 
ATOM   991  C CD  B ARG A 1 120 ? -13.230 -12.132 9.945   0.33 41.08 ? 140 ARG A CD  1 
ATOM   992  N NE  A ARG A 1 120 ? -11.470 -13.466 9.951   0.67 29.74 ? 140 ARG A NE  1 
ATOM   993  N NE  B ARG A 1 120 ? -12.985 -11.050 10.895  0.33 41.18 ? 140 ARG A NE  1 
ATOM   994  C CZ  A ARG A 1 120 ? -10.246 -13.949 10.152  0.67 28.47 ? 140 ARG A CZ  1 
ATOM   995  C CZ  B ARG A 1 120 ? -11.803 -10.779 11.438  0.33 41.40 ? 140 ARG A CZ  1 
ATOM   996  N NH1 A ARG A 1 120 ? -9.872  -15.068 9.547   0.67 36.99 ? 140 ARG A NH1 1 
ATOM   997  N NH1 B ARG A 1 120 ? -10.751 -11.535 11.152  0.33 38.29 ? 140 ARG A NH1 1 
ATOM   998  N NH2 A ARG A 1 120 ? -9.398  -13.304 10.942  0.67 33.28 ? 140 ARG A NH2 1 
ATOM   999  N NH2 B ARG A 1 120 ? -11.676 -9.760  12.275  0.33 35.13 ? 140 ARG A NH2 1 
ATOM   1000 N N   . ILE A 1 121 ? -13.151 -9.233  6.388   1.00 31.20 ? 141 ILE A N   1 
ATOM   1001 C CA  . ILE A 1 121 ? -13.770 -7.912  6.411   1.00 32.49 ? 141 ILE A CA  1 
ATOM   1002 C C   . ILE A 1 121 ? -14.265 -7.537  5.016   1.00 35.59 ? 141 ILE A C   1 
ATOM   1003 O O   . ILE A 1 121 ? -15.380 -7.028  4.846   1.00 35.79 ? 141 ILE A O   1 
ATOM   1004 C CB  . ILE A 1 121 ? -12.768 -6.871  6.942   1.00 34.45 ? 141 ILE A CB  1 
ATOM   1005 C CG1 . ILE A 1 121 ? -12.377 -7.151  8.408   1.00 41.29 ? 141 ILE A CG1 1 
ATOM   1006 C CG2 . ILE A 1 121 ? -13.324 -5.492  6.841   1.00 36.36 ? 141 ILE A CG2 1 
ATOM   1007 C CD1 . ILE A 1 121 ? -13.466 -7.806  9.245   1.00 48.12 ? 141 ILE A CD1 1 
ATOM   1008 N N   . ALA A 1 122 ? -13.426 -7.769  3.998   1.00 35.34 ? 142 ALA A N   1 
ATOM   1009 C CA  . ALA A 1 122 ? -13.821 -7.490  2.617   1.00 32.30 ? 142 ALA A CA  1 
ATOM   1010 C C   . ALA A 1 122 ? -15.060 -8.286  2.206   1.00 27.07 ? 142 ALA A C   1 
ATOM   1011 O O   . ALA A 1 122 ? -15.967 -7.743  1.559   1.00 37.52 ? 142 ALA A O   1 
ATOM   1012 C CB  . ALA A 1 122 ? -12.655 -7.796  1.669   1.00 30.76 ? 142 ALA A CB  1 
ATOM   1013 N N   . LYS A 1 123 ? -15.109 -9.568  2.549   1.00 31.22 ? 143 LYS A N   1 
ATOM   1014 C CA  . LYS A 1 123 ? -16.256 -10.386 2.153   1.00 38.05 ? 143 LYS A CA  1 
ATOM   1015 C C   . LYS A 1 123 ? -17.523 -9.978  2.891   1.00 44.23 ? 143 LYS A C   1 
ATOM   1016 O O   . LYS A 1 123 ? -18.615 -10.050 2.322   1.00 40.95 ? 143 LYS A O   1 
ATOM   1017 C CB  . LYS A 1 123 ? -15.961 -11.870 2.388   1.00 36.00 ? 143 LYS A CB  1 
ATOM   1018 C CG  . LYS A 1 123 ? -14.809 -12.402 1.556   1.00 31.44 ? 143 LYS A CG  1 
ATOM   1019 C CD  . LYS A 1 123 ? -14.448 -13.842 1.856   1.00 35.73 ? 143 LYS A CD  1 
ATOM   1020 C CE  . LYS A 1 123 ? -13.254 -14.305 1.024   1.00 33.70 ? 143 LYS A CE  1 
ATOM   1021 N NZ  . LYS A 1 123 ? -12.829 -15.722 1.306   1.00 42.51 ? 143 LYS A NZ  1 
ATOM   1022 N N   . LYS A 1 124 ? -17.404 -9.561  4.153   1.00 41.27 ? 144 LYS A N   1 
ATOM   1023 C CA  . LYS A 1 124 ? -18.576 -9.081  4.883   1.00 40.30 ? 144 LYS A CA  1 
ATOM   1024 C C   . LYS A 1 124 ? -19.088 -7.765  4.316   1.00 43.34 ? 144 LYS A C   1 
ATOM   1025 O O   . LYS A 1 124 ? -20.303 -7.584  4.165   1.00 40.22 ? 144 LYS A O   1 
ATOM   1026 C CB  . LYS A 1 124 ? -18.258 -8.937  6.373   1.00 47.63 ? 144 LYS A CB  1 
ATOM   1027 C CG  . LYS A 1 124 ? -19.369 -8.236  7.149   1.00 53.28 ? 144 LYS A CG  1 
ATOM   1028 C CD  . LYS A 1 124 ? -19.156 -8.304  8.654   1.00 68.89 ? 144 LYS A CD  1 
ATOM   1029 C CE  . LYS A 1 124 ? -20.209 -7.485  9.399   1.00 69.20 ? 144 LYS A CE  1 
ATOM   1030 N NZ  . LYS A 1 124 ? -19.917 -7.404  10.856  1.00 77.21 ? 144 LYS A NZ  1 
ATOM   1031 N N   . LYS A 1 125 ? -18.181 -6.833  3.995   1.00 38.80 ? 145 LYS A N   1 
ATOM   1032 C CA  . LYS A 1 125 ? -18.591 -5.593  3.347   1.00 37.95 ? 145 LYS A CA  1 
ATOM   1033 C C   . LYS A 1 125 ? -19.254 -5.865  2.007   1.00 47.22 ? 145 LYS A C   1 
ATOM   1034 O O   . LYS A 1 125 ? -20.221 -5.186  1.633   1.00 43.88 ? 145 LYS A O   1 
ATOM   1035 C CB  . LYS A 1 125 ? -17.388 -4.670  3.157   1.00 41.06 ? 145 LYS A CB  1 
ATOM   1036 C CG  . LYS A 1 125 ? -16.840 -4.148  4.476   1.00 43.91 ? 145 LYS A CG  1 
ATOM   1037 C CD  . LYS A 1 125 ? -15.745 -3.131  4.268   1.00 40.63 ? 145 LYS A CD  1 
ATOM   1038 C CE  . LYS A 1 125 ? -15.157 -2.709  5.621   1.00 44.56 ? 145 LYS A CE  1 
ATOM   1039 N NZ  . LYS A 1 125 ? -14.125 -1.657  5.453   1.00 44.73 ? 145 LYS A NZ  1 
ATOM   1040 N N   . ARG A 1 126 ? -18.722 -6.829  1.256   1.00 40.47 ? 146 ARG A N   1 
ATOM   1041 C CA  . ARG A 1 126 ? -19.349 -7.209  -0.006  1.00 44.51 ? 146 ARG A CA  1 
ATOM   1042 C C   . ARG A 1 126 ? -20.744 -7.782  0.232   1.00 45.46 ? 146 ARG A C   1 
ATOM   1043 O O   . ARG A 1 126 ? -21.707 -7.404  -0.443  1.00 45.61 ? 146 ARG A O   1 
ATOM   1044 C CB  . ARG A 1 126 ? -18.473 -8.225  -0.740  1.00 36.60 ? 146 ARG A CB  1 
ATOM   1045 C CG  . ARG A 1 126 ? -19.163 -8.831  -1.970  1.00 40.82 ? 146 ARG A CG  1 
ATOM   1046 C CD  . ARG A 1 126 ? -18.311 -9.901  -2.618  1.00 32.08 ? 146 ARG A CD  1 
ATOM   1047 N NE  . ARG A 1 126 ? -18.954 -10.459 -3.803  1.00 41.86 ? 146 ARG A NE  1 
ATOM   1048 C CZ  . ARG A 1 126 ? -19.852 -11.439 -3.769  1.00 45.70 ? 146 ARG A CZ  1 
ATOM   1049 N NH1 . ARG A 1 126 ? -20.369 -11.895 -4.896  1.00 41.25 ? 146 ARG A NH1 1 
ATOM   1050 N NH2 . ARG A 1 126 ? -20.232 -11.969 -2.610  1.00 45.46 ? 146 ARG A NH2 1 
ATOM   1051 N N   . TRP A 1 127 ? -20.863 -8.701  1.195   1.00 45.35 ? 147 TRP A N   1 
ATOM   1052 C CA  . TRP A 1 127 ? -22.154 -9.316  1.497   1.00 42.27 ? 147 TRP A CA  1 
ATOM   1053 C C   . TRP A 1 127 ? -23.185 -8.267  1.895   1.00 48.67 ? 147 TRP A C   1 
ATOM   1054 O O   . TRP A 1 127 ? -24.312 -8.261  1.385   1.00 48.20 ? 147 TRP A O   1 
ATOM   1055 C CB  . TRP A 1 127 ? -21.975 -10.357 2.601   1.00 50.56 ? 147 TRP A CB  1 
ATOM   1056 C CG  . TRP A 1 127 ? -23.140 -11.277 2.814   1.00 58.01 ? 147 TRP A CG  1 
ATOM   1057 C CD1 . TRP A 1 127 ? -23.350 -12.491 2.220   1.00 58.65 ? 147 TRP A CD1 1 
ATOM   1058 C CD2 . TRP A 1 127 ? -24.239 -11.073 3.711   1.00 55.80 ? 147 TRP A CD2 1 
ATOM   1059 N NE1 . TRP A 1 127 ? -24.517 -13.053 2.692   1.00 62.02 ? 147 TRP A NE1 1 
ATOM   1060 C CE2 . TRP A 1 127 ? -25.082 -12.198 3.603   1.00 61.69 ? 147 TRP A CE2 1 
ATOM   1061 C CE3 . TRP A 1 127 ? -24.593 -10.047 4.591   1.00 56.37 ? 147 TRP A CE3 1 
ATOM   1062 C CZ2 . TRP A 1 127 ? -26.260 -12.323 4.344   1.00 65.21 ? 147 TRP A CZ2 1 
ATOM   1063 C CZ3 . TRP A 1 127 ? -25.761 -10.172 5.325   1.00 70.13 ? 147 TRP A CZ3 1 
ATOM   1064 C CH2 . TRP A 1 127 ? -26.583 -11.301 5.195   1.00 63.14 ? 147 TRP A CH2 1 
ATOM   1065 N N   . ASN A 1 128 ? -22.812 -7.360  2.800   1.00 49.04 ? 148 ASN A N   1 
ATOM   1066 C CA  . ASN A 1 128 ? -23.738 -6.303  3.199   1.00 49.46 ? 148 ASN A CA  1 
ATOM   1067 C C   . ASN A 1 128 ? -24.157 -5.460  2.002   1.00 52.83 ? 148 ASN A C   1 
ATOM   1068 O O   . ASN A 1 128 ? -25.323 -5.058  1.892   1.00 53.98 ? 148 ASN A O   1 
ATOM   1069 C CB  . ASN A 1 128 ? -23.110 -5.426  4.286   1.00 47.99 ? 148 ASN A CB  1 
ATOM   1070 C CG  . ASN A 1 128 ? -22.863 -6.189  5.602   1.00 52.59 ? 148 ASN A CG  1 
ATOM   1071 O OD1 . ASN A 1 128 ? -23.474 -7.228  5.874   1.00 54.87 ? 148 ASN A OD1 1 
ATOM   1072 N ND2 . ASN A 1 128 ? -21.963 -5.661  6.423   1.00 52.76 ? 148 ASN A ND2 1 
ATOM   1073 N N   A SER A 1 129 ? -23.221 -5.186  1.090   0.39 49.17 ? 149 SER A N   1 
ATOM   1074 N N   B SER A 1 129 ? -23.222 -5.186  1.091   0.61 49.15 ? 149 SER A N   1 
ATOM   1075 C CA  A SER A 1 129 ? -23.557 -4.425  -0.107  0.39 50.14 ? 149 SER A CA  1 
ATOM   1076 C CA  B SER A 1 129 ? -23.559 -4.421  -0.105  0.61 50.15 ? 149 SER A CA  1 
ATOM   1077 C C   A SER A 1 129 ? -24.586 -5.151  -0.964  0.39 49.65 ? 149 SER A C   1 
ATOM   1078 C C   B SER A 1 129 ? -24.582 -5.150  -0.968  0.61 49.60 ? 149 SER A C   1 
ATOM   1079 O O   A SER A 1 129 ? -25.436 -4.509  -1.592  0.39 53.23 ? 149 SER A O   1 
ATOM   1080 O O   B SER A 1 129 ? -25.426 -4.510  -1.604  0.61 53.26 ? 149 SER A O   1 
ATOM   1081 C CB  A SER A 1 129 ? -22.292 -4.150  -0.924  0.39 48.71 ? 149 SER A CB  1 
ATOM   1082 C CB  B SER A 1 129 ? -22.286 -4.132  -0.908  0.61 48.75 ? 149 SER A CB  1 
ATOM   1083 O OG  A SER A 1 129 ? -21.714 -5.363  -1.381  0.39 41.99 ? 149 SER A OG  1 
ATOM   1084 O OG  B SER A 1 129 ? -22.579 -3.526  -2.153  0.61 38.56 ? 149 SER A OG  1 
ATOM   1085 N N   . ILE A 1 130 ? -24.531 -6.483  -0.998  1.00 52.16 ? 150 ILE A N   1 
ATOM   1086 C CA  . ILE A 1 130 ? -25.436 -7.256  -1.848  1.00 49.33 ? 150 ILE A CA  1 
ATOM   1087 C C   . ILE A 1 130 ? -26.818 -7.371  -1.217  1.00 58.20 ? 150 ILE A C   1 
ATOM   1088 O O   . ILE A 1 130 ? -27.839 -7.213  -1.899  1.00 59.33 ? 150 ILE A O   1 
ATOM   1089 C CB  . ILE A 1 130 ? -24.829 -8.641  -2.131  1.00 54.75 ? 150 ILE A CB  1 
ATOM   1090 C CG1 . ILE A 1 130 ? -23.721 -8.530  -3.176  1.00 44.07 ? 150 ILE A CG1 1 
ATOM   1091 C CG2 . ILE A 1 130 ? -25.909 -9.643  -2.570  1.00 53.81 ? 150 ILE A CG2 1 
ATOM   1092 C CD1 . ILE A 1 130 ? -22.803 -9.723  -3.175  1.00 47.24 ? 150 ILE A CD1 1 
ATOM   1093 N N   . GLU A 1 131 ? -26.880 -7.646  0.092   1.00 50.41 ? 151 GLU A N   1 
ATOM   1094 C CA  . GLU A 1 131 ? -28.145 -7.682  0.827   1.00 57.61 ? 151 GLU A CA  1 
ATOM   1095 C C   . GLU A 1 131 ? -28.783 -6.268  0.964   1.00 64.27 ? 151 GLU A C   1 
ATOM   1096 O O   . GLU A 1 131 ? -29.797 -6.124  1.662   1.00 67.95 ? 151 GLU A O   1 
ATOM   1097 C CB  . GLU A 1 131 ? -27.918 -8.319  2.206   1.00 59.85 ? 151 GLU A CB  1 
ATOM   1098 C CG  . GLU A 1 131 ? -29.069 -9.189  2.738   1.00 57.94 ? 151 GLU A CG  1 
ATOM   1099 C CD  . GLU A 1 131 ? -29.044 -10.626 2.210   1.00 70.34 ? 151 GLU A CD  1 
ATOM   1100 O OE1 . GLU A 1 131 ? -28.220 -10.923 1.315   1.00 66.48 ? 151 GLU A OE1 1 
ATOM   1101 O OE2 . GLU A 1 131 ? -29.849 -11.466 2.692   1.00 53.49 ? 151 GLU A OE2 1 
ATOM   1102 N N   . GLU A 1 132 ? -28.185 -5.300  0.265   1.00 61.38 ? 152 GLU A N   1 
ATOM   1103 C CA  . GLU A 1 132 ? -28.479 -3.872  0.387   1.00 66.62 ? 152 GLU A CA  1 
ATOM   1104 C C   . GLU A 1 132 ? -28.115 -3.378  1.784   1.00 61.45 ? 152 GLU A C   1 
ATOM   1105 O O   . GLU A 1 132 ? -28.953 -2.831  2.495   1.00 78.83 ? 152 GLU A O   1 
ATOM   1106 C CB  . GLU A 1 132 ? -29.948 -3.572  0.083   1.00 68.02 ? 152 GLU A CB  1 
ATOM   1107 C CG  . GLU A 1 132 ? -30.451 -4.201  -1.200  1.00 69.68 ? 152 GLU A CG  1 
ATOM   1108 C CD  . GLU A 1 132 ? -31.820 -3.682  -1.597  1.00 84.01 ? 152 GLU A CD  1 
ATOM   1109 O OE1 . GLU A 1 132 ? -31.982 -2.445  -1.710  1.00 79.50 ? 152 GLU A OE1 1 
ATOM   1110 O OE2 . GLU A 1 132 ? -32.736 -4.511  -1.790  1.00 86.89 ? 152 GLU A OE2 1 
HETATM 1111 N N   . DPR B 2 2   ? 12.545  -2.840  5.397   1.00 59.75 ? 2   DPR B N   1 
HETATM 1112 C CA  . DPR B 2 2   ? 12.900  -2.741  6.814   1.00 61.81 ? 2   DPR B CA  1 
HETATM 1113 C CB  . DPR B 2 2   ? 13.926  -3.878  6.982   1.00 61.72 ? 2   DPR B CB  1 
HETATM 1114 C CG  . DPR B 2 2   ? 13.588  -4.895  5.846   1.00 57.27 ? 2   DPR B CG  1 
HETATM 1115 C CD  . DPR B 2 2   ? 12.516  -4.248  4.963   1.00 57.67 ? 2   DPR B CD  1 
HETATM 1116 C C   . DPR B 2 2   ? 11.660  -3.011  7.662   1.00 59.27 ? 2   DPR B C   1 
HETATM 1117 O O   . DPR B 2 2   ? 10.728  -2.183  7.678   1.00 51.56 ? 2   DPR B O   1 
HETATM 1118 N N   A DTR B 2 3   ? 11.648  -4.158  8.340   0.49 54.07 ? 3   DTR B N   1 
HETATM 1119 N N   B DTR B 2 3   ? 11.642  -4.159  8.342   0.51 54.07 ? 3   DTR B N   1 
HETATM 1120 C CA  A DTR B 2 3   ? 10.499  -4.597  9.123   0.49 51.94 ? 3   DTR B CA  1 
HETATM 1121 C CA  B DTR B 2 3   ? 10.485  -4.571  9.129   0.51 51.94 ? 3   DTR B CA  1 
HETATM 1122 C CB  A DTR B 2 3   ? 10.761  -5.971  9.744   0.49 48.93 ? 3   DTR B CB  1 
HETATM 1123 C CB  B DTR B 2 3   ? 10.700  -5.948  9.764   0.51 48.90 ? 3   DTR B CB  1 
HETATM 1124 C CG  A DTR B 2 3   ? 9.508   -6.751  10.057  0.49 50.51 ? 3   DTR B CG  1 
HETATM 1125 C CG  B DTR B 2 3   ? 10.882  -5.981  11.278  0.51 51.03 ? 3   DTR B CG  1 
HETATM 1126 C CD1 A DTR B 2 3   ? 8.819   -6.768  11.239  0.49 49.17 ? 3   DTR B CD1 1 
HETATM 1127 C CD1 B DTR B 2 3   ? 11.638  -6.880  11.980  0.51 52.78 ? 3   DTR B CD1 1 
HETATM 1128 N NE1 A DTR B 2 3   ? 7.727   -7.601  11.136  0.49 46.85 ? 3   DTR B NE1 1 
HETATM 1129 N NE1 B DTR B 2 3   ? 11.567  -6.617  13.325  0.51 52.33 ? 3   DTR B NE1 1 
HETATM 1130 C CE2 A DTR B 2 3   ? 7.693   -8.139  9.876   0.49 48.83 ? 3   DTR B CE2 1 
HETATM 1131 C CE2 B DTR B 2 3   ? 10.753  -5.535  13.525  0.51 47.59 ? 3   DTR B CE2 1 
HETATM 1132 C CZ2 A DTR B 2 3   ? 6.786   -9.025  9.301   0.49 45.85 ? 3   DTR B CZ2 1 
HETATM 1133 C CZ2 B DTR B 2 3   ? 10.378  -4.900  14.711  0.51 51.76 ? 3   DTR B CZ2 1 
HETATM 1134 C CH2 A DTR B 2 3   ? 7.004   -9.393  8.002   0.49 41.92 ? 3   DTR B CH2 1 
HETATM 1135 C CH2 B DTR B 2 3   ? 9.542   -3.824  14.613  0.51 45.53 ? 3   DTR B CH2 1 
HETATM 1136 C CZ3 A DTR B 2 3   ? 8.093   -8.900  7.274   0.49 44.24 ? 3   DTR B CZ3 1 
HETATM 1137 C CZ3 B DTR B 2 3   ? 9.071   -3.374  13.367  0.51 45.10 ? 3   DTR B CZ3 1 
HETATM 1138 C CE3 A DTR B 2 3   ? 8.993   -8.027  7.840   0.49 44.49 ? 3   DTR B CE3 1 
HETATM 1139 C CE3 B DTR B 2 3   ? 9.435   -4.001  12.197  0.51 43.18 ? 3   DTR B CE3 1 
HETATM 1140 C CD2 A DTR B 2 3   ? 8.799   -7.627  9.167   0.49 48.10 ? 3   DTR B CD2 1 
HETATM 1141 C CD2 B DTR B 2 3   ? 10.295  -5.105  12.262  0.51 50.57 ? 3   DTR B CD2 1 
HETATM 1142 C C   A DTR B 2 3   ? 9.222   -4.638  8.288   0.49 44.83 ? 3   DTR B C   1 
HETATM 1143 C C   B DTR B 2 3   ? 9.218   -4.614  8.281   0.51 44.82 ? 3   DTR B C   1 
HETATM 1144 O O   A DTR B 2 3   ? 8.143   -4.361  8.799   0.49 40.08 ? 3   DTR B O   1 
HETATM 1145 O O   B DTR B 2 3   ? 8.139   -4.318  8.780   0.51 40.05 ? 3   DTR B O   1 
HETATM 1146 N N   . DGL B 2 4   ? 9.339   -4.994  7.011   1.00 49.18 ? 4   DGL B N   1 
HETATM 1147 C CA  . DGL B 2 4   ? 8.162   -5.032  6.149   1.00 46.42 ? 4   DGL B CA  1 
HETATM 1148 C C   . DGL B 2 4   ? 7.545   -3.647  5.941   1.00 36.76 ? 4   DGL B C   1 
HETATM 1149 O O   . DGL B 2 4   ? 6.326   -3.519  6.072   1.00 36.35 ? 4   DGL B O   1 
HETATM 1150 C CB  . DGL B 2 4   ? 8.390   -5.748  4.805   1.00 47.69 ? 4   DGL B CB  1 
HETATM 1151 C CG  . DGL B 2 4   ? 7.107   -5.723  3.953   1.00 47.96 ? 4   DGL B CG  1 
HETATM 1152 C CD  . DGL B 2 4   ? 7.026   -6.786  2.848   1.00 49.65 ? 4   DGL B CD  1 
HETATM 1153 O OE1 . DGL B 2 4   ? 8.034   -7.484  2.585   1.00 48.73 ? 4   DGL B OE1 1 
HETATM 1154 O OE2 . DGL B 2 4   ? 5.929   -6.908  2.245   1.00 28.31 ? 4   DGL B OE2 1 
HETATM 1155 N N   . DAS B 2 5   ? 8.366   -2.633  5.630   1.00 40.20 ? 5   DAS B N   1 
HETATM 1156 C CA  . DAS B 2 5   ? 7.887   -1.251  5.470   1.00 41.56 ? 5   DAS B CA  1 
HETATM 1157 C C   . DAS B 2 5   ? 7.144   -0.853  6.741   1.00 32.48 ? 5   DAS B C   1 
HETATM 1158 O O   . DAS B 2 5   ? 6.022   -0.310  6.699   1.00 30.07 ? 5   DAS B O   1 
HETATM 1159 C CB  . DAS B 2 5   ? 9.042   -0.243  5.262   1.00 46.07 ? 5   DAS B CB  1 
HETATM 1160 C CG  . DAS B 2 5   ? 9.501   -0.138  3.810   1.00 50.46 ? 5   DAS B CG  1 
HETATM 1161 O OD1 . DAS B 2 5   ? 9.562   -1.191  3.142   1.00 43.23 ? 5   DAS B OD1 1 
HETATM 1162 O OD2 . DAS B 2 5   ? 9.827   0.999   3.348   1.00 49.42 ? 5   DAS B OD2 1 
HETATM 1163 N N   . DCY B 2 6   ? 7.779   -1.126  7.870   1.00 30.70 ? 6   DCY B N   1 
HETATM 1164 C CA  . DCY B 2 6   ? 7.205   -0.731  9.159   1.00 29.88 ? 6   DCY B CA  1 
HETATM 1165 C C   . DCY B 2 6   ? 5.894   -1.446  9.391   1.00 27.18 ? 6   DCY B C   1 
HETATM 1166 O O   . DCY B 2 6   ? 4.923   -0.844  9.836   1.00 27.71 ? 6   DCY B O   1 
HETATM 1167 C CB  . DCY B 2 6   ? 8.182   -1.056  10.296  1.00 39.24 ? 6   DCY B CB  1 
HETATM 1168 S SG  . DCY B 2 6   ? 9.670   -0.020  10.193  1.00 41.53 ? 6   DCY B SG  1 
HETATM 1169 N N   . DAL B 2 7   ? 5.851   -2.739  9.083   1.00 26.88 ? 7   DAL B N   1 
HETATM 1170 C CA  . DAL B 2 7   ? 4.630   -3.494  9.357   1.00 25.40 ? 7   DAL B CA  1 
HETATM 1171 C CB  . DAL B 2 7   ? 4.832   -4.952  9.043   1.00 29.50 ? 7   DAL B CB  1 
HETATM 1172 C C   . DAL B 2 7   ? 3.452   -2.947  8.563   1.00 26.67 ? 7   DAL B C   1 
HETATM 1173 O O   . DAL B 2 7   ? 2.342   -2.765  9.089   1.00 23.01 ? 7   DAL B O   1 
HETATM 1174 N N   . DTR B 2 8   ? 3.672   -2.657  7.282   1.00 22.98 ? 8   DTR B N   1 
HETATM 1175 C CA  . DTR B 2 8   ? 2.586   -2.130  6.499   1.00 18.47 ? 8   DTR B CA  1 
HETATM 1176 C CB  . DTR B 2 8   ? 2.907   -2.158  4.974   1.00 22.89 ? 8   DTR B CB  1 
HETATM 1177 C CG  . DTR B 2 8   ? 3.025   -3.546  4.398   1.00 24.93 ? 8   DTR B CG  1 
HETATM 1178 C CD1 . DTR B 2 8   ? 4.119   -4.067  3.816   1.00 25.72 ? 8   DTR B CD1 1 
HETATM 1179 N NE1 . DTR B 2 8   ? 3.868   -5.342  3.386   1.00 24.86 ? 8   DTR B NE1 1 
HETATM 1180 C CE2 . DTR B 2 8   ? 2.584   -5.674  3.713   1.00 27.43 ? 8   DTR B CE2 1 
HETATM 1181 C CZ2 . DTR B 2 8   ? 1.877   -6.844  3.494   1.00 33.24 ? 8   DTR B CZ2 1 
HETATM 1182 C CH2 . DTR B 2 8   ? 0.590   -6.900  3.951   1.00 29.61 ? 8   DTR B CH2 1 
HETATM 1183 C CZ3 . DTR B 2 8   ? -0.007  -5.810  4.580   1.00 30.98 ? 8   DTR B CZ3 1 
HETATM 1184 C CE3 . DTR B 2 8   ? 0.700   -4.635  4.803   1.00 23.41 ? 8   DTR B CE3 1 
HETATM 1185 C CD2 . DTR B 2 8   ? 2.018   -4.556  4.352   1.00 25.48 ? 8   DTR B CD2 1 
HETATM 1186 C C   . DTR B 2 8   ? 2.218   -0.684  6.887   1.00 20.98 ? 8   DTR B C   1 
HETATM 1187 O O   . DTR B 2 8   ? 1.059   -0.305  6.758   1.00 23.28 ? 8   DTR B O   1 
HETATM 1188 N N   . DPN B 2 9   ? 3.184   0.132   7.296   1.00 23.11 ? 9   DPN B N   1 
HETATM 1189 C CA  . DPN B 2 9   ? 2.846   1.494   7.694   1.00 20.86 ? 9   DPN B CA  1 
HETATM 1190 C C   . DPN B 2 9   ? 1.924   1.447   8.919   1.00 21.54 ? 9   DPN B C   1 
HETATM 1191 O O   . DPN B 2 9   ? 0.935   2.174   8.986   1.00 23.29 ? 9   DPN B O   1 
HETATM 1192 C CB  . DPN B 2 9   ? 4.094   2.316   8.019   1.00 25.65 ? 9   DPN B CB  1 
HETATM 1193 C CG  . DPN B 2 9   ? 4.813   2.867   6.792   1.00 27.16 ? 9   DPN B CG  1 
HETATM 1194 C CD1 . DPN B 2 9   ? 4.121   3.515   5.786   1.00 23.79 ? 9   DPN B CD1 1 
HETATM 1195 C CD2 . DPN B 2 9   ? 6.189   2.782   6.717   1.00 29.92 ? 9   DPN B CD2 1 
HETATM 1196 C CE1 . DPN B 2 9   ? 4.808   4.047   4.680   1.00 29.10 ? 9   DPN B CE1 1 
HETATM 1197 C CE2 . DPN B 2 9   ? 6.882   3.318   5.641   1.00 33.20 ? 9   DPN B CE2 1 
HETATM 1198 C CZ  . DPN B 2 9   ? 6.191   3.925   4.613   1.00 28.11 ? 9   DPN B CZ  1 
HETATM 1199 N N   . DAL B 2 10  ? 2.254   0.577   9.856   1.00 22.54 ? 10  DAL B N   1 
HETATM 1200 C CA  . DAL B 2 10  ? 1.428   0.448   11.085  1.00 24.78 ? 10  DAL B CA  1 
HETATM 1201 C CB  . DAL B 2 10  ? 2.072   -0.494  12.046  1.00 24.77 ? 10  DAL B CB  1 
HETATM 1202 C C   . DAL B 2 10  ? 0.030   -0.026  10.713  1.00 22.85 ? 10  DAL B C   1 
HETATM 1203 O O   . DAL B 2 10  ? -0.977  0.495   11.220  1.00 22.68 ? 10  DAL B O   1 
HETATM 1204 N N   . DTR B 2 11  ? -0.045  -1.009  9.801   1.00 21.64 ? 11  DTR B N   1 
HETATM 1205 C CA  . DTR B 2 11  ? -1.349  -1.440  9.301   1.00 22.10 ? 11  DTR B CA  1 
HETATM 1206 C CB  . DTR B 2 11  ? -1.196  -2.598  8.275   1.00 23.24 ? 11  DTR B CB  1 
HETATM 1207 C CG  . DTR B 2 11  ? -2.529  -3.236  7.941   1.00 22.36 ? 11  DTR B CG  1 
HETATM 1208 C CD1 . DTR B 2 11  ? -3.076  -4.373  8.491   1.00 25.76 ? 11  DTR B CD1 1 
HETATM 1209 N NE1 . DTR B 2 11  ? -4.331  -4.602  7.937   1.00 24.99 ? 11  DTR B NE1 1 
HETATM 1210 C CE2 . DTR B 2 11  ? -4.593  -3.616  7.016   1.00 23.94 ? 11  DTR B CE2 1 
HETATM 1211 C CZ2 . DTR B 2 11  ? -5.720  -3.414  6.209   1.00 22.61 ? 11  DTR B CZ2 1 
HETATM 1212 C CH2 . DTR B 2 11  ? -5.705  -2.353  5.351   1.00 22.68 ? 11  DTR B CH2 1 
HETATM 1213 C CZ3 . DTR B 2 11  ? -4.623  -1.448  5.300   1.00 24.97 ? 11  DTR B CZ3 1 
HETATM 1214 C CE3 . DTR B 2 11  ? -3.499  -1.648  6.095   1.00 23.68 ? 11  DTR B CE3 1 
HETATM 1215 C CD2 . DTR B 2 11  ? -3.486  -2.744  6.987   1.00 24.55 ? 11  DTR B CD2 1 
HETATM 1216 C C   . DTR B 2 11  ? -2.168  -0.285  8.706   1.00 23.29 ? 11  DTR B C   1 
HETATM 1217 O O   . DTR B 2 11  ? -3.333  -0.079  9.066   1.00 22.68 ? 11  DTR B O   1 
HETATM 1218 N N   . DAL B 2 12  ? -1.564  0.446   7.768   1.00 21.72 ? 12  DAL B N   1 
HETATM 1219 C CA  . DAL B 2 12  ? -2.274  1.509   7.084   1.00 20.71 ? 12  DAL B CA  1 
HETATM 1220 C CB  . DAL B 2 12  ? -1.391  2.118   5.993   1.00 23.18 ? 12  DAL B CB  1 
HETATM 1221 C C   . DAL B 2 12  ? -2.705  2.578   8.080   1.00 23.22 ? 12  DAL B C   1 
HETATM 1222 O O   . DAL B 2 12  ? -3.820  3.113   7.973   1.00 24.91 ? 12  DAL B O   1 
HETATM 1223 N N   . DCY B 2 13  ? -1.822  2.873   9.027   1.00 23.83 ? 13  DCY B N   1 
HETATM 1224 C CA  . DCY B 2 13  ? -2.125  3.924   10.016  1.00 20.39 ? 13  DCY B CA  1 
HETATM 1225 C C   . DCY B 2 13  ? -3.506  3.710   10.620  1.00 23.16 ? 13  DCY B C   1 
HETATM 1226 O O   . DCY B 2 13  ? -4.272  4.688   10.751  1.00 29.09 ? 13  DCY B O   1 
HETATM 1227 C CB  . DCY B 2 13  ? -1.081  3.978   11.120  1.00 19.85 ? 13  DCY B CB  1 
HETATM 1228 S SG  . DCY B 2 13  ? -1.233  5.573   11.989  1.00 25.17 ? 13  DCY B SG  1 
HETATM 1229 N N   . DTY B 2 14  ? -3.820  2.466   11.015  1.00 23.87 ? 14  DTY B N   1 
HETATM 1230 C CA  . DTY B 2 14  ? -5.098  2.213   11.696  1.00 26.08 ? 14  DTY B CA  1 
HETATM 1231 C C   . DTY B 2 14  ? -6.217  1.575   10.861  1.00 30.88 ? 14  DTY B C   1 
HETATM 1232 O O   . DTY B 2 14  ? -7.319  1.368   11.352  1.00 30.02 ? 14  DTY B O   1 
HETATM 1233 C CB  . DTY B 2 14  ? -4.845  1.433   13.009  1.00 25.15 ? 14  DTY B CB  1 
HETATM 1234 C CG  . DTY B 2 14  ? -3.928  2.229   13.905  1.00 28.24 ? 14  DTY B CG  1 
HETATM 1235 C CD1 . DTY B 2 14  ? -2.610  1.835   14.140  1.00 25.31 ? 14  DTY B CD1 1 
HETATM 1236 C CD2 . DTY B 2 14  ? -4.378  3.414   14.485  1.00 24.85 ? 14  DTY B CD2 1 
HETATM 1237 C CE1 . DTY B 2 14  ? -1.776  2.600   14.947  1.00 23.23 ? 14  DTY B CE1 1 
HETATM 1238 C CE2 . DTY B 2 14  ? -3.562  4.170   15.284  1.00 22.07 ? 14  DTY B CE2 1 
HETATM 1239 C CZ  . DTY B 2 14  ? -2.272  3.754   15.524  1.00 24.66 ? 14  DTY B CZ  1 
HETATM 1240 O OH  . DTY B 2 14  ? -1.494  4.551   16.303  1.00 26.99 ? 14  DTY B OH  1 
HETATM 1241 N N   . DSG B 2 15  ? -5.969  1.281   9.586   1.00 26.89 ? 15  DSG B N   1 
HETATM 1242 C CA  . DSG B 2 15  ? -6.971  0.526   8.847   1.00 30.29 ? 15  DSG B CA  1 
HETATM 1243 C C   . DSG B 2 15  ? -7.479  1.264   7.610   1.00 31.09 ? 15  DSG B C   1 
HETATM 1244 O O   . DSG B 2 15  ? -8.486  0.867   7.022   1.00 32.67 ? 15  DSG B O   1 
HETATM 1245 C CB  . DSG B 2 15  ? -6.437  -0.861  8.474   1.00 27.44 ? 15  DSG B CB  1 
HETATM 1246 C CG  . DSG B 2 15  ? -6.322  -1.778  9.685   1.00 32.90 ? 15  DSG B CG  1 
HETATM 1247 O OD1 . DSG B 2 15  ? -7.305  -2.358  10.119  1.00 33.52 ? 15  DSG B OD1 1 
HETATM 1248 N ND2 . DSG B 2 15  ? -5.122  -1.896  10.234  1.00 24.88 ? 15  DSG B ND2 1 
HETATM 1249 N N   . DIL B 2 16  ? -6.762  2.306   7.212   1.00 27.86 ? 16  DIL B N   1 
HETATM 1250 C CA  . DIL B 2 16  ? -7.077  3.074   6.031   1.00 30.45 ? 16  DIL B CA  1 
HETATM 1251 C C   . DIL B 2 16  ? -7.007  4.571   6.402   1.00 38.64 ? 16  DIL B C   1 
HETATM 1252 O O   . DIL B 2 16  ? -6.614  4.913   7.517   1.00 32.44 ? 16  DIL B O   1 
HETATM 1253 C CB  . DIL B 2 16  ? -6.113  2.611   4.897   1.00 35.07 ? 16  DIL B CB  1 
HETATM 1254 C CG1 . DIL B 2 16  ? -6.864  2.153   3.645   1.00 48.47 ? 16  DIL B CG1 1 
HETATM 1255 C CG2 . DIL B 2 16  ? -5.001  3.586   4.677   1.00 37.20 ? 16  DIL B CG2 1 
HETATM 1256 C CD1 . DIL B 2 16  ? -7.611  0.905   3.829   1.00 41.93 ? 16  DIL B CD1 1 
HETATM 1257 N N   . NH2 B 2 17  ? -7.417  5.458   5.495   1.00 38.35 ? 17  NH2 B N   1 
HETATM 1258 S S   . SO4 C 3 .   ? 14.279  17.570  -5.889  1.00 29.97 ? 201 SO4 A S   1 
HETATM 1259 O O1  . SO4 C 3 .   ? 15.515  17.529  -6.670  1.00 38.18 ? 201 SO4 A O1  1 
HETATM 1260 O O2  . SO4 C 3 .   ? 13.284  18.419  -6.478  1.00 38.16 ? 201 SO4 A O2  1 
HETATM 1261 O O3  . SO4 C 3 .   ? 14.647  18.132  -4.590  1.00 46.05 ? 201 SO4 A O3  1 
HETATM 1262 O O4  . SO4 C 3 .   ? 13.781  16.219  -5.807  1.00 37.16 ? 201 SO4 A O4  1 
HETATM 1263 C C1  . EDO D 4 .   ? -16.284 -13.583 6.376   1.00 42.59 ? 202 EDO A C1  1 
HETATM 1264 O O1  . EDO D 4 .   ? -16.835 -12.294 6.091   1.00 40.57 ? 202 EDO A O1  1 
HETATM 1265 C C2  . EDO D 4 .   ? -16.040 -14.343 5.082   1.00 46.64 ? 202 EDO A C2  1 
HETATM 1266 O O2  . EDO D 4 .   ? -15.065 -15.371 5.314   1.00 60.43 ? 202 EDO A O2  1 
HETATM 1267 C C1  . EDO E 4 .   ? -0.688  -15.055 5.310   1.00 46.42 ? 203 EDO A C1  1 
HETATM 1268 O O1  . EDO E 4 .   ? -1.782  -14.684 6.151   1.00 37.85 ? 203 EDO A O1  1 
HETATM 1269 C C2  . EDO E 4 .   ? 0.637   -14.522 5.841   1.00 48.33 ? 203 EDO A C2  1 
HETATM 1270 O O2  . EDO E 4 .   ? 1.660   -15.188 5.085   1.00 54.21 ? 203 EDO A O2  1 
HETATM 1271 C C1  . EDO F 4 .   ? 8.745   -0.821  -15.905 1.00 44.33 ? 204 EDO A C1  1 
HETATM 1272 O O1  . EDO F 4 .   ? 7.451   -0.196  -15.981 1.00 50.98 ? 204 EDO A O1  1 
HETATM 1273 C C2  . EDO F 4 .   ? 8.584   -2.325  -15.678 1.00 42.46 ? 204 EDO A C2  1 
HETATM 1274 O O2  . EDO F 4 .   ? 9.850   -2.981  -15.527 1.00 57.76 ? 204 EDO A O2  1 
HETATM 1275 C CA  . WHL G 5 .   ? 3.969   3.424   11.651  1.00 30.39 ? 101 WHL B CA  1 
HETATM 1276 C CB  . WHL G 5 .   ? 5.219   2.865   11.406  1.00 29.12 ? 101 WHL B CB  1 
HETATM 1277 N NB  . WHL G 5 .   ? 7.235   1.735   12.295  1.00 39.32 ? 101 WHL B NB  1 
HETATM 1278 O OB  . WHL G 5 .   ? 1.827   5.405   11.527  1.00 25.24 ? 101 WHL B OB  1 
HETATM 1279 C CG  . WHL G 5 .   ? 1.421   4.928   12.551  1.00 24.92 ? 101 WHL B CG  1 
HETATM 1280 C CD  . WHL G 5 .   ? 5.399   2.314   13.728  1.00 32.74 ? 101 WHL B CD  1 
HETATM 1281 C CE  . WHL G 5 .   ? 4.166   2.860   13.983  1.00 33.60 ? 101 WHL B CE  1 
HETATM 1282 C CH  . WHL G 5 .   ? 0.083   5.348   13.138  1.00 26.10 ? 101 WHL B CH  1 
HETATM 1283 C CC  . WHL G 5 .   ? 5.924   2.322   12.448  1.00 31.89 ? 101 WHL B CC  1 
HETATM 1284 C CF  . WHL G 5 .   ? 3.459   3.416   12.947  1.00 28.12 ? 101 WHL B CF  1 
HETATM 1285 C CJ  . WHL G 5 .   ? 8.158   2.001   11.221  1.00 40.70 ? 101 WHL B CJ  1 
HETATM 1286 C CK  . WHL G 5 .   ? 9.509   1.294   11.314  1.00 45.03 ? 101 WHL B CK  1 
HETATM 1287 N NA  . WHL G 5 .   ? 2.180   3.967   13.279  1.00 23.42 ? 101 WHL B NA  1 
HETATM 1288 O OA  . WHL G 5 .   ? 7.886   2.725   10.303  1.00 49.05 ? 101 WHL B OA  1 
HETATM 1289 O O   . HOH H 6 .   ? -10.205 -15.726 -0.664  1.00 40.10 ? 301 HOH A O   1 
HETATM 1290 O O   . HOH H 6 .   ? -1.028  12.308  -8.303  1.00 45.50 ? 302 HOH A O   1 
HETATM 1291 O O   . HOH H 6 .   ? 16.025  2.661   -2.095  1.00 42.46 ? 303 HOH A O   1 
HETATM 1292 O O   . HOH H 6 .   ? -1.700  8.254   -13.087 1.00 43.71 ? 304 HOH A O   1 
HETATM 1293 O O   . HOH H 6 .   ? -32.154 -10.606 2.552   1.00 53.17 ? 305 HOH A O   1 
HETATM 1294 O O   . HOH H 6 .   ? -2.056  -16.442 7.873   1.00 49.07 ? 306 HOH A O   1 
HETATM 1295 O O   . HOH H 6 .   ? -1.633  -12.363 7.160   1.00 31.28 ? 307 HOH A O   1 
HETATM 1296 O O   . HOH H 6 .   ? 8.603   -5.009  -4.520  1.00 45.35 ? 308 HOH A O   1 
HETATM 1297 O O   . HOH H 6 .   ? -4.559  -8.326  -9.959  1.00 26.19 ? 309 HOH A O   1 
HETATM 1298 O O   . HOH H 6 .   ? -13.554 -12.068 -6.076  1.00 37.56 ? 310 HOH A O   1 
HETATM 1299 O O   . HOH H 6 .   ? 2.304   1.477   -17.989 1.00 45.27 ? 311 HOH A O   1 
HETATM 1300 O O   . HOH H 6 .   ? 8.884   10.227  12.117  1.00 44.62 ? 312 HOH A O   1 
HETATM 1301 O O   . HOH H 6 .   ? 16.961  3.867   -12.383 1.00 40.84 ? 313 HOH A O   1 
HETATM 1302 O O   . HOH H 6 .   ? 26.445  18.781  -2.233  1.00 40.90 ? 314 HOH A O   1 
HETATM 1303 O O   . HOH H 6 .   ? 8.120   -9.212  -3.819  1.00 40.51 ? 315 HOH A O   1 
HETATM 1304 O O   . HOH H 6 .   ? -8.169  -17.374 1.971   1.00 40.98 ? 316 HOH A O   1 
HETATM 1305 O O   . HOH H 6 .   ? 5.118   0.528   4.097   1.00 28.70 ? 317 HOH A O   1 
HETATM 1306 O O   . HOH H 6 .   ? 17.105  18.925  -3.811  1.00 43.14 ? 318 HOH A O   1 
HETATM 1307 O O   . HOH H 6 .   ? 0.781   -20.013 -1.645  1.00 49.03 ? 319 HOH A O   1 
HETATM 1308 O O   . HOH H 6 .   ? -0.129  -1.995  -15.919 1.00 34.98 ? 320 HOH A O   1 
HETATM 1309 O O   . HOH H 6 .   ? 16.052  16.133  -8.927  1.00 32.12 ? 321 HOH A O   1 
HETATM 1310 O O   . HOH H 6 .   ? 14.918  11.937  -13.523 1.00 30.38 ? 322 HOH A O   1 
HETATM 1311 O O   . HOH H 6 .   ? 9.500   -6.693  -13.322 1.00 49.31 ? 323 HOH A O   1 
HETATM 1312 O O   . HOH H 6 .   ? -5.241  -18.246 -4.256  1.00 45.94 ? 324 HOH A O   1 
HETATM 1313 O O   . HOH H 6 .   ? -6.318  5.239   -10.863 1.00 32.63 ? 325 HOH A O   1 
HETATM 1314 O O   . HOH H 6 .   ? -5.134  -8.242  12.373  1.00 45.09 ? 326 HOH A O   1 
HETATM 1315 O O   . HOH H 6 .   ? 20.475  6.816   4.303   1.00 52.81 ? 327 HOH A O   1 
HETATM 1316 O O   . HOH H 6 .   ? 0.029   13.961  -5.545  1.00 40.80 ? 328 HOH A O   1 
HETATM 1317 O O   . HOH H 6 .   ? 10.789  4.000   -8.197  1.00 29.71 ? 329 HOH A O   1 
HETATM 1318 O O   . HOH H 6 .   ? 0.188   17.345  6.441   1.00 40.30 ? 330 HOH A O   1 
HETATM 1319 O O   . HOH H 6 .   ? 1.445   14.687  -1.922  1.00 33.58 ? 331 HOH A O   1 
HETATM 1320 O O   . HOH H 6 .   ? 21.791  9.895   5.374   1.00 52.41 ? 332 HOH A O   1 
HETATM 1321 O O   . HOH H 6 .   ? 1.717   -12.349 -10.027 1.00 30.75 ? 333 HOH A O   1 
HETATM 1322 O O   . HOH H 6 .   ? -8.183  5.086   2.536   1.00 42.46 ? 334 HOH A O   1 
HETATM 1323 O O   . HOH H 6 .   ? 0.799   10.571  -8.132  1.00 34.25 ? 335 HOH A O   1 
HETATM 1324 O O   . HOH H 6 .   ? 7.087   5.480   -13.340 1.00 42.43 ? 336 HOH A O   1 
HETATM 1325 O O   . HOH H 6 .   ? 12.417  9.235   -12.721 1.00 34.09 ? 337 HOH A O   1 
HETATM 1326 O O   . HOH H 6 .   ? -3.199  9.133   11.182  1.00 39.67 ? 338 HOH A O   1 
HETATM 1327 O O   . HOH H 6 .   ? 6.488   -9.497  -1.820  1.00 29.47 ? 339 HOH A O   1 
HETATM 1328 O O   . HOH H 6 .   ? 0.237   -2.861  -13.372 1.00 28.62 ? 340 HOH A O   1 
HETATM 1329 O O   . HOH H 6 .   ? -20.728 -2.714  2.762   1.00 50.09 ? 341 HOH A O   1 
HETATM 1330 O O   . HOH H 6 .   ? -14.396 0.095   3.331   1.00 48.49 ? 342 HOH A O   1 
HETATM 1331 O O   . HOH H 6 .   ? -29.880 -7.703  -3.704  1.00 43.68 ? 343 HOH A O   1 
HETATM 1332 O O   . HOH H 6 .   ? -19.171 -12.801 4.689   1.00 53.49 ? 344 HOH A O   1 
HETATM 1333 O O   . HOH H 6 .   ? -10.078 -5.466  4.400   1.00 34.27 ? 345 HOH A O   1 
HETATM 1334 O O   . HOH H 6 .   ? -6.082  -6.718  8.486   1.00 29.01 ? 346 HOH A O   1 
HETATM 1335 O O   . HOH H 6 .   ? -6.534  8.727   10.123  1.00 42.69 ? 347 HOH A O   1 
HETATM 1336 O O   . HOH H 6 .   ? -2.397  13.817  9.520   1.00 44.98 ? 348 HOH A O   1 
HETATM 1337 O O   . HOH H 6 .   ? -1.270  14.740  6.924   1.00 38.51 ? 349 HOH A O   1 
HETATM 1338 O O   . HOH H 6 .   ? 17.456  3.989   -5.422  1.00 44.41 ? 350 HOH A O   1 
HETATM 1339 O O   . HOH H 6 .   ? -2.430  -17.199 -6.182  1.00 34.15 ? 351 HOH A O   1 
HETATM 1340 O O   . HOH H 6 .   ? 19.669  5.703   -3.515  1.00 43.57 ? 352 HOH A O   1 
HETATM 1341 O O   . HOH H 6 .   ? -15.689 -0.119  1.237   1.00 48.54 ? 353 HOH A O   1 
HETATM 1342 O O   . HOH H 6 .   ? 2.591   5.872   -14.886 1.00 45.57 ? 354 HOH A O   1 
HETATM 1343 O O   . HOH H 6 .   ? -0.748  8.268   -8.701  1.00 31.00 ? 355 HOH A O   1 
HETATM 1344 O O   . HOH H 6 .   ? -15.122 -17.368 0.986   1.00 56.97 ? 356 HOH A O   1 
HETATM 1345 O O   . HOH H 6 .   ? 6.022   -15.356 -5.109  1.00 39.95 ? 357 HOH A O   1 
HETATM 1346 O O   . HOH H 6 .   ? 15.526  -1.319  -9.486  1.00 50.54 ? 358 HOH A O   1 
HETATM 1347 O O   . HOH H 6 .   ? 8.328   12.344  -9.536  1.00 26.78 ? 359 HOH A O   1 
HETATM 1348 O O   . HOH H 6 .   ? -3.422  -16.452 10.472  1.00 38.93 ? 360 HOH A O   1 
HETATM 1349 O O   . HOH H 6 .   ? 7.574   15.643  -5.330  1.00 28.59 ? 361 HOH A O   1 
HETATM 1350 O O   . HOH H 6 .   ? 2.866   -17.144 -7.993  1.00 33.12 ? 362 HOH A O   1 
HETATM 1351 O O   . HOH H 6 .   ? -19.203 -11.743 0.066   1.00 45.59 ? 363 HOH A O   1 
HETATM 1352 O O   . HOH H 6 .   ? -3.452  -18.935 7.130   1.00 52.01 ? 364 HOH A O   1 
HETATM 1353 O O   . HOH H 6 .   ? -6.974  10.228  -6.306  1.00 35.63 ? 365 HOH A O   1 
HETATM 1354 O O   . HOH H 6 .   ? -2.380  -11.985 14.134  1.00 36.35 ? 366 HOH A O   1 
HETATM 1355 O O   . HOH H 6 .   ? -5.380  12.284  6.204   1.00 45.78 ? 367 HOH A O   1 
HETATM 1356 O O   . HOH H 6 .   ? 5.022   -7.506  -13.553 1.00 34.39 ? 368 HOH A O   1 
HETATM 1357 O O   . HOH H 6 .   ? 19.886  8.100   -5.988  1.00 43.79 ? 369 HOH A O   1 
HETATM 1358 O O   . HOH H 6 .   ? -6.078  0.570   -12.939 1.00 34.88 ? 370 HOH A O   1 
HETATM 1359 O O   . HOH H 6 .   ? -11.804 -2.781  -10.870 1.00 49.03 ? 371 HOH A O   1 
HETATM 1360 O O   . HOH H 6 .   ? -7.328  8.304   6.523   1.00 38.40 ? 372 HOH A O   1 
HETATM 1361 O O   . HOH H 6 .   ? 6.109   -2.967  -3.545  1.00 27.93 ? 373 HOH A O   1 
HETATM 1362 O O   . HOH H 6 .   ? -1.834  -4.573  -12.525 1.00 31.93 ? 374 HOH A O   1 
HETATM 1363 O O   . HOH H 6 .   ? 7.786   16.891  1.094   1.00 34.30 ? 375 HOH A O   1 
HETATM 1364 O O   . HOH H 6 .   ? -17.078 -11.785 8.965   1.00 52.94 ? 376 HOH A O   1 
HETATM 1365 O O   . HOH H 6 .   ? 1.092   -6.688  8.161   1.00 39.71 ? 377 HOH A O   1 
HETATM 1366 O O   . HOH H 6 .   ? 2.025   -7.682  -11.911 1.00 33.94 ? 378 HOH A O   1 
HETATM 1367 O O   . HOH H 6 .   ? 17.433  0.346   -9.605  1.00 46.53 ? 379 HOH A O   1 
HETATM 1368 O O   . HOH H 6 .   ? 11.837  -2.831  -7.167  1.00 35.24 ? 380 HOH A O   1 
HETATM 1369 O O   . HOH H 6 .   ? 4.644   12.605  -5.322  1.00 27.44 ? 381 HOH A O   1 
HETATM 1370 O O   . HOH H 6 .   ? -9.847  -1.484  -10.103 1.00 34.22 ? 382 HOH A O   1 
HETATM 1371 O O   . HOH H 6 .   ? -14.158 -17.019 7.645   1.00 52.35 ? 383 HOH A O   1 
HETATM 1372 O O   . HOH H 6 .   ? -17.662 -1.133  2.085   1.00 52.23 ? 384 HOH A O   1 
HETATM 1373 O O   . HOH H 6 .   ? -11.529 0.244   -8.470  1.00 42.63 ? 385 HOH A O   1 
HETATM 1374 O O   . HOH H 6 .   ? -12.231 -15.091 4.263   1.00 40.90 ? 386 HOH A O   1 
HETATM 1375 O O   . HOH H 6 .   ? -9.983  -15.301 5.516   1.00 35.49 ? 387 HOH A O   1 
HETATM 1376 O O   . HOH H 6 .   ? -1.937  -8.400  -10.545 1.00 28.40 ? 388 HOH A O   1 
HETATM 1377 O O   . HOH H 6 .   ? -16.423 4.426   -6.149  1.00 53.06 ? 389 HOH A O   1 
HETATM 1378 O O   . HOH H 6 .   ? -0.340  3.599   -13.398 1.00 41.11 ? 390 HOH A O   1 
HETATM 1379 O O   . HOH H 6 .   ? -11.423 -3.263  5.052   1.00 47.55 ? 391 HOH A O   1 
HETATM 1380 O O   . HOH H 6 .   ? -6.831  -6.982  11.112  1.00 42.66 ? 392 HOH A O   1 
HETATM 1381 O O   . HOH H 6 .   ? 8.510   1.988   -13.871 1.00 50.01 ? 393 HOH A O   1 
HETATM 1382 O O   . HOH H 6 .   ? 9.457   16.984  -0.652  1.00 50.15 ? 394 HOH A O   1 
HETATM 1383 O O   . HOH H 6 .   ? 0.273   1.731   -14.748 1.00 43.33 ? 395 HOH A O   1 
HETATM 1384 O O   . HOH H 6 .   ? -8.766  -0.410  -12.094 1.00 41.62 ? 396 HOH A O   1 
HETATM 1385 O O   . HOH H 6 .   ? -16.576 2.831   0.862   1.00 54.83 ? 397 HOH A O   1 
HETATM 1386 O O   . HOH H 6 .   ? -2.236  9.121   -10.766 1.00 40.77 ? 398 HOH A O   1 
HETATM 1387 O O   . HOH H 6 .   ? 14.150  9.548   -14.531 1.00 41.71 ? 399 HOH A O   1 
HETATM 1388 O O   . HOH H 6 .   ? -13.683 -12.435 -8.586  1.00 44.50 ? 400 HOH A O   1 
HETATM 1389 O O   . HOH H 6 .   ? -4.811  3.089   -12.306 1.00 36.30 ? 401 HOH A O   1 
HETATM 1390 O O   . HOH H 6 .   ? -14.333 -16.222 -2.114  1.00 53.70 ? 402 HOH A O   1 
HETATM 1391 O O   . HOH H 6 .   ? 18.212  14.465  -8.521  1.00 38.40 ? 403 HOH A O   1 
HETATM 1392 O O   . HOH H 6 .   ? -11.703 -14.291 -4.969  1.00 40.87 ? 404 HOH A O   1 
HETATM 1393 O O   . HOH H 6 .   ? 17.193  11.326  -13.896 1.00 43.87 ? 405 HOH A O   1 
HETATM 1394 O O   . HOH H 6 .   ? -1.919  -16.333 12.398  1.00 53.07 ? 406 HOH A O   1 
HETATM 1395 O O   . HOH H 6 .   ? -8.645  -5.318  7.051   1.00 40.70 ? 407 HOH A O   1 
HETATM 1396 O O   . HOH H 6 .   ? -12.126 -15.627 -2.682  1.00 45.29 ? 408 HOH A O   1 
HETATM 1397 O O   . HOH H 6 .   ? -17.663 -14.348 -0.540  1.00 60.51 ? 409 HOH A O   1 
HETATM 1398 O O   . HOH H 6 .   ? -2.945  -0.596  -15.546 1.00 46.15 ? 410 HOH A O   1 
HETATM 1399 O O   . HOH H 6 .   ? -15.837 1.984   4.466   1.00 56.34 ? 411 HOH A O   1 
HETATM 1400 O O   . HOH H 6 .   ? -8.203  6.083   11.636  1.00 57.44 ? 412 HOH A O   1 
HETATM 1401 O O   . HOH H 6 .   ? -5.496  11.162  8.764   1.00 51.81 ? 413 HOH A O   1 
HETATM 1402 O O   . HOH H 6 .   ? -3.649  7.009   -13.968 1.00 44.87 ? 414 HOH A O   1 
HETATM 1403 O O   . HOH H 6 .   ? -6.867  11.230  -9.783  1.00 50.62 ? 415 HOH A O   1 
HETATM 1404 O O   . HOH H 6 .   ? 19.105  12.060  -9.910  1.00 39.64 ? 416 HOH A O   1 
HETATM 1405 O O   . HOH H 6 .   ? -3.426  14.192  5.260   1.00 45.37 ? 417 HOH A O   1 
HETATM 1406 O O   . HOH H 6 .   ? 11.410  -2.495  -19.897 1.00 53.22 ? 418 HOH A O   1 
HETATM 1407 O O   . HOH H 6 .   ? -2.107  18.486  5.105   1.00 53.59 ? 419 HOH A O   1 
HETATM 1408 O O   . HOH H 6 .   ? -3.206  3.976   -13.852 1.00 40.20 ? 420 HOH A O   1 
HETATM 1409 O O   . HOH H 6 .   ? 15.727  4.703   -14.946 1.00 53.77 ? 421 HOH A O   1 
HETATM 1410 O O   . HOH I 6 .   ? 11.596  -1.121  1.931   1.00 49.63 ? 201 HOH B O   1 
HETATM 1411 O O   . HOH I 6 .   ? 7.474   -2.284  2.403   1.00 32.60 ? 202 HOH B O   1 
HETATM 1412 O O   . HOH I 6 .   ? 9.075   -8.561  0.590   1.00 45.25 ? 203 HOH B O   1 
HETATM 1413 O O   . HOH I 6 .   ? 8.402   0.316   13.993  0.50 49.95 ? 204 HOH B O   1 
HETATM 1414 O O   . HOH I 6 .   ? 1.014   7.475   10.145  1.00 30.69 ? 205 HOH B O   1 
HETATM 1415 O O   . HOH I 6 .   ? -9.881  -1.356  6.741   1.00 52.59 ? 206 HOH B O   1 
HETATM 1416 O O   . HOH I 6 .   ? 1.825   -4.029  11.465  1.00 25.76 ? 207 HOH B O   1 
HETATM 1417 O O   . HOH I 6 .   ? -9.567  -3.081  8.658   1.00 47.37 ? 208 HOH B O   1 
HETATM 1418 O O   . HOH I 6 .   ? 5.598   -7.330  -0.491  1.00 30.39 ? 209 HOH B O   1 
HETATM 1419 O O   . HOH I 6 .   ? -7.876  4.200   10.028  1.00 43.08 ? 210 HOH B O   1 
HETATM 1420 O O   . HOH I 6 .   ? 12.779  0.080   5.147   1.00 55.96 ? 211 HOH B O   1 
HETATM 1421 O O   . HOH I 6 .   ? -4.538  7.032   12.802  1.00 36.73 ? 212 HOH B O   1 
HETATM 1422 O O   . HOH I 6 .   ? 11.042  -3.069  0.557   1.00 55.44 ? 213 HOH B O   1 
# 
